data_3HP0
#
_entry.id   3HP0
#
_cell.length_a   80.908
_cell.length_b   80.908
_cell.length_c   218.592
_cell.angle_alpha   90.00
_cell.angle_beta   90.00
_cell.angle_gamma   120.00
#
_symmetry.space_group_name_H-M   'P 32'
#
loop_
_entity.id
_entity.type
_entity.pdbx_description
1 polymer 'Putative polyketide biosynthesis enoyl-CoA hydratase homolog pksH'
2 water water
#
_entity_poly.entity_id   1
_entity_poly.type   'polypeptide(L)'
_entity_poly.pdbx_seq_one_letter_code
;(MSE)SLVTYQTIKVRFQASVCYITFHRPEANNTINDTLIEECLQVLNQCETSTVTVVVLEGLPEVFCFGADFQEIYQE
(MSE)KRGRKQASSQEPLYDLW(MSE)KLQTGPYVTISHVRGKVNAGGLGFVSATDIAIADQTASFSLSELLFGLYPACV
LPFLIRRIGRQKAHY(MSE)TL(MSE)TKPISVQEASEWGLIDAFDAESDVLLRKHLLRLRRLNKKGIAHYKQF(MSE)S
SLDHQVSRAKATALTANQD(MSE)FSDPQNQ(MSE)GIIRYVETGQFPWEDQEGHHHHHH
;
_entity_poly.pdbx_strand_id   A,B,C,D,E,F
#
# COMPACT_ATOMS: atom_id res chain seq x y z
N THR A 5 -28.98 6.85 -45.58
CA THR A 5 -28.09 7.86 -46.24
C THR A 5 -26.95 8.28 -45.32
N TYR A 6 -27.13 8.06 -44.02
CA TYR A 6 -26.09 8.34 -43.01
C TYR A 6 -25.83 9.79 -42.60
N GLN A 7 -25.74 10.02 -41.28
CA GLN A 7 -25.45 11.34 -40.73
C GLN A 7 -23.96 11.59 -40.54
N THR A 8 -23.16 10.54 -40.40
CA THR A 8 -21.74 10.72 -40.14
C THR A 8 -20.75 10.19 -41.17
N ILE A 9 -21.21 9.35 -42.08
CA ILE A 9 -20.31 8.78 -43.08
C ILE A 9 -20.83 8.80 -44.51
N LYS A 10 -19.89 8.77 -45.46
CA LYS A 10 -20.23 8.74 -46.87
C LYS A 10 -19.80 7.37 -47.38
N VAL A 11 -20.75 6.54 -47.76
CA VAL A 11 -20.40 5.22 -48.26
C VAL A 11 -20.33 5.26 -49.79
N ARG A 12 -19.41 4.48 -50.34
CA ARG A 12 -19.23 4.44 -51.78
C ARG A 12 -18.62 3.11 -52.19
N PHE A 13 -19.38 2.30 -52.91
CA PHE A 13 -18.90 1.01 -53.37
C PHE A 13 -18.24 1.16 -54.72
N GLN A 14 -17.27 0.30 -54.99
CA GLN A 14 -16.56 0.31 -56.27
C GLN A 14 -16.01 -1.08 -56.51
N ALA A 15 -16.72 -1.81 -57.36
CA ALA A 15 -16.36 -3.18 -57.68
C ALA A 15 -16.52 -3.96 -56.39
N SER A 16 -15.46 -4.61 -55.95
CA SER A 16 -15.54 -5.40 -54.76
C SER A 16 -15.00 -4.67 -53.51
N VAL A 17 -14.91 -3.34 -53.58
CA VAL A 17 -14.42 -2.53 -52.48
C VAL A 17 -15.46 -1.55 -51.92
N CYS A 18 -15.44 -1.33 -50.61
CA CYS A 18 -16.37 -0.41 -50.00
C CYS A 18 -15.62 0.69 -49.26
N TYR A 19 -15.92 1.95 -49.59
CA TYR A 19 -15.27 3.09 -48.97
C TYR A 19 -16.19 3.75 -47.96
N ILE A 20 -15.72 3.79 -46.72
CA ILE A 20 -16.45 4.42 -45.64
C ILE A 20 -15.64 5.66 -45.33
N THR A 21 -16.25 6.83 -45.52
CA THR A 21 -15.58 8.09 -45.27
C THR A 21 -16.29 8.82 -44.15
N PHE A 22 -15.55 9.10 -43.09
CA PHE A 22 -16.12 9.78 -41.94
C PHE A 22 -16.30 11.26 -42.26
N HIS A 23 -17.56 11.68 -42.29
CA HIS A 23 -17.94 13.04 -42.59
C HIS A 23 -18.47 13.72 -41.31
N ARG A 24 -17.55 14.14 -40.45
CA ARG A 24 -17.93 14.76 -39.19
C ARG A 24 -16.98 15.93 -38.94
N PRO A 25 -17.11 16.97 -39.75
CA PRO A 25 -16.22 18.12 -39.71
C PRO A 25 -16.30 19.14 -38.56
N GLU A 26 -17.47 19.33 -37.94
CA GLU A 26 -17.61 20.29 -36.85
C GLU A 26 -17.17 19.77 -35.46
N ALA A 27 -16.96 18.46 -35.32
CA ALA A 27 -16.48 17.88 -34.07
C ALA A 27 -15.22 17.09 -34.42
N ASN A 28 -14.35 17.72 -35.21
CA ASN A 28 -13.09 17.13 -35.69
C ASN A 28 -13.10 15.61 -35.68
N ASN A 29 -13.66 15.05 -36.74
CA ASN A 29 -13.72 13.60 -36.92
C ASN A 29 -13.91 12.84 -35.60
N THR A 30 -14.62 13.45 -34.64
CA THR A 30 -14.86 12.81 -33.34
C THR A 30 -15.89 11.69 -33.48
N ILE A 31 -15.94 10.81 -32.48
CA ILE A 31 -16.86 9.69 -32.46
C ILE A 31 -18.10 9.94 -31.58
N ASN A 32 -19.27 9.78 -32.19
CA ASN A 32 -20.55 9.94 -31.49
C ASN A 32 -21.09 8.52 -31.28
N ASP A 33 -22.41 8.37 -31.21
CA ASP A 33 -22.99 7.04 -31.03
C ASP A 33 -23.76 6.64 -32.28
N THR A 34 -24.02 7.60 -33.15
CA THR A 34 -24.72 7.33 -34.40
C THR A 34 -23.72 6.73 -35.39
N LEU A 35 -22.51 7.29 -35.37
CA LEU A 35 -21.42 6.85 -36.23
C LEU A 35 -21.15 5.36 -36.08
N ILE A 36 -21.20 4.85 -34.85
CA ILE A 36 -20.95 3.44 -34.58
C ILE A 36 -22.02 2.56 -35.23
N GLU A 37 -23.27 2.98 -35.10
CA GLU A 37 -24.40 2.25 -35.65
C GLU A 37 -24.35 2.21 -37.18
N GLU A 38 -24.06 3.36 -37.80
CA GLU A 38 -23.98 3.43 -39.25
C GLU A 38 -22.90 2.52 -39.82
N CYS A 39 -21.79 2.40 -39.10
CA CYS A 39 -20.67 1.54 -39.52
C CYS A 39 -21.05 0.07 -39.42
N LEU A 40 -21.63 -0.32 -38.29
CA LEU A 40 -22.04 -1.70 -38.10
C LEU A 40 -23.01 -2.08 -39.20
N GLN A 41 -23.81 -1.10 -39.59
CA GLN A 41 -24.82 -1.27 -40.62
C GLN A 41 -24.18 -1.43 -42.01
N VAL A 42 -23.11 -0.67 -42.25
CA VAL A 42 -22.40 -0.76 -43.53
C VAL A 42 -21.64 -2.09 -43.59
N LEU A 43 -21.08 -2.51 -42.46
CA LEU A 43 -20.32 -3.75 -42.41
C LEU A 43 -21.21 -4.97 -42.62
N ASN A 44 -22.47 -4.89 -42.17
CA ASN A 44 -23.40 -5.99 -42.37
C ASN A 44 -23.70 -6.15 -43.86
N GLN A 45 -23.75 -5.04 -44.58
CA GLN A 45 -23.99 -5.11 -46.02
C GLN A 45 -22.79 -5.80 -46.67
N CYS A 46 -21.59 -5.51 -46.16
CA CYS A 46 -20.38 -6.11 -46.69
C CYS A 46 -20.21 -7.57 -46.26
N GLU A 47 -20.99 -7.98 -45.26
CA GLU A 47 -20.94 -9.34 -44.73
C GLU A 47 -21.25 -10.45 -45.73
N THR A 48 -22.31 -10.30 -46.50
CA THR A 48 -22.68 -11.31 -47.47
C THR A 48 -22.58 -10.84 -48.91
N SER A 49 -22.50 -9.54 -49.13
CA SER A 49 -22.40 -9.02 -50.47
C SER A 49 -21.13 -9.52 -51.18
N THR A 50 -20.90 -9.02 -52.39
CA THR A 50 -19.75 -9.43 -53.17
C THR A 50 -18.45 -8.67 -52.80
N VAL A 51 -18.51 -7.83 -51.79
CA VAL A 51 -17.33 -7.06 -51.41
C VAL A 51 -16.27 -7.86 -50.64
N THR A 52 -15.00 -7.58 -50.94
CA THR A 52 -13.89 -8.26 -50.28
C THR A 52 -12.98 -7.30 -49.53
N VAL A 53 -13.15 -6.00 -49.75
CA VAL A 53 -12.31 -5.03 -49.07
C VAL A 53 -13.11 -3.84 -48.59
N VAL A 54 -12.79 -3.37 -47.38
CA VAL A 54 -13.45 -2.19 -46.82
C VAL A 54 -12.36 -1.18 -46.48
N VAL A 55 -12.48 0.03 -47.02
CA VAL A 55 -11.52 1.09 -46.76
C VAL A 55 -12.12 2.18 -45.89
N LEU A 56 -11.37 2.64 -44.91
CA LEU A 56 -11.81 3.69 -44.01
C LEU A 56 -11.01 4.94 -44.31
N GLU A 57 -11.66 6.10 -44.36
CA GLU A 57 -10.93 7.33 -44.66
C GLU A 57 -11.72 8.61 -44.42
N GLY A 58 -11.30 9.66 -45.12
CA GLY A 58 -11.92 10.97 -45.03
C GLY A 58 -11.20 11.89 -44.06
N LEU A 59 -9.88 11.84 -44.08
CA LEU A 59 -9.07 12.64 -43.16
C LEU A 59 -8.02 13.53 -43.80
N PRO A 60 -8.46 14.62 -44.41
CA PRO A 60 -7.52 15.54 -45.04
C PRO A 60 -6.45 15.93 -44.01
N GLU A 61 -6.88 16.08 -42.75
CA GLU A 61 -5.98 16.46 -41.68
C GLU A 61 -6.30 15.81 -40.32
N VAL A 62 -7.18 14.82 -40.31
CA VAL A 62 -7.56 14.11 -39.07
C VAL A 62 -8.44 12.89 -39.34
N PHE A 63 -7.88 11.68 -39.26
CA PHE A 63 -8.67 10.46 -39.50
C PHE A 63 -9.71 10.34 -38.40
N CYS A 64 -9.28 10.64 -37.18
CA CYS A 64 -10.15 10.58 -36.01
C CYS A 64 -9.28 10.81 -34.79
N PHE A 65 -9.74 11.69 -33.90
CA PHE A 65 -9.03 12.01 -32.69
C PHE A 65 -9.41 11.03 -31.59
N GLY A 66 -10.70 10.96 -31.29
CA GLY A 66 -11.18 10.05 -30.26
C GLY A 66 -12.54 10.38 -29.67
N ALA A 67 -12.72 10.06 -28.38
CA ALA A 67 -13.96 10.33 -27.69
C ALA A 67 -14.15 11.84 -27.55
N ASP A 68 -15.21 12.38 -28.15
CA ASP A 68 -15.49 13.81 -28.08
C ASP A 68 -15.53 14.20 -26.59
N PHE A 69 -14.95 15.36 -26.27
CA PHE A 69 -14.90 15.81 -24.88
C PHE A 69 -16.08 16.71 -24.49
N GLN A 70 -16.37 17.73 -25.31
CA GLN A 70 -17.48 18.62 -25.02
C GLN A 70 -18.75 17.78 -24.86
N GLU A 71 -18.72 16.58 -25.45
CA GLU A 71 -19.85 15.67 -25.38
C GLU A 71 -19.86 14.95 -24.05
N ILE A 72 -18.67 14.54 -23.61
CA ILE A 72 -18.54 13.86 -22.32
C ILE A 72 -18.87 14.85 -21.21
N TYR A 73 -18.73 16.15 -21.51
CA TYR A 73 -19.05 17.20 -20.53
C TYR A 73 -20.50 17.62 -20.68
N GLN A 74 -20.89 18.04 -21.88
CA GLN A 74 -22.27 18.47 -22.15
C GLN A 74 -23.28 17.49 -21.58
N GLU A 75 -22.92 16.21 -21.57
CA GLU A 75 -23.79 15.17 -21.04
C GLU A 75 -23.83 15.36 -19.53
N LYS A 77 -23.51 18.19 -18.02
CA LYS A 77 -24.32 19.38 -17.78
C LYS A 77 -25.72 19.24 -18.39
N ARG A 78 -26.23 18.01 -18.36
CA ARG A 78 -27.57 17.68 -18.86
C ARG A 78 -28.22 16.84 -17.77
N GLY A 79 -27.59 15.71 -17.45
CA GLY A 79 -28.11 14.82 -16.42
C GLY A 79 -27.27 13.57 -16.24
N ARG A 80 -26.14 13.49 -16.96
CA ARG A 80 -25.26 12.34 -16.90
C ARG A 80 -24.90 11.90 -15.48
N LYS A 81 -25.31 10.68 -15.16
CA LYS A 81 -25.03 10.06 -13.86
C LYS A 81 -24.61 8.62 -14.20
N GLN A 82 -23.29 8.44 -14.35
CA GLN A 82 -22.65 7.16 -14.69
C GLN A 82 -22.45 7.09 -16.23
N ALA A 83 -21.23 6.71 -16.64
CA ALA A 83 -20.85 6.64 -18.05
C ALA A 83 -21.64 5.71 -18.99
N SER A 84 -21.50 5.97 -20.29
CA SER A 84 -22.17 5.20 -21.34
C SER A 84 -21.25 4.10 -21.89
N SER A 85 -21.78 2.90 -22.08
CA SER A 85 -20.99 1.77 -22.58
C SER A 85 -20.35 1.99 -23.94
N GLN A 86 -19.19 1.39 -24.12
CA GLN A 86 -18.45 1.49 -25.37
C GLN A 86 -18.47 0.13 -26.05
N GLU A 87 -19.33 -0.76 -25.59
CA GLU A 87 -19.42 -2.09 -26.18
C GLU A 87 -19.64 -2.01 -27.68
N PRO A 88 -20.54 -1.14 -28.13
CA PRO A 88 -20.77 -1.05 -29.58
C PRO A 88 -19.48 -0.69 -30.33
N LEU A 89 -18.75 0.30 -29.81
CA LEU A 89 -17.50 0.72 -30.43
C LEU A 89 -16.48 -0.42 -30.43
N TYR A 90 -16.36 -1.09 -29.28
CA TYR A 90 -15.41 -2.20 -29.16
C TYR A 90 -15.73 -3.32 -30.14
N ASP A 91 -17.01 -3.68 -30.23
CA ASP A 91 -17.44 -4.75 -31.13
C ASP A 91 -17.24 -4.38 -32.59
N LEU A 92 -17.36 -3.08 -32.88
CA LEU A 92 -17.14 -2.58 -34.24
C LEU A 92 -15.67 -2.81 -34.58
N TRP A 93 -14.78 -2.39 -33.70
CA TRP A 93 -13.36 -2.57 -33.95
C TRP A 93 -13.05 -4.06 -34.07
N LYS A 95 -15.13 -6.31 -35.23
CA LYS A 95 -15.71 -6.72 -36.50
C LYS A 95 -14.67 -6.48 -37.61
N LEU A 96 -14.04 -5.31 -37.56
CA LEU A 96 -13.02 -4.95 -38.55
C LEU A 96 -11.95 -6.03 -38.62
N GLN A 97 -11.63 -6.61 -37.47
CA GLN A 97 -10.60 -7.67 -37.42
C GLN A 97 -11.15 -9.05 -37.77
N THR A 98 -12.46 -9.21 -37.65
CA THR A 98 -13.06 -10.52 -37.85
C THR A 98 -13.92 -10.75 -39.10
N GLY A 99 -14.50 -9.71 -39.64
CA GLY A 99 -15.37 -9.86 -40.79
C GLY A 99 -14.79 -10.51 -42.04
N PRO A 100 -15.68 -11.03 -42.92
CA PRO A 100 -15.26 -11.68 -44.16
C PRO A 100 -14.86 -10.65 -45.21
N TYR A 101 -13.78 -9.94 -44.91
CA TYR A 101 -13.21 -8.93 -45.81
C TYR A 101 -11.96 -8.34 -45.17
N VAL A 102 -11.08 -7.84 -46.01
CA VAL A 102 -9.85 -7.23 -45.54
C VAL A 102 -10.15 -5.77 -45.28
N THR A 103 -9.93 -5.33 -44.04
CA THR A 103 -10.20 -3.94 -43.70
C THR A 103 -8.91 -3.14 -43.76
N ILE A 104 -9.02 -1.90 -44.23
CA ILE A 104 -7.86 -1.03 -44.39
C ILE A 104 -8.10 0.38 -43.89
N SER A 105 -7.12 0.89 -43.15
CA SER A 105 -7.17 2.26 -42.65
C SER A 105 -6.29 3.08 -43.59
N HIS A 106 -6.79 4.25 -43.95
CA HIS A 106 -6.03 5.14 -44.82
C HIS A 106 -5.93 6.41 -43.99
N VAL A 107 -4.75 6.62 -43.41
CA VAL A 107 -4.52 7.74 -42.53
C VAL A 107 -3.69 8.91 -43.04
N ARG A 108 -4.17 10.11 -42.73
CA ARG A 108 -3.51 11.36 -43.09
C ARG A 108 -3.77 12.29 -41.89
N GLY A 109 -2.74 12.97 -41.40
CA GLY A 109 -2.96 13.88 -40.29
C GLY A 109 -2.86 13.34 -38.88
N LYS A 110 -3.28 14.15 -37.91
CA LYS A 110 -3.24 13.81 -36.50
C LYS A 110 -4.30 12.76 -36.16
N VAL A 111 -3.88 11.77 -35.38
CA VAL A 111 -4.78 10.71 -34.94
C VAL A 111 -4.52 10.55 -33.45
N ASN A 112 -5.59 10.55 -32.65
CA ASN A 112 -5.44 10.39 -31.21
C ASN A 112 -6.18 9.11 -30.83
N ALA A 113 -6.23 8.81 -29.54
CA ALA A 113 -6.92 7.61 -29.08
C ALA A 113 -8.35 7.71 -29.59
N GLY A 114 -8.76 6.74 -30.39
CA GLY A 114 -10.11 6.80 -30.94
C GLY A 114 -9.94 6.47 -32.40
N GLY A 115 -9.20 7.34 -33.09
CA GLY A 115 -8.91 7.08 -34.49
C GLY A 115 -7.90 5.96 -34.40
N LEU A 116 -7.19 5.92 -33.28
CA LEU A 116 -6.18 4.91 -33.02
C LEU A 116 -6.83 3.53 -32.94
N GLY A 117 -8.01 3.49 -32.33
CA GLY A 117 -8.73 2.22 -32.25
C GLY A 117 -8.93 1.71 -33.67
N PHE A 118 -9.55 2.54 -34.50
CA PHE A 118 -9.81 2.21 -35.90
C PHE A 118 -8.58 1.73 -36.66
N VAL A 119 -7.51 2.52 -36.64
CA VAL A 119 -6.29 2.17 -37.36
C VAL A 119 -5.65 0.87 -36.88
N SER A 120 -5.68 0.65 -35.58
CA SER A 120 -5.10 -0.55 -34.99
C SER A 120 -5.90 -1.79 -35.33
N ALA A 121 -7.23 -1.64 -35.33
CA ALA A 121 -8.14 -2.74 -35.61
C ALA A 121 -8.18 -3.23 -37.06
N THR A 122 -8.01 -2.30 -38.01
CA THR A 122 -8.06 -2.69 -39.41
C THR A 122 -6.98 -3.71 -39.69
N ASP A 123 -7.24 -4.59 -40.65
CA ASP A 123 -6.29 -5.63 -41.04
C ASP A 123 -5.01 -5.01 -41.59
N ILE A 124 -5.17 -3.86 -42.25
CA ILE A 124 -4.07 -3.14 -42.88
C ILE A 124 -4.24 -1.63 -42.72
N ALA A 125 -3.17 -0.98 -42.26
CA ALA A 125 -3.20 0.46 -42.06
C ALA A 125 -2.10 1.14 -42.86
N ILE A 126 -2.50 2.06 -43.74
CA ILE A 126 -1.53 2.78 -44.57
C ILE A 126 -1.61 4.29 -44.29
N ALA A 127 -0.52 5.00 -44.55
CA ALA A 127 -0.54 6.44 -44.32
C ALA A 127 0.43 7.19 -45.20
N ASP A 128 0.47 8.51 -45.03
CA ASP A 128 1.40 9.37 -45.76
C ASP A 128 2.31 10.04 -44.73
N GLN A 129 3.23 10.87 -45.20
CA GLN A 129 4.20 11.58 -44.36
C GLN A 129 3.56 12.39 -43.23
N THR A 130 2.33 12.81 -43.46
CA THR A 130 1.60 13.64 -42.51
C THR A 130 1.10 12.98 -41.21
N ALA A 131 0.78 11.69 -41.26
CA ALA A 131 0.25 10.97 -40.10
C ALA A 131 1.10 11.01 -38.82
N SER A 132 0.45 11.30 -37.71
CA SER A 132 1.10 11.30 -36.41
C SER A 132 0.08 10.67 -35.47
N PHE A 133 0.56 9.96 -34.45
CA PHE A 133 -0.33 9.27 -33.52
C PHE A 133 -0.05 9.64 -32.07
N SER A 134 -1.09 9.82 -31.26
CA SER A 134 -0.86 10.17 -29.87
C SER A 134 -1.93 9.74 -28.86
N LEU A 135 -1.48 9.55 -27.62
CA LEU A 135 -2.34 9.15 -26.50
C LEU A 135 -2.02 10.09 -25.35
N SER A 136 -2.87 11.09 -25.14
CA SER A 136 -2.68 12.09 -24.09
C SER A 136 -3.58 11.87 -22.88
N GLU A 137 -4.51 10.91 -22.99
CA GLU A 137 -5.44 10.63 -21.91
C GLU A 137 -4.86 10.63 -20.50
N LEU A 138 -3.67 10.05 -20.32
CA LEU A 138 -3.06 9.96 -19.00
C LEU A 138 -2.81 11.32 -18.32
N LEU A 139 -2.82 12.38 -19.11
CA LEU A 139 -2.61 13.73 -18.56
C LEU A 139 -3.82 14.10 -17.70
N PHE A 140 -4.96 13.46 -17.97
CA PHE A 140 -6.17 13.72 -17.21
C PHE A 140 -6.54 12.50 -16.36
N GLY A 141 -5.55 11.67 -16.07
CA GLY A 141 -5.81 10.50 -15.26
C GLY A 141 -6.50 9.39 -16.03
N LEU A 142 -6.83 9.63 -17.29
CA LEU A 142 -7.49 8.61 -18.08
C LEU A 142 -6.46 7.72 -18.79
N TYR A 143 -6.98 6.82 -19.62
CA TYR A 143 -6.16 5.92 -20.45
C TYR A 143 -7.09 5.23 -21.45
N PRO A 144 -6.62 5.07 -22.71
CA PRO A 144 -7.32 4.44 -23.84
C PRO A 144 -7.62 2.96 -23.66
N ALA A 145 -8.37 2.62 -22.62
CA ALA A 145 -8.71 1.24 -22.32
C ALA A 145 -9.31 0.45 -23.47
N CYS A 146 -10.21 1.06 -24.25
CA CYS A 146 -10.82 0.34 -25.35
C CYS A 146 -9.83 0.16 -26.51
N VAL A 147 -8.99 1.15 -26.71
CA VAL A 147 -8.00 1.14 -27.78
C VAL A 147 -6.82 0.20 -27.55
N LEU A 148 -6.31 0.21 -26.33
CA LEU A 148 -5.12 -0.56 -25.96
C LEU A 148 -4.97 -2.01 -26.39
N PRO A 149 -6.04 -2.83 -26.29
CA PRO A 149 -5.89 -4.24 -26.70
C PRO A 149 -5.58 -4.38 -28.19
N PHE A 150 -6.21 -3.52 -29.00
CA PHE A 150 -5.98 -3.51 -30.44
C PHE A 150 -4.56 -2.96 -30.74
N LEU A 151 -4.19 -1.88 -30.06
CA LEU A 151 -2.88 -1.26 -30.24
C LEU A 151 -1.80 -2.27 -29.85
N ILE A 152 -1.97 -2.87 -28.69
CA ILE A 152 -1.03 -3.85 -28.17
C ILE A 152 -0.84 -5.03 -29.11
N ARG A 153 -1.93 -5.49 -29.72
CA ARG A 153 -1.82 -6.61 -30.64
C ARG A 153 -0.89 -6.23 -31.81
N ARG A 154 -0.86 -4.96 -32.17
CA ARG A 154 -0.01 -4.49 -33.27
C ARG A 154 1.43 -4.17 -32.93
N ILE A 155 1.65 -3.47 -31.82
CA ILE A 155 3.01 -3.04 -31.48
C ILE A 155 3.65 -3.64 -30.25
N GLY A 156 2.90 -4.42 -29.51
CA GLY A 156 3.45 -5.02 -28.32
C GLY A 156 3.10 -4.22 -27.09
N ARG A 157 3.27 -4.85 -25.94
CA ARG A 157 2.98 -4.22 -24.66
C ARG A 157 3.90 -3.05 -24.33
N GLN A 158 5.19 -3.22 -24.51
CA GLN A 158 6.12 -2.16 -24.16
C GLN A 158 5.94 -0.88 -24.98
N LYS A 159 5.75 -1.01 -26.28
CA LYS A 159 5.59 0.17 -27.08
C LYS A 159 4.30 0.91 -26.74
N ALA A 160 3.21 0.19 -26.52
CA ALA A 160 1.96 0.85 -26.17
C ALA A 160 2.09 1.55 -24.81
N HIS A 161 2.83 0.90 -23.91
CA HIS A 161 3.07 1.40 -22.56
C HIS A 161 3.86 2.72 -22.55
N TYR A 162 4.98 2.74 -23.26
CA TYR A 162 5.83 3.92 -23.36
C TYR A 162 5.04 5.09 -23.96
N THR A 164 1.73 5.57 -23.93
CA THR A 164 0.71 6.05 -23.02
C THR A 164 1.31 6.87 -21.91
N LEU A 165 2.42 6.40 -21.36
CA LEU A 165 3.11 7.10 -20.28
C LEU A 165 3.74 8.42 -20.74
N THR A 167 2.88 10.30 -23.48
CA THR A 167 1.92 11.25 -24.02
C THR A 167 2.28 11.98 -25.32
N LYS A 168 3.53 11.92 -25.76
CA LYS A 168 3.86 12.64 -26.99
C LYS A 168 3.59 11.86 -28.26
N PRO A 169 2.99 12.53 -29.25
CA PRO A 169 2.68 11.90 -30.54
C PRO A 169 3.92 11.29 -31.15
N ILE A 170 3.74 10.18 -31.86
CA ILE A 170 4.87 9.52 -32.49
C ILE A 170 4.80 9.81 -33.99
N SER A 171 5.95 9.75 -34.65
CA SER A 171 6.03 10.02 -36.08
C SER A 171 5.52 8.84 -36.92
N VAL A 172 5.24 9.11 -38.19
CA VAL A 172 4.79 8.06 -39.08
C VAL A 172 5.92 7.03 -39.23
N GLN A 173 7.15 7.47 -38.99
CA GLN A 173 8.32 6.58 -39.08
C GLN A 173 8.31 5.55 -37.96
N GLU A 174 8.13 6.01 -36.72
CA GLU A 174 8.11 5.10 -35.58
C GLU A 174 6.92 4.16 -35.71
N ALA A 175 5.77 4.71 -36.09
CA ALA A 175 4.57 3.90 -36.27
C ALA A 175 4.93 2.74 -37.20
N SER A 176 5.68 3.06 -38.25
CA SER A 176 6.08 2.04 -39.23
C SER A 176 7.03 1.03 -38.61
N GLU A 177 8.05 1.52 -37.93
CA GLU A 177 9.03 0.65 -37.30
C GLU A 177 8.37 -0.24 -36.25
N TRP A 178 7.42 0.33 -35.50
CA TRP A 178 6.72 -0.41 -34.45
C TRP A 178 5.66 -1.39 -34.93
N GLY A 179 5.14 -1.19 -36.13
CA GLY A 179 4.13 -2.08 -36.63
C GLY A 179 2.73 -1.48 -36.54
N LEU A 180 2.65 -0.24 -36.03
CA LEU A 180 1.37 0.45 -35.91
C LEU A 180 0.73 0.59 -37.29
N ILE A 181 1.55 0.85 -38.29
CA ILE A 181 1.05 0.97 -39.64
C ILE A 181 1.92 0.13 -40.57
N ASP A 182 1.28 -0.50 -41.56
CA ASP A 182 1.98 -1.32 -42.54
C ASP A 182 2.09 -0.37 -43.73
N ALA A 183 3.29 -0.06 -44.18
CA ALA A 183 3.45 0.84 -45.34
C ALA A 183 2.84 2.24 -45.23
N PHE A 184 3.59 3.21 -45.75
CA PHE A 184 3.18 4.60 -45.74
C PHE A 184 3.98 5.26 -46.86
N ASP A 185 3.48 6.38 -47.37
CA ASP A 185 4.17 7.07 -48.44
C ASP A 185 3.55 8.44 -48.70
N ALA A 186 4.34 9.35 -49.28
CA ALA A 186 3.81 10.68 -49.58
C ALA A 186 2.61 10.55 -50.51
N GLU A 187 2.64 9.55 -51.38
CA GLU A 187 1.55 9.31 -52.31
C GLU A 187 0.65 8.18 -51.80
N SER A 188 -0.06 8.44 -50.72
CA SER A 188 -0.95 7.46 -50.15
C SER A 188 -2.32 7.63 -50.81
N ASP A 189 -2.44 6.96 -51.95
CA ASP A 189 -3.64 6.95 -52.79
C ASP A 189 -3.12 5.96 -53.81
N VAL A 190 -1.90 6.26 -54.26
CA VAL A 190 -1.21 5.41 -55.20
C VAL A 190 -0.86 4.16 -54.41
N LEU A 191 -0.41 4.38 -53.19
CA LEU A 191 -0.02 3.30 -52.29
C LEU A 191 -1.24 2.44 -51.98
N LEU A 192 -2.39 3.09 -51.79
CA LEU A 192 -3.62 2.37 -51.51
C LEU A 192 -3.96 1.51 -52.72
N ARG A 193 -3.96 2.10 -53.91
CA ARG A 193 -4.27 1.37 -55.14
C ARG A 193 -3.37 0.17 -55.37
N LYS A 194 -2.10 0.25 -54.98
CA LYS A 194 -1.20 -0.88 -55.17
C LYS A 194 -1.62 -2.03 -54.26
N HIS A 195 -2.23 -1.68 -53.13
CA HIS A 195 -2.71 -2.66 -52.18
C HIS A 195 -4.02 -3.27 -52.69
N LEU A 196 -4.96 -2.42 -53.09
CA LEU A 196 -6.24 -2.89 -53.61
C LEU A 196 -6.01 -3.79 -54.83
N LEU A 197 -5.02 -3.43 -55.62
CA LEU A 197 -4.68 -4.20 -56.81
C LEU A 197 -4.32 -5.63 -56.40
N ARG A 198 -3.48 -5.78 -55.38
CA ARG A 198 -3.09 -7.10 -54.93
C ARG A 198 -4.21 -7.82 -54.17
N LEU A 199 -4.98 -7.08 -53.38
CA LEU A 199 -6.07 -7.66 -52.60
C LEU A 199 -7.11 -8.31 -53.50
N ARG A 200 -7.45 -7.66 -54.62
CA ARG A 200 -8.37 -8.28 -55.59
C ARG A 200 -7.35 -9.33 -56.02
N ARG A 201 -7.78 -10.55 -56.26
CA ARG A 201 -6.88 -11.67 -56.59
C ARG A 201 -7.19 -12.66 -55.50
N LEU A 202 -7.70 -12.15 -54.40
CA LEU A 202 -8.12 -12.98 -53.28
C LEU A 202 -9.63 -13.08 -53.43
N ASN A 203 -10.23 -14.14 -52.91
CA ASN A 203 -11.67 -14.29 -52.99
C ASN A 203 -12.22 -14.19 -51.55
N LYS A 204 -13.46 -13.73 -51.42
CA LYS A 204 -14.10 -13.57 -50.12
C LYS A 204 -13.98 -14.80 -49.22
N LYS A 205 -14.22 -15.97 -49.81
CA LYS A 205 -14.17 -17.24 -49.10
C LYS A 205 -12.81 -17.55 -48.44
N GLY A 206 -11.72 -17.33 -49.15
CA GLY A 206 -10.42 -17.59 -48.58
C GLY A 206 -10.10 -16.57 -47.50
N ILE A 207 -10.48 -15.33 -47.72
CA ILE A 207 -10.24 -14.27 -46.75
C ILE A 207 -10.98 -14.55 -45.47
N ALA A 208 -12.27 -14.87 -45.59
CA ALA A 208 -13.09 -15.14 -44.42
C ALA A 208 -12.56 -16.33 -43.61
N HIS A 209 -12.25 -17.42 -44.29
CA HIS A 209 -11.73 -18.61 -43.61
C HIS A 209 -10.35 -18.32 -43.02
N TYR A 210 -9.55 -17.52 -43.72
CA TYR A 210 -8.22 -17.18 -43.23
C TYR A 210 -8.34 -16.30 -41.99
N LYS A 211 -9.20 -15.29 -42.03
CA LYS A 211 -9.36 -14.43 -40.86
C LYS A 211 -9.97 -15.20 -39.69
N GLN A 212 -10.89 -16.12 -39.96
CA GLN A 212 -11.48 -16.89 -38.85
C GLN A 212 -10.38 -17.67 -38.17
N PHE A 213 -9.50 -18.27 -38.95
CA PHE A 213 -8.38 -19.03 -38.40
C PHE A 213 -7.47 -18.17 -37.50
N SER A 215 -8.30 -15.50 -35.96
CA SER A 215 -9.09 -15.18 -34.78
C SER A 215 -9.07 -16.29 -33.74
N SER A 216 -9.26 -17.53 -34.16
CA SER A 216 -9.27 -18.64 -33.22
C SER A 216 -7.90 -18.85 -32.59
N LEU A 217 -6.86 -18.49 -33.32
CA LEU A 217 -5.50 -18.63 -32.84
C LEU A 217 -5.18 -17.62 -31.73
N ASP A 218 -5.83 -16.46 -31.79
CA ASP A 218 -5.55 -15.41 -30.80
C ASP A 218 -6.81 -14.71 -30.24
N HIS A 219 -7.10 -14.95 -28.96
CA HIS A 219 -8.28 -14.35 -28.30
C HIS A 219 -7.95 -13.11 -27.46
N GLN A 220 -6.71 -12.62 -27.63
CA GLN A 220 -6.21 -11.46 -26.90
C GLN A 220 -7.23 -10.32 -26.83
N VAL A 221 -7.73 -9.89 -27.99
CA VAL A 221 -8.70 -8.81 -28.07
C VAL A 221 -10.01 -9.08 -27.32
N SER A 222 -10.66 -10.20 -27.66
CA SER A 222 -11.92 -10.55 -26.99
C SER A 222 -11.75 -10.82 -25.49
N ARG A 223 -10.65 -11.47 -25.13
CA ARG A 223 -10.38 -11.81 -23.74
C ARG A 223 -10.25 -10.57 -22.83
N ALA A 224 -9.87 -9.44 -23.41
CA ALA A 224 -9.69 -8.22 -22.66
C ALA A 224 -10.90 -7.29 -22.67
N LYS A 225 -11.88 -7.58 -23.51
CA LYS A 225 -13.06 -6.73 -23.66
C LYS A 225 -13.76 -6.27 -22.37
N ALA A 226 -14.16 -7.24 -21.54
CA ALA A 226 -14.87 -6.90 -20.29
C ALA A 226 -13.99 -6.05 -19.37
N THR A 227 -12.70 -6.39 -19.30
CA THR A 227 -11.77 -5.64 -18.47
C THR A 227 -11.67 -4.20 -18.99
N ALA A 228 -11.54 -4.06 -20.30
CA ALA A 228 -11.44 -2.74 -20.90
C ALA A 228 -12.72 -1.97 -20.62
N LEU A 229 -13.86 -2.59 -20.88
CA LEU A 229 -15.13 -1.92 -20.64
C LEU A 229 -15.32 -1.60 -19.16
N THR A 230 -14.93 -2.52 -18.29
CA THR A 230 -15.07 -2.28 -16.86
C THR A 230 -14.16 -1.12 -16.49
N ALA A 231 -12.99 -1.03 -17.11
CA ALA A 231 -12.07 0.06 -16.82
C ALA A 231 -12.58 1.38 -17.38
N ASN A 232 -13.26 1.31 -18.52
CA ASN A 232 -13.78 2.52 -19.11
C ASN A 232 -14.82 3.04 -18.14
N GLN A 233 -15.80 2.21 -17.78
CA GLN A 233 -16.72 2.64 -16.74
C GLN A 233 -15.64 2.63 -15.68
N ASP A 234 -15.80 3.37 -14.60
CA ASP A 234 -14.79 3.42 -13.55
C ASP A 234 -13.93 4.67 -13.69
N PHE A 236 -14.30 6.83 -15.80
CA PHE A 236 -15.19 7.92 -16.16
C PHE A 236 -16.19 8.22 -15.05
N SER A 237 -16.40 7.28 -14.14
CA SER A 237 -17.34 7.50 -13.05
C SER A 237 -16.60 8.01 -11.82
N ASP A 238 -15.27 8.01 -11.90
CA ASP A 238 -14.45 8.47 -10.80
C ASP A 238 -14.42 9.99 -10.67
N PRO A 239 -14.80 10.52 -9.49
CA PRO A 239 -14.78 11.98 -9.28
C PRO A 239 -13.30 12.33 -9.13
N GLN A 240 -12.87 13.45 -9.70
CA GLN A 240 -11.46 13.87 -9.67
C GLN A 240 -11.02 13.79 -11.11
N ASN A 241 -11.26 12.64 -11.72
CA ASN A 241 -10.93 12.50 -13.14
C ASN A 241 -11.92 13.45 -13.79
N GLN A 242 -13.15 13.36 -13.28
CA GLN A 242 -14.27 14.16 -13.75
C GLN A 242 -14.02 15.65 -13.67
N GLY A 244 -11.26 16.99 -13.34
CA GLY A 244 -10.08 17.26 -14.11
C GLY A 244 -10.49 17.50 -15.55
N ILE A 245 -11.37 16.63 -16.04
CA ILE A 245 -11.91 16.74 -17.39
C ILE A 245 -12.75 18.00 -17.51
N ILE A 246 -13.47 18.32 -16.43
CA ILE A 246 -14.33 19.50 -16.36
C ILE A 246 -13.54 20.80 -16.25
N ARG A 247 -12.72 20.89 -15.21
CA ARG A 247 -11.90 22.08 -14.96
C ARG A 247 -11.05 22.48 -16.16
N TYR A 248 -10.89 21.56 -17.12
CA TYR A 248 -10.08 21.83 -18.31
C TYR A 248 -10.91 22.36 -19.48
N VAL A 249 -12.10 21.79 -19.68
CA VAL A 249 -12.97 22.22 -20.76
C VAL A 249 -13.46 23.65 -20.49
N GLU A 250 -12.70 24.36 -19.65
CA GLU A 250 -12.99 25.72 -19.27
C GLU A 250 -11.69 26.47 -18.95
N THR A 251 -10.77 25.79 -18.26
CA THR A 251 -9.49 26.42 -17.86
C THR A 251 -8.21 25.58 -18.02
N GLY A 252 -7.49 25.38 -16.90
CA GLY A 252 -6.23 24.65 -16.89
C GLY A 252 -6.15 23.13 -16.99
N GLN A 253 -4.93 22.58 -16.91
CA GLN A 253 -4.71 21.13 -17.05
C GLN A 253 -4.21 20.41 -15.79
N PHE A 254 -3.13 20.95 -15.22
CA PHE A 254 -2.47 20.44 -14.02
C PHE A 254 -1.31 19.46 -14.26
N THR B 5 -0.43 -41.60 2.90
CA THR B 5 -1.31 -40.49 3.43
C THR B 5 -1.44 -39.31 2.46
N TYR B 6 -2.68 -39.01 2.07
CA TYR B 6 -2.95 -37.89 1.19
C TYR B 6 -3.89 -36.92 1.89
N GLN B 7 -3.84 -35.66 1.50
CA GLN B 7 -4.67 -34.64 2.11
C GLN B 7 -6.10 -34.52 1.60
N THR B 8 -6.37 -34.97 0.38
CA THR B 8 -7.72 -34.85 -0.16
C THR B 8 -8.33 -36.15 -0.67
N ILE B 9 -7.61 -37.26 -0.53
CA ILE B 9 -8.13 -38.54 -1.01
C ILE B 9 -7.73 -39.68 -0.12
N LYS B 10 -8.44 -40.79 -0.25
CA LYS B 10 -8.16 -42.00 0.50
C LYS B 10 -7.79 -43.03 -0.55
N VAL B 11 -6.84 -43.90 -0.23
CA VAL B 11 -6.42 -44.92 -1.18
C VAL B 11 -6.25 -46.27 -0.50
N ARG B 12 -6.83 -47.30 -1.11
CA ARG B 12 -6.75 -48.65 -0.58
C ARG B 12 -6.54 -49.61 -1.75
N PHE B 13 -6.00 -50.79 -1.47
CA PHE B 13 -5.78 -51.80 -2.50
C PHE B 13 -6.39 -53.14 -2.09
N GLN B 14 -6.83 -53.90 -3.08
CA GLN B 14 -7.41 -55.22 -2.87
C GLN B 14 -7.28 -55.88 -4.23
N ALA B 15 -6.38 -56.85 -4.30
CA ALA B 15 -6.10 -57.56 -5.54
C ALA B 15 -5.39 -56.54 -6.45
N SER B 16 -5.60 -56.65 -7.75
CA SER B 16 -4.97 -55.74 -8.68
C SER B 16 -5.87 -54.53 -8.89
N VAL B 17 -6.62 -54.17 -7.87
CA VAL B 17 -7.52 -53.03 -7.94
C VAL B 17 -7.04 -51.92 -7.03
N CYS B 18 -7.30 -50.68 -7.41
CA CYS B 18 -6.90 -49.53 -6.61
C CYS B 18 -8.15 -48.65 -6.47
N TYR B 19 -8.45 -48.22 -5.24
CA TYR B 19 -9.61 -47.37 -5.03
C TYR B 19 -9.16 -45.99 -4.60
N ILE B 20 -9.69 -44.98 -5.29
CA ILE B 20 -9.39 -43.60 -4.98
C ILE B 20 -10.68 -42.94 -4.56
N THR B 21 -10.70 -42.43 -3.33
CA THR B 21 -11.90 -41.81 -2.83
C THR B 21 -11.70 -40.33 -2.60
N PHE B 22 -12.48 -39.52 -3.30
CA PHE B 22 -12.41 -38.09 -3.14
C PHE B 22 -12.98 -37.86 -1.74
N HIS B 23 -12.20 -37.20 -0.89
CA HIS B 23 -12.63 -36.95 0.47
C HIS B 23 -12.40 -35.53 0.95
N ARG B 24 -13.32 -34.64 0.60
CA ARG B 24 -13.27 -33.25 0.99
C ARG B 24 -14.69 -32.90 1.43
N PRO B 25 -15.20 -33.63 2.45
CA PRO B 25 -16.55 -33.43 2.99
C PRO B 25 -16.90 -31.99 3.32
N GLU B 26 -15.95 -31.26 3.88
CA GLU B 26 -16.20 -29.87 4.24
C GLU B 26 -16.17 -28.93 3.04
N ALA B 27 -15.92 -29.49 1.85
CA ALA B 27 -15.89 -28.71 0.62
C ALA B 27 -16.95 -29.23 -0.33
N ASN B 28 -17.67 -30.28 0.09
CA ASN B 28 -18.71 -30.91 -0.71
C ASN B 28 -18.06 -31.59 -1.93
N ASN B 29 -16.91 -32.20 -1.69
CA ASN B 29 -16.19 -32.89 -2.75
C ASN B 29 -16.04 -32.06 -4.03
N THR B 30 -15.61 -30.82 -3.85
CA THR B 30 -15.38 -29.92 -4.96
C THR B 30 -13.92 -30.15 -5.34
N ILE B 31 -13.57 -29.80 -6.57
CA ILE B 31 -12.21 -29.99 -7.04
C ILE B 31 -11.30 -28.82 -6.65
N ASN B 32 -10.05 -29.14 -6.33
CA ASN B 32 -9.06 -28.13 -5.98
C ASN B 32 -7.74 -28.71 -6.49
N ASP B 33 -6.68 -27.91 -6.52
CA ASP B 33 -5.41 -28.39 -7.06
C ASP B 33 -4.74 -29.58 -6.36
N THR B 34 -4.87 -29.67 -5.05
CA THR B 34 -4.26 -30.75 -4.30
C THR B 34 -4.89 -32.08 -4.72
N LEU B 35 -6.21 -32.09 -4.88
CA LEU B 35 -6.98 -33.26 -5.30
C LEU B 35 -6.41 -33.73 -6.63
N ILE B 36 -6.32 -32.81 -7.58
CA ILE B 36 -5.81 -33.11 -8.91
C ILE B 36 -4.40 -33.66 -8.82
N GLU B 37 -3.53 -33.02 -8.06
CA GLU B 37 -2.15 -33.50 -7.95
C GLU B 37 -2.03 -34.85 -7.24
N GLU B 38 -2.78 -35.05 -6.17
CA GLU B 38 -2.67 -36.33 -5.47
C GLU B 38 -3.16 -37.48 -6.35
N CYS B 39 -4.25 -37.24 -7.09
CA CYS B 39 -4.80 -38.27 -7.97
C CYS B 39 -3.80 -38.65 -9.05
N LEU B 40 -3.12 -37.66 -9.61
CA LEU B 40 -2.11 -37.92 -10.64
C LEU B 40 -0.99 -38.75 -10.01
N GLN B 41 -0.63 -38.44 -8.78
CA GLN B 41 0.40 -39.18 -8.08
C GLN B 41 0.07 -40.67 -7.99
N VAL B 42 -1.13 -40.97 -7.52
CA VAL B 42 -1.53 -42.36 -7.39
C VAL B 42 -1.65 -43.07 -8.73
N LEU B 43 -2.18 -42.37 -9.74
CA LEU B 43 -2.32 -42.96 -11.07
C LEU B 43 -0.95 -43.30 -11.64
N ASN B 44 0.03 -42.47 -11.32
CA ASN B 44 1.39 -42.70 -11.80
C ASN B 44 1.96 -43.90 -11.07
N GLN B 45 1.52 -44.06 -9.83
CA GLN B 45 1.96 -45.18 -9.01
C GLN B 45 1.48 -46.45 -9.69
N CYS B 46 0.23 -46.41 -10.17
CA CYS B 46 -0.40 -47.54 -10.84
C CYS B 46 0.15 -47.79 -12.24
N GLU B 47 0.97 -46.87 -12.74
CA GLU B 47 1.56 -46.99 -14.06
C GLU B 47 2.23 -48.35 -14.24
N THR B 48 3.14 -48.68 -13.33
CA THR B 48 3.87 -49.93 -13.43
C THR B 48 3.40 -51.00 -12.46
N SER B 49 2.52 -50.63 -11.54
CA SER B 49 2.00 -51.58 -10.57
C SER B 49 1.36 -52.78 -11.26
N THR B 50 0.93 -53.75 -10.47
CA THR B 50 0.26 -54.90 -11.02
C THR B 50 -1.21 -54.52 -11.15
N VAL B 51 -1.53 -53.32 -10.69
CA VAL B 51 -2.89 -52.76 -10.72
C VAL B 51 -3.41 -52.81 -12.16
N THR B 52 -4.61 -53.34 -12.31
CA THR B 52 -5.24 -53.50 -13.62
C THR B 52 -6.52 -52.68 -13.74
N VAL B 53 -7.05 -52.25 -12.60
CA VAL B 53 -8.26 -51.43 -12.58
C VAL B 53 -8.16 -50.41 -11.46
N VAL B 54 -8.62 -49.20 -11.76
CA VAL B 54 -8.61 -48.11 -10.80
C VAL B 54 -10.07 -47.71 -10.63
N VAL B 55 -10.52 -47.65 -9.37
CA VAL B 55 -11.89 -47.27 -9.07
C VAL B 55 -11.93 -45.91 -8.37
N LEU B 56 -12.79 -45.03 -8.89
CA LEU B 56 -12.99 -43.69 -8.35
C LEU B 56 -14.29 -43.67 -7.54
N GLU B 57 -14.24 -43.20 -6.30
CA GLU B 57 -15.43 -43.11 -5.46
C GLU B 57 -15.47 -41.78 -4.70
N GLY B 58 -16.68 -41.34 -4.34
CA GLY B 58 -16.85 -40.11 -3.58
C GLY B 58 -17.56 -40.45 -2.27
N LEU B 59 -18.13 -39.44 -1.62
CA LEU B 59 -18.86 -39.64 -0.36
C LEU B 59 -20.25 -40.22 -0.70
N PRO B 60 -20.91 -40.83 0.29
CA PRO B 60 -22.25 -41.42 0.07
C PRO B 60 -23.27 -40.46 -0.57
N GLU B 61 -23.17 -39.17 -0.23
CA GLU B 61 -24.10 -38.17 -0.74
C GLU B 61 -23.61 -37.37 -1.96
N VAL B 62 -22.29 -37.24 -2.11
CA VAL B 62 -21.75 -36.49 -3.24
C VAL B 62 -20.51 -37.17 -3.83
N PHE B 63 -20.53 -37.42 -5.13
CA PHE B 63 -19.41 -38.04 -5.82
C PHE B 63 -18.35 -36.96 -6.03
N CYS B 64 -18.67 -35.97 -6.86
CA CYS B 64 -17.78 -34.84 -7.10
C CYS B 64 -18.68 -33.70 -7.56
N PHE B 65 -18.66 -32.60 -6.82
CA PHE B 65 -19.52 -31.48 -7.16
C PHE B 65 -18.91 -30.44 -8.09
N GLY B 66 -17.65 -30.63 -8.47
CA GLY B 66 -17.04 -29.68 -9.37
C GLY B 66 -16.14 -28.65 -8.74
N ALA B 67 -16.00 -27.51 -9.43
CA ALA B 67 -15.17 -26.40 -8.99
C ALA B 67 -15.57 -25.89 -7.61
N ASP B 68 -14.54 -25.62 -6.80
CA ASP B 68 -14.73 -25.12 -5.44
C ASP B 68 -14.93 -23.59 -5.43
N PHE B 69 -16.18 -23.14 -5.51
CA PHE B 69 -16.49 -21.72 -5.48
C PHE B 69 -16.03 -21.06 -4.18
N GLN B 70 -16.29 -21.73 -3.05
CA GLN B 70 -15.90 -21.21 -1.73
C GLN B 70 -14.43 -20.83 -1.74
N GLU B 71 -13.61 -21.71 -2.28
CA GLU B 71 -12.17 -21.47 -2.35
C GLU B 71 -11.82 -20.45 -3.42
N ILE B 72 -12.57 -20.45 -4.52
CA ILE B 72 -12.35 -19.49 -5.59
C ILE B 72 -12.60 -18.09 -5.01
N TYR B 73 -13.53 -18.03 -4.07
CA TYR B 73 -13.89 -16.79 -3.40
C TYR B 73 -12.72 -16.24 -2.56
N GLN B 74 -12.10 -17.12 -1.77
CA GLN B 74 -10.97 -16.77 -0.92
C GLN B 74 -9.75 -16.28 -1.70
N GLU B 75 -9.54 -16.85 -2.89
CA GLU B 75 -8.41 -16.46 -3.74
C GLU B 75 -8.57 -15.05 -4.31
N LYS B 77 -10.44 -12.63 -2.90
CA LYS B 77 -10.36 -11.73 -1.75
C LYS B 77 -8.92 -11.59 -1.27
N ARG B 78 -8.13 -12.65 -1.45
CA ARG B 78 -6.73 -12.62 -1.06
C ARG B 78 -6.08 -11.58 -1.97
N GLY B 79 -6.46 -11.63 -3.25
CA GLY B 79 -5.93 -10.71 -4.22
C GLY B 79 -5.60 -11.41 -5.53
N ARG B 80 -5.44 -12.73 -5.47
CA ARG B 80 -5.11 -13.55 -6.64
C ARG B 80 -5.78 -13.12 -7.96
N LYS B 81 -4.95 -12.68 -8.90
CA LYS B 81 -5.39 -12.25 -10.23
C LYS B 81 -5.22 -13.50 -11.11
N GLN B 82 -5.90 -13.55 -12.26
CA GLN B 82 -5.82 -14.69 -13.18
C GLN B 82 -6.18 -16.06 -12.59
N ALA B 83 -7.13 -16.73 -13.22
CA ALA B 83 -7.53 -18.06 -12.75
C ALA B 83 -6.43 -19.06 -13.03
N SER B 84 -6.31 -20.07 -12.18
CA SER B 84 -5.28 -21.09 -12.35
C SER B 84 -5.54 -21.85 -13.66
N SER B 85 -4.48 -22.38 -14.27
CA SER B 85 -4.64 -23.14 -15.51
C SER B 85 -5.15 -24.51 -15.13
N GLN B 86 -6.02 -25.07 -15.95
CA GLN B 86 -6.59 -26.37 -15.67
C GLN B 86 -5.97 -27.47 -16.51
N GLU B 87 -4.72 -27.28 -16.92
CA GLU B 87 -4.03 -28.29 -17.71
C GLU B 87 -3.83 -29.57 -16.91
N PRO B 88 -3.48 -29.45 -15.62
CA PRO B 88 -3.28 -30.69 -14.87
C PRO B 88 -4.58 -31.49 -14.76
N LEU B 89 -5.70 -30.79 -14.70
CA LEU B 89 -6.98 -31.47 -14.58
C LEU B 89 -7.35 -32.14 -15.90
N TYR B 90 -7.07 -31.46 -17.01
CA TYR B 90 -7.37 -32.01 -18.33
C TYR B 90 -6.52 -33.26 -18.55
N ASP B 91 -5.26 -33.20 -18.16
CA ASP B 91 -4.35 -34.32 -18.31
C ASP B 91 -4.73 -35.50 -17.41
N LEU B 92 -5.20 -35.22 -16.20
CA LEU B 92 -5.62 -36.25 -15.27
C LEU B 92 -6.77 -36.99 -15.94
N TRP B 93 -7.71 -36.24 -16.48
CA TRP B 93 -8.84 -36.89 -17.13
C TRP B 93 -8.40 -37.71 -18.35
N LYS B 95 -5.52 -39.17 -18.78
CA LYS B 95 -4.81 -40.31 -18.23
C LYS B 95 -5.78 -41.43 -17.85
N LEU B 96 -6.95 -41.06 -17.35
CA LEU B 96 -7.94 -42.06 -16.95
C LEU B 96 -8.43 -42.78 -18.19
N GLN B 97 -8.46 -42.06 -19.30
CA GLN B 97 -8.91 -42.65 -20.55
C GLN B 97 -7.83 -43.44 -21.30
N THR B 98 -6.56 -43.18 -21.02
CA THR B 98 -5.50 -43.84 -21.75
C THR B 98 -4.50 -44.66 -20.95
N GLY B 99 -4.54 -44.56 -19.63
CA GLY B 99 -3.60 -45.29 -18.80
C GLY B 99 -3.67 -46.79 -18.98
N PRO B 100 -2.63 -47.54 -18.58
CA PRO B 100 -2.62 -49.00 -18.72
C PRO B 100 -3.39 -49.66 -17.60
N TYR B 101 -4.70 -49.44 -17.58
CA TYR B 101 -5.58 -50.02 -16.57
C TYR B 101 -6.98 -49.55 -16.89
N VAL B 102 -7.99 -50.30 -16.45
CA VAL B 102 -9.37 -49.89 -16.68
C VAL B 102 -9.78 -48.98 -15.51
N THR B 103 -10.29 -47.81 -15.84
CA THR B 103 -10.74 -46.87 -14.84
C THR B 103 -12.25 -46.97 -14.74
N ILE B 104 -12.75 -46.89 -13.52
CA ILE B 104 -14.18 -46.97 -13.28
C ILE B 104 -14.64 -45.90 -12.31
N SER B 105 -15.75 -45.27 -12.63
CA SER B 105 -16.34 -44.27 -11.77
C SER B 105 -17.50 -44.99 -11.06
N HIS B 106 -17.43 -45.07 -9.73
CA HIS B 106 -18.47 -45.70 -8.94
C HIS B 106 -19.21 -44.51 -8.34
N VAL B 107 -20.32 -44.13 -8.97
CA VAL B 107 -21.09 -42.95 -8.59
C VAL B 107 -22.27 -43.14 -7.65
N ARG B 108 -22.25 -42.38 -6.56
CA ARG B 108 -23.33 -42.40 -5.59
C ARG B 108 -23.66 -40.95 -5.29
N GLY B 109 -24.95 -40.62 -5.28
CA GLY B 109 -25.34 -39.26 -4.97
C GLY B 109 -25.13 -38.25 -6.09
N LYS B 110 -24.92 -37.01 -5.70
CA LYS B 110 -24.77 -35.92 -6.64
C LYS B 110 -23.47 -35.79 -7.43
N VAL B 111 -23.61 -35.48 -8.72
CA VAL B 111 -22.45 -35.23 -9.57
C VAL B 111 -22.76 -33.92 -10.26
N ASN B 112 -21.83 -32.97 -10.21
CA ASN B 112 -22.08 -31.67 -10.81
C ASN B 112 -20.86 -31.00 -11.44
N ALA B 113 -21.15 -30.25 -12.50
CA ALA B 113 -20.20 -29.46 -13.28
C ALA B 113 -18.73 -29.68 -13.00
N GLY B 114 -18.15 -30.72 -13.54
CA GLY B 114 -16.75 -30.90 -13.23
C GLY B 114 -16.63 -32.33 -12.81
N GLY B 115 -17.46 -32.72 -11.86
CA GLY B 115 -17.44 -34.11 -11.44
C GLY B 115 -17.78 -34.95 -12.66
N LEU B 116 -18.62 -34.42 -13.55
CA LEU B 116 -19.00 -35.12 -14.78
C LEU B 116 -17.77 -35.45 -15.63
N GLY B 117 -16.73 -34.63 -15.49
CA GLY B 117 -15.48 -34.86 -16.18
C GLY B 117 -14.91 -36.19 -15.74
N PHE B 118 -14.94 -36.46 -14.45
CA PHE B 118 -14.42 -37.74 -13.93
C PHE B 118 -15.30 -38.90 -14.40
N VAL B 119 -16.62 -38.72 -14.28
CA VAL B 119 -17.55 -39.77 -14.66
C VAL B 119 -17.41 -40.11 -16.14
N SER B 120 -17.32 -39.09 -17.00
CA SER B 120 -17.18 -39.28 -18.44
C SER B 120 -15.80 -39.78 -18.86
N ALA B 121 -14.76 -39.39 -18.14
CA ALA B 121 -13.41 -39.79 -18.52
C ALA B 121 -12.99 -41.23 -18.20
N THR B 122 -13.57 -41.83 -17.15
CA THR B 122 -13.18 -43.21 -16.80
C THR B 122 -13.66 -44.17 -17.90
N ASP B 123 -12.98 -45.31 -18.04
CA ASP B 123 -13.38 -46.27 -19.05
C ASP B 123 -14.83 -46.72 -18.85
N ILE B 124 -15.21 -46.91 -17.59
CA ILE B 124 -16.54 -47.38 -17.24
C ILE B 124 -17.16 -46.52 -16.13
N ALA B 125 -18.47 -46.33 -16.18
CA ALA B 125 -19.15 -45.56 -15.14
C ALA B 125 -20.40 -46.28 -14.65
N ILE B 126 -20.47 -46.54 -13.35
CA ILE B 126 -21.63 -47.20 -12.78
C ILE B 126 -22.15 -46.39 -11.61
N ALA B 127 -23.45 -46.50 -11.34
CA ALA B 127 -24.04 -45.73 -10.25
C ALA B 127 -25.11 -46.51 -9.54
N ASP B 128 -25.54 -46.01 -8.38
CA ASP B 128 -26.63 -46.66 -7.67
C ASP B 128 -27.84 -45.80 -8.02
N GLN B 129 -28.99 -46.08 -7.42
CA GLN B 129 -30.20 -45.33 -7.75
C GLN B 129 -30.25 -43.91 -7.18
N THR B 130 -29.28 -43.54 -6.36
CA THR B 130 -29.31 -42.19 -5.82
C THR B 130 -28.58 -41.18 -6.69
N ALA B 131 -27.76 -41.67 -7.63
CA ALA B 131 -26.99 -40.81 -8.50
C ALA B 131 -27.83 -39.80 -9.27
N SER B 132 -27.32 -38.56 -9.33
CA SER B 132 -27.94 -37.46 -10.07
C SER B 132 -26.81 -36.70 -10.75
N PHE B 133 -27.06 -36.12 -11.93
CA PHE B 133 -26.01 -35.41 -12.67
C PHE B 133 -26.45 -34.05 -13.21
N SER B 134 -25.66 -33.01 -12.94
CA SER B 134 -25.99 -31.67 -13.41
C SER B 134 -24.83 -30.78 -13.92
N LEU B 135 -25.17 -29.87 -14.82
CA LEU B 135 -24.24 -28.92 -15.41
C LEU B 135 -24.90 -27.56 -15.18
N SER B 136 -24.57 -26.93 -14.06
CA SER B 136 -25.16 -25.65 -13.67
C SER B 136 -24.34 -24.40 -13.98
N GLU B 137 -23.06 -24.59 -14.33
CA GLU B 137 -22.15 -23.48 -14.62
C GLU B 137 -22.68 -22.30 -15.46
N LEU B 138 -23.53 -22.55 -16.46
CA LEU B 138 -24.03 -21.48 -17.32
C LEU B 138 -24.87 -20.42 -16.59
N LEU B 139 -25.38 -20.78 -15.41
CA LEU B 139 -26.16 -19.82 -14.63
C LEU B 139 -25.18 -18.73 -14.17
N PHE B 140 -23.90 -19.08 -14.09
CA PHE B 140 -22.85 -18.16 -13.67
C PHE B 140 -22.10 -17.58 -14.87
N GLY B 141 -22.54 -17.90 -16.07
CA GLY B 141 -21.87 -17.40 -17.25
C GLY B 141 -20.63 -18.21 -17.57
N LEU B 142 -20.55 -19.40 -16.98
CA LEU B 142 -19.42 -20.29 -17.20
C LEU B 142 -19.94 -21.56 -17.88
N TYR B 143 -19.07 -22.28 -18.57
CA TYR B 143 -19.49 -23.53 -19.19
C TYR B 143 -18.42 -24.55 -18.87
N PRO B 144 -18.76 -25.84 -18.88
CA PRO B 144 -17.80 -26.91 -18.58
C PRO B 144 -16.85 -27.19 -19.75
N ALA B 145 -16.06 -26.17 -20.10
CA ALA B 145 -15.12 -26.26 -21.20
C ALA B 145 -14.29 -27.54 -21.16
N CYS B 146 -13.64 -27.82 -20.04
CA CYS B 146 -12.83 -29.02 -19.91
C CYS B 146 -13.63 -30.32 -19.85
N VAL B 147 -14.88 -30.24 -19.39
CA VAL B 147 -15.73 -31.42 -19.28
C VAL B 147 -16.26 -31.87 -20.62
N LEU B 148 -16.78 -30.93 -21.40
CA LEU B 148 -17.40 -31.22 -22.68
C LEU B 148 -16.81 -32.27 -23.62
N PRO B 149 -15.51 -32.15 -23.98
CA PRO B 149 -14.91 -33.13 -24.89
C PRO B 149 -15.11 -34.57 -24.41
N PHE B 150 -14.89 -34.79 -23.11
CA PHE B 150 -15.06 -36.12 -22.53
C PHE B 150 -16.55 -36.54 -22.49
N LEU B 151 -17.42 -35.59 -22.12
CA LEU B 151 -18.87 -35.82 -22.04
C LEU B 151 -19.48 -36.08 -23.41
N ILE B 152 -19.10 -35.26 -24.38
CA ILE B 152 -19.58 -35.38 -25.76
C ILE B 152 -19.27 -36.78 -26.32
N ARG B 153 -18.05 -37.26 -26.08
CA ARG B 153 -17.65 -38.57 -26.54
C ARG B 153 -18.65 -39.61 -26.03
N ARG B 154 -19.13 -39.44 -24.81
CA ARG B 154 -20.10 -40.38 -24.25
C ARG B 154 -21.55 -40.23 -24.68
N ILE B 155 -22.11 -39.02 -24.58
CA ILE B 155 -23.52 -38.84 -24.91
C ILE B 155 -23.82 -38.07 -26.19
N GLY B 156 -22.79 -37.70 -26.94
CA GLY B 156 -23.03 -36.97 -28.17
C GLY B 156 -23.20 -35.48 -27.92
N ARG B 157 -22.97 -34.71 -28.96
CA ARG B 157 -23.09 -33.27 -28.86
C ARG B 157 -24.44 -32.74 -28.45
N GLN B 158 -25.51 -33.10 -29.16
CA GLN B 158 -26.83 -32.54 -28.82
C GLN B 158 -27.22 -32.65 -27.35
N LYS B 159 -27.05 -33.83 -26.76
CA LYS B 159 -27.41 -34.05 -25.38
C LYS B 159 -26.55 -33.20 -24.44
N ALA B 160 -25.26 -33.18 -24.70
CA ALA B 160 -24.34 -32.41 -23.87
C ALA B 160 -24.74 -30.96 -23.95
N HIS B 161 -25.23 -30.58 -25.13
CA HIS B 161 -25.63 -29.21 -25.39
C HIS B 161 -26.89 -28.91 -24.57
N TYR B 162 -27.92 -29.73 -24.75
CA TYR B 162 -29.19 -29.57 -24.04
C TYR B 162 -28.95 -29.47 -22.53
N THR B 164 -26.25 -28.52 -20.90
CA THR B 164 -25.56 -27.28 -20.57
C THR B 164 -26.52 -26.08 -20.56
N LEU B 165 -27.36 -26.00 -21.58
CA LEU B 165 -28.33 -24.93 -21.71
C LEU B 165 -29.43 -24.92 -20.65
N THR B 167 -29.28 -26.50 -17.58
CA THR B 167 -28.74 -26.53 -16.23
C THR B 167 -29.42 -27.38 -15.13
N LYS B 168 -30.47 -28.11 -15.47
CA LYS B 168 -31.12 -28.94 -14.45
C LYS B 168 -30.51 -30.33 -14.39
N PRO B 169 -30.60 -31.00 -13.22
CA PRO B 169 -30.05 -32.34 -13.04
C PRO B 169 -30.87 -33.41 -13.76
N ILE B 170 -30.20 -34.43 -14.27
CA ILE B 170 -30.91 -35.54 -14.90
C ILE B 170 -30.73 -36.71 -13.94
N SER B 171 -31.66 -37.65 -14.01
CA SER B 171 -31.63 -38.82 -13.14
C SER B 171 -30.65 -39.85 -13.65
N VAL B 172 -30.46 -40.90 -12.87
CA VAL B 172 -29.56 -41.97 -13.26
C VAL B 172 -30.18 -42.78 -14.41
N GLN B 173 -31.51 -42.79 -14.50
CA GLN B 173 -32.24 -43.48 -15.55
C GLN B 173 -31.96 -42.77 -16.89
N GLU B 174 -32.06 -41.44 -16.88
CA GLU B 174 -31.81 -40.64 -18.06
C GLU B 174 -30.33 -40.74 -18.45
N ALA B 175 -29.44 -40.66 -17.47
CA ALA B 175 -28.01 -40.76 -17.72
C ALA B 175 -27.70 -42.10 -18.40
N SER B 176 -28.39 -43.14 -17.96
CA SER B 176 -28.19 -44.47 -18.51
C SER B 176 -28.69 -44.50 -19.96
N GLU B 177 -29.90 -44.00 -20.19
CA GLU B 177 -30.47 -43.98 -21.53
C GLU B 177 -29.63 -43.13 -22.49
N TRP B 178 -29.02 -42.07 -21.97
CA TRP B 178 -28.20 -41.17 -22.80
C TRP B 178 -26.79 -41.66 -23.07
N GLY B 179 -26.32 -42.61 -22.26
CA GLY B 179 -24.97 -43.11 -22.46
C GLY B 179 -23.94 -42.56 -21.50
N LEU B 180 -24.36 -41.79 -20.50
CA LEU B 180 -23.42 -41.23 -19.53
C LEU B 180 -22.93 -42.28 -18.55
N ILE B 181 -23.80 -43.25 -18.27
CA ILE B 181 -23.50 -44.34 -17.34
C ILE B 181 -23.65 -45.68 -18.04
N ASP B 182 -22.71 -46.58 -17.82
CA ASP B 182 -22.74 -47.89 -18.45
C ASP B 182 -23.76 -48.83 -17.83
N ALA B 183 -23.96 -48.71 -16.52
CA ALA B 183 -24.91 -49.54 -15.77
C ALA B 183 -25.16 -48.99 -14.37
N PHE B 184 -26.37 -49.21 -13.87
CA PHE B 184 -26.68 -48.77 -12.52
C PHE B 184 -27.54 -49.82 -11.83
N ASP B 185 -27.66 -49.68 -10.51
CA ASP B 185 -28.43 -50.61 -9.69
C ASP B 185 -28.47 -50.09 -8.27
N ALA B 186 -29.55 -50.40 -7.57
CA ALA B 186 -29.71 -49.98 -6.17
C ALA B 186 -28.51 -50.42 -5.32
N GLU B 187 -28.00 -51.62 -5.59
CA GLU B 187 -26.86 -52.13 -4.88
C GLU B 187 -25.64 -52.00 -5.80
N SER B 188 -25.08 -50.80 -5.86
CA SER B 188 -23.95 -50.57 -6.74
C SER B 188 -22.68 -51.31 -6.34
N ASP B 189 -22.53 -51.64 -5.07
CA ASP B 189 -21.34 -52.38 -4.64
C ASP B 189 -21.31 -53.76 -5.30
N VAL B 190 -22.47 -54.40 -5.40
CA VAL B 190 -22.55 -55.71 -6.04
C VAL B 190 -22.30 -55.52 -7.55
N LEU B 191 -22.91 -54.49 -8.14
CA LEU B 191 -22.73 -54.20 -9.55
C LEU B 191 -21.24 -54.00 -9.80
N LEU B 192 -20.58 -53.30 -8.89
CA LEU B 192 -19.15 -53.05 -9.01
C LEU B 192 -18.33 -54.34 -9.00
N ARG B 193 -18.59 -55.20 -8.02
CA ARG B 193 -17.88 -56.47 -7.93
C ARG B 193 -18.08 -57.30 -9.19
N LYS B 194 -19.28 -57.22 -9.75
CA LYS B 194 -19.62 -57.96 -10.96
C LYS B 194 -18.72 -57.53 -12.13
N HIS B 195 -18.41 -56.25 -12.20
CA HIS B 195 -17.55 -55.72 -13.25
C HIS B 195 -16.08 -56.05 -12.96
N LEU B 196 -15.70 -55.99 -11.69
CA LEU B 196 -14.32 -56.26 -11.31
C LEU B 196 -13.99 -57.72 -11.56
N LEU B 197 -15.00 -58.56 -11.43
CA LEU B 197 -14.83 -59.99 -11.65
C LEU B 197 -14.46 -60.24 -13.11
N ARG B 198 -15.31 -59.79 -14.03
CA ARG B 198 -15.04 -59.99 -15.44
C ARG B 198 -13.74 -59.33 -15.84
N LEU B 199 -13.46 -58.16 -15.27
CA LEU B 199 -12.24 -57.43 -15.58
C LEU B 199 -11.01 -58.16 -15.04
N ARG B 200 -11.22 -59.13 -14.15
CA ARG B 200 -10.12 -59.92 -13.61
C ARG B 200 -9.55 -60.83 -14.72
N ARG B 201 -10.43 -61.29 -15.62
CA ARG B 201 -10.05 -62.16 -16.73
C ARG B 201 -9.15 -61.46 -17.76
N LEU B 202 -8.70 -60.26 -17.48
CA LEU B 202 -7.85 -59.53 -18.41
C LEU B 202 -6.48 -59.28 -17.81
N ASN B 203 -5.48 -58.99 -18.63
CA ASN B 203 -4.15 -58.70 -18.09
C ASN B 203 -3.71 -57.30 -18.50
N LYS B 204 -2.79 -56.73 -17.74
CA LYS B 204 -2.30 -55.38 -17.98
C LYS B 204 -1.83 -55.07 -19.39
N LYS B 205 -1.05 -55.97 -19.99
CA LYS B 205 -0.54 -55.75 -21.35
C LYS B 205 -1.66 -55.63 -22.39
N GLY B 206 -2.65 -56.51 -22.32
CA GLY B 206 -3.74 -56.44 -23.28
C GLY B 206 -4.52 -55.14 -23.14
N ILE B 207 -4.82 -54.78 -21.90
CA ILE B 207 -5.53 -53.55 -21.59
C ILE B 207 -4.78 -52.31 -22.12
N ALA B 208 -3.50 -52.21 -21.80
CA ALA B 208 -2.68 -51.09 -22.23
C ALA B 208 -2.66 -50.94 -23.75
N HIS B 209 -2.38 -52.02 -24.46
CA HIS B 209 -2.33 -51.93 -25.91
C HIS B 209 -3.70 -51.58 -26.49
N TYR B 210 -4.75 -52.23 -25.98
CA TYR B 210 -6.08 -51.94 -26.48
C TYR B 210 -6.43 -50.47 -26.31
N LYS B 211 -6.17 -49.92 -25.13
CA LYS B 211 -6.50 -48.53 -24.88
C LYS B 211 -5.63 -47.55 -25.67
N GLN B 212 -4.37 -47.91 -25.93
CA GLN B 212 -3.51 -47.03 -26.72
C GLN B 212 -4.08 -47.02 -28.14
N PHE B 213 -4.52 -48.18 -28.60
CA PHE B 213 -5.11 -48.26 -29.93
C PHE B 213 -6.32 -47.34 -29.99
N SER B 215 -6.99 -44.89 -28.35
CA SER B 215 -6.55 -43.52 -28.28
C SER B 215 -6.07 -43.05 -29.66
N SER B 216 -5.33 -43.92 -30.34
CA SER B 216 -4.81 -43.61 -31.68
C SER B 216 -5.96 -43.27 -32.62
N LEU B 217 -7.06 -43.99 -32.45
CA LEU B 217 -8.26 -43.80 -33.27
C LEU B 217 -9.03 -42.53 -32.99
N ASP B 218 -9.17 -42.16 -31.72
CA ASP B 218 -9.92 -40.95 -31.36
C ASP B 218 -9.02 -39.85 -30.83
N HIS B 219 -8.90 -38.78 -31.60
CA HIS B 219 -8.07 -37.67 -31.18
C HIS B 219 -8.93 -36.51 -30.69
N GLN B 220 -10.25 -36.60 -30.89
CA GLN B 220 -11.16 -35.53 -30.50
C GLN B 220 -10.89 -34.94 -29.11
N VAL B 221 -10.62 -35.78 -28.11
CA VAL B 221 -10.37 -35.28 -26.75
C VAL B 221 -9.04 -34.59 -26.70
N SER B 222 -8.01 -35.27 -27.21
CA SER B 222 -6.66 -34.73 -27.26
C SER B 222 -6.63 -33.38 -28.01
N ARG B 223 -7.26 -33.34 -29.18
CA ARG B 223 -7.31 -32.15 -30.01
C ARG B 223 -7.99 -30.95 -29.38
N ALA B 224 -9.03 -31.21 -28.58
CA ALA B 224 -9.78 -30.14 -27.94
C ALA B 224 -9.11 -29.54 -26.70
N LYS B 225 -8.04 -30.15 -26.21
CA LYS B 225 -7.38 -29.65 -25.00
C LYS B 225 -7.12 -28.14 -24.97
N ALA B 226 -6.42 -27.63 -25.98
CA ALA B 226 -6.07 -26.21 -26.05
C ALA B 226 -7.25 -25.28 -26.06
N THR B 227 -8.27 -25.60 -26.85
CA THR B 227 -9.44 -24.75 -26.88
C THR B 227 -10.15 -24.70 -25.53
N ALA B 228 -10.24 -25.86 -24.86
CA ALA B 228 -10.92 -25.93 -23.57
C ALA B 228 -10.18 -25.12 -22.51
N LEU B 229 -8.86 -25.26 -22.49
CA LEU B 229 -8.04 -24.57 -21.51
C LEU B 229 -8.11 -23.06 -21.70
N THR B 230 -8.14 -22.63 -22.95
CA THR B 230 -8.24 -21.22 -23.26
C THR B 230 -9.61 -20.72 -22.80
N ALA B 231 -10.63 -21.52 -23.05
CA ALA B 231 -11.99 -21.17 -22.65
C ALA B 231 -12.10 -21.06 -21.15
N ASN B 232 -11.51 -22.02 -20.45
CA ASN B 232 -11.57 -22.02 -19.01
C ASN B 232 -11.03 -20.68 -18.51
N GLN B 233 -9.88 -20.29 -19.06
CA GLN B 233 -9.25 -19.02 -18.68
C GLN B 233 -10.15 -17.80 -18.89
N ASP B 234 -10.53 -17.57 -20.14
CA ASP B 234 -11.36 -16.43 -20.48
C ASP B 234 -12.53 -16.21 -19.55
N PHE B 236 -13.15 -17.63 -16.37
CA PHE B 236 -12.84 -17.42 -14.97
C PHE B 236 -12.04 -16.15 -14.75
N SER B 237 -11.83 -15.40 -15.81
CA SER B 237 -11.08 -14.16 -15.73
C SER B 237 -11.94 -12.99 -16.22
N ASP B 238 -13.23 -13.25 -16.40
CA ASP B 238 -14.18 -12.22 -16.82
C ASP B 238 -14.60 -11.54 -15.53
N PRO B 239 -14.51 -10.20 -15.47
CA PRO B 239 -14.89 -9.44 -14.28
C PRO B 239 -16.31 -9.70 -13.79
N GLN B 240 -17.29 -9.58 -14.70
CA GLN B 240 -18.70 -9.80 -14.36
C GLN B 240 -19.02 -11.23 -13.97
N ASN B 241 -18.19 -12.18 -14.39
CA ASN B 241 -18.44 -13.57 -14.02
C ASN B 241 -17.92 -13.73 -12.60
N GLN B 242 -16.82 -13.07 -12.30
CA GLN B 242 -16.28 -13.16 -10.95
C GLN B 242 -17.26 -12.48 -9.99
N GLY B 244 -20.33 -12.37 -10.28
CA GLY B 244 -21.42 -13.31 -10.11
C GLY B 244 -21.18 -14.34 -9.02
N ILE B 245 -19.99 -14.92 -8.99
CA ILE B 245 -19.71 -15.93 -7.96
C ILE B 245 -19.58 -15.26 -6.60
N ILE B 246 -19.04 -14.05 -6.56
CA ILE B 246 -18.88 -13.33 -5.30
C ILE B 246 -20.26 -13.13 -4.68
N ARG B 247 -21.22 -12.70 -5.49
CA ARG B 247 -22.58 -12.47 -5.03
C ARG B 247 -23.27 -13.77 -4.59
N TYR B 248 -22.98 -14.88 -5.28
CA TYR B 248 -23.59 -16.15 -4.92
C TYR B 248 -23.07 -16.65 -3.57
N VAL B 249 -21.75 -16.70 -3.44
CA VAL B 249 -21.16 -17.16 -2.21
C VAL B 249 -21.72 -16.37 -1.04
N GLU B 250 -22.12 -15.14 -1.32
CA GLU B 250 -22.68 -14.27 -0.31
C GLU B 250 -24.22 -14.26 -0.28
N THR B 251 -24.87 -14.73 -1.35
CA THR B 251 -26.33 -14.77 -1.42
C THR B 251 -26.86 -15.84 -2.39
N GLY B 252 -27.61 -15.42 -3.42
CA GLY B 252 -28.16 -16.35 -4.41
C GLY B 252 -27.60 -16.24 -5.82
N GLN B 253 -28.34 -16.75 -6.80
CA GLN B 253 -27.93 -16.72 -8.22
C GLN B 253 -28.03 -15.33 -8.88
N PHE B 254 -27.83 -15.28 -10.19
CA PHE B 254 -27.88 -14.03 -10.95
C PHE B 254 -29.26 -13.57 -11.33
N PRO B 255 -30.02 -14.41 -12.07
CA PRO B 255 -31.36 -13.99 -12.44
C PRO B 255 -32.14 -13.48 -11.23
N THR C 5 36.58 5.00 14.11
CA THR C 5 37.52 6.12 14.35
C THR C 5 36.98 7.47 13.92
N TYR C 6 35.65 7.58 13.88
CA TYR C 6 34.95 8.82 13.54
C TYR C 6 34.78 9.14 12.06
N GLN C 7 33.54 9.35 11.64
CA GLN C 7 33.24 9.68 10.26
C GLN C 7 32.96 11.19 10.12
N THR C 8 32.72 11.84 11.26
CA THR C 8 32.41 13.27 11.27
C THR C 8 33.42 14.14 12.00
N ILE C 9 34.26 13.54 12.86
CA ILE C 9 35.24 14.32 13.59
C ILE C 9 36.65 13.74 13.64
N LYS C 10 37.63 14.61 13.85
CA LYS C 10 39.03 14.21 13.97
C LYS C 10 39.37 14.54 15.42
N VAL C 11 39.94 13.58 16.12
CA VAL C 11 40.31 13.81 17.51
C VAL C 11 41.80 13.56 17.71
N ARG C 12 42.41 14.41 18.52
CA ARG C 12 43.83 14.28 18.82
C ARG C 12 44.12 14.83 20.22
N PHE C 13 45.10 14.24 20.89
CA PHE C 13 45.44 14.66 22.22
C PHE C 13 46.88 15.16 22.27
N GLN C 14 47.10 16.15 23.12
CA GLN C 14 48.42 16.71 23.29
C GLN C 14 48.41 17.10 24.76
N ALA C 15 49.17 16.37 25.55
CA ALA C 15 49.21 16.59 26.99
C ALA C 15 47.79 16.58 27.56
N SER C 16 47.51 17.57 28.43
CA SER C 16 46.21 17.69 29.07
C SER C 16 45.07 18.30 28.25
N VAL C 17 45.30 18.56 26.96
CA VAL C 17 44.22 19.12 26.18
C VAL C 17 43.84 18.24 25.00
N CYS C 18 42.53 18.11 24.78
CA CYS C 18 42.00 17.31 23.70
C CYS C 18 41.40 18.23 22.64
N TYR C 19 41.69 17.94 21.38
CA TYR C 19 41.17 18.76 20.27
C TYR C 19 40.16 17.94 19.49
N ILE C 20 38.97 18.50 19.33
CA ILE C 20 37.93 17.84 18.55
C ILE C 20 37.72 18.77 17.36
N THR C 21 37.86 18.21 16.16
CA THR C 21 37.72 19.00 14.95
C THR C 21 36.52 18.52 14.14
N PHE C 22 35.50 19.38 14.04
CA PHE C 22 34.33 19.02 13.25
C PHE C 22 34.83 18.87 11.83
N HIS C 23 34.66 17.68 11.24
CA HIS C 23 35.14 17.45 9.88
C HIS C 23 34.11 16.85 8.93
N ARG C 24 33.23 17.73 8.41
CA ARG C 24 32.21 17.32 7.44
C ARG C 24 32.24 18.33 6.31
N PRO C 25 33.36 18.39 5.58
CA PRO C 25 33.55 19.30 4.45
C PRO C 25 32.45 19.10 3.43
N GLU C 26 32.29 17.84 3.03
CA GLU C 26 31.27 17.47 2.05
C GLU C 26 29.88 17.62 2.65
N ALA C 27 29.65 18.71 3.39
CA ALA C 27 28.35 18.93 4.03
C ALA C 27 28.29 20.24 4.83
N ASN C 28 29.31 21.07 4.66
CA ASN C 28 29.44 22.37 5.32
C ASN C 28 29.44 22.33 6.86
N ASN C 29 30.00 21.25 7.43
CA ASN C 29 30.07 21.12 8.89
C ASN C 29 28.70 21.25 9.57
N THR C 30 27.66 20.75 8.91
CA THR C 30 26.32 20.80 9.48
C THR C 30 26.22 19.74 10.58
N ILE C 31 25.32 19.96 11.53
CA ILE C 31 25.17 19.03 12.64
C ILE C 31 24.51 17.72 12.22
N ASN C 32 24.94 16.64 12.83
CA ASN C 32 24.45 15.32 12.50
C ASN C 32 24.36 14.43 13.74
N ASP C 33 23.55 13.38 13.66
CA ASP C 33 23.39 12.46 14.79
C ASP C 33 24.69 11.75 15.12
N THR C 34 25.42 11.36 14.08
CA THR C 34 26.69 10.68 14.26
C THR C 34 27.65 11.67 14.91
N LEU C 35 27.57 12.93 14.50
CA LEU C 35 28.43 13.95 15.06
C LEU C 35 28.21 14.06 16.57
N ILE C 36 26.95 14.20 16.96
CA ILE C 36 26.57 14.31 18.36
C ILE C 36 27.03 13.10 19.17
N GLU C 37 26.92 11.93 18.58
CA GLU C 37 27.33 10.70 19.22
C GLU C 37 28.84 10.53 19.37
N GLU C 38 29.59 11.03 18.39
CA GLU C 38 31.03 10.91 18.47
C GLU C 38 31.60 11.91 19.47
N CYS C 39 31.12 13.16 19.41
CA CYS C 39 31.57 14.17 20.35
C CYS C 39 31.28 13.64 21.77
N LEU C 40 30.04 13.21 21.97
CA LEU C 40 29.64 12.68 23.27
C LEU C 40 30.59 11.59 23.74
N GLN C 41 30.96 10.70 22.82
CA GLN C 41 31.85 9.60 23.13
C GLN C 41 33.21 10.06 23.65
N VAL C 42 33.83 11.01 22.97
CA VAL C 42 35.12 11.50 23.41
C VAL C 42 35.02 12.29 24.72
N LEU C 43 33.96 13.07 24.88
CA LEU C 43 33.81 13.82 26.11
C LEU C 43 33.76 12.84 27.27
N ASN C 44 33.24 11.65 27.02
CA ASN C 44 33.14 10.64 28.06
C ASN C 44 34.48 10.02 28.40
N GLN C 45 35.34 9.84 27.40
CA GLN C 45 36.68 9.32 27.64
C GLN C 45 37.29 10.38 28.53
N CYS C 46 37.30 11.63 28.07
CA CYS C 46 37.78 12.73 28.89
C CYS C 46 36.78 12.63 30.01
N GLU C 47 37.00 13.35 31.12
CA GLU C 47 36.07 13.29 32.26
C GLU C 47 36.68 12.29 33.23
N THR C 48 37.17 11.18 32.68
CA THR C 48 37.79 10.14 33.47
C THR C 48 39.32 10.13 33.31
N SER C 49 39.81 10.79 32.26
CA SER C 49 41.26 10.84 31.99
C SER C 49 41.94 12.06 32.59
N THR C 50 43.15 12.36 32.11
CA THR C 50 43.90 13.51 32.62
C THR C 50 43.53 14.80 31.91
N VAL C 51 42.82 14.67 30.79
CA VAL C 51 42.39 15.85 30.04
C VAL C 51 41.76 16.87 30.96
N THR C 52 42.18 18.12 30.78
CA THR C 52 41.70 19.23 31.57
C THR C 52 41.08 20.33 30.69
N VAL C 53 41.32 20.23 29.38
CA VAL C 53 40.81 21.20 28.41
C VAL C 53 40.38 20.48 27.12
N VAL C 54 39.24 20.90 26.58
CA VAL C 54 38.74 20.32 25.33
C VAL C 54 38.52 21.47 24.36
N VAL C 55 39.17 21.40 23.21
CA VAL C 55 39.03 22.45 22.22
C VAL C 55 38.20 21.96 21.05
N LEU C 56 37.28 22.80 20.59
CA LEU C 56 36.43 22.46 19.44
C LEU C 56 36.88 23.35 18.30
N GLU C 57 37.19 22.72 17.17
CA GLU C 57 37.63 23.45 16.00
C GLU C 57 36.81 23.00 14.79
N GLY C 58 36.74 23.87 13.80
CA GLY C 58 36.01 23.55 12.59
C GLY C 58 36.93 23.69 11.39
N LEU C 59 36.37 23.99 10.23
CA LEU C 59 37.17 24.17 9.03
C LEU C 59 37.47 25.67 8.90
N PRO C 60 38.57 26.03 8.22
CA PRO C 60 38.98 27.43 8.01
C PRO C 60 37.89 28.44 7.69
N GLU C 61 36.84 27.98 7.04
CA GLU C 61 35.77 28.88 6.62
C GLU C 61 34.39 28.56 7.18
N VAL C 62 34.31 27.53 8.02
CA VAL C 62 33.06 27.13 8.65
C VAL C 62 33.33 26.36 9.93
N PHE C 63 32.81 26.88 11.04
CA PHE C 63 32.97 26.24 12.34
C PHE C 63 31.92 25.15 12.47
N CYS C 64 30.67 25.58 12.42
CA CYS C 64 29.52 24.68 12.48
C CYS C 64 28.34 25.45 11.90
N PHE C 65 27.73 24.90 10.85
CA PHE C 65 26.63 25.56 10.16
C PHE C 65 25.23 25.17 10.62
N GLY C 66 25.14 24.28 11.61
CA GLY C 66 23.85 23.88 12.12
C GLY C 66 23.19 22.66 11.47
N ALA C 67 21.89 22.51 11.72
CA ALA C 67 21.11 21.40 11.19
C ALA C 67 21.25 21.21 9.67
N ASP C 68 21.38 19.95 9.27
CA ASP C 68 21.54 19.56 7.87
C ASP C 68 20.21 19.63 7.13
N PHE C 69 19.95 20.73 6.42
CA PHE C 69 18.70 20.88 5.69
C PHE C 69 18.49 19.85 4.60
N GLN C 70 19.57 19.50 3.90
CA GLN C 70 19.47 18.49 2.84
C GLN C 70 19.16 17.14 3.44
N GLU C 71 19.70 16.90 4.62
CA GLU C 71 19.47 15.63 5.31
C GLU C 71 18.05 15.60 5.87
N ILE C 72 17.55 16.75 6.31
CA ILE C 72 16.19 16.79 6.84
C ILE C 72 15.23 16.60 5.68
N TYR C 73 15.55 17.20 4.54
CA TYR C 73 14.72 17.08 3.34
C TYR C 73 14.63 15.62 2.93
N GLN C 74 15.76 14.92 3.06
CA GLN C 74 15.83 13.51 2.73
C GLN C 74 15.14 12.64 3.77
N GLU C 75 14.82 13.22 4.93
CA GLU C 75 14.15 12.45 5.97
C GLU C 75 12.65 12.69 5.84
N LYS C 77 11.32 13.42 2.85
CA LYS C 77 11.12 12.58 1.68
C LYS C 77 11.76 11.31 2.23
N ARG C 78 11.01 10.22 2.29
CA ARG C 78 11.48 8.94 2.85
C ARG C 78 10.27 8.66 3.72
N GLY C 79 10.36 7.67 4.58
CA GLY C 79 9.25 7.39 5.45
C GLY C 79 8.90 8.66 6.22
N ARG C 80 9.48 8.72 7.41
CA ARG C 80 9.37 9.80 8.40
C ARG C 80 8.71 11.13 8.06
N LYS C 81 8.57 11.95 9.11
CA LYS C 81 8.02 13.30 9.07
C LYS C 81 7.46 13.61 10.45
N GLN C 82 8.15 13.01 11.43
CA GLN C 82 7.89 13.11 12.86
C GLN C 82 9.29 13.38 13.46
N ALA C 83 9.54 14.65 13.76
CA ALA C 83 10.82 15.14 14.29
C ALA C 83 11.62 14.21 15.21
N SER C 84 12.94 14.25 15.03
CA SER C 84 13.86 13.45 15.83
C SER C 84 14.01 14.18 17.17
N SER C 85 14.37 13.47 18.24
CA SER C 85 14.51 14.13 19.55
C SER C 85 15.86 14.85 19.55
N GLN C 86 15.91 16.03 20.15
CA GLN C 86 17.16 16.79 20.21
C GLN C 86 17.84 16.66 21.58
N GLU C 87 17.31 15.78 22.41
CA GLU C 87 17.84 15.55 23.76
C GLU C 87 19.36 15.31 23.77
N PRO C 88 19.85 14.45 22.87
CA PRO C 88 21.29 14.19 22.83
C PRO C 88 22.09 15.44 22.50
N LEU C 89 21.55 16.27 21.61
CA LEU C 89 22.25 17.50 21.27
C LEU C 89 22.22 18.46 22.46
N TYR C 90 21.07 18.58 23.11
CA TYR C 90 20.94 19.48 24.26
C TYR C 90 21.84 19.02 25.40
N ASP C 91 21.89 17.72 25.65
CA ASP C 91 22.72 17.18 26.72
C ASP C 91 24.22 17.32 26.41
N LEU C 92 24.59 17.18 25.14
CA LEU C 92 25.98 17.34 24.73
C LEU C 92 26.40 18.76 25.09
N TRP C 93 25.62 19.74 24.66
CA TRP C 93 25.97 21.12 24.95
C TRP C 93 26.07 21.33 26.46
N LYS C 95 26.88 19.11 28.69
CA LYS C 95 28.10 18.44 29.10
C LYS C 95 29.26 19.42 28.92
N LEU C 96 29.20 20.22 27.86
CA LEU C 96 30.23 21.22 27.60
C LEU C 96 30.39 22.20 28.76
N GLN C 97 29.28 22.59 29.38
CA GLN C 97 29.32 23.54 30.49
C GLN C 97 29.48 22.85 31.83
N THR C 98 29.19 21.56 31.85
CA THR C 98 29.18 20.74 33.05
C THR C 98 30.34 19.77 33.28
N GLY C 99 30.99 19.33 32.22
CA GLY C 99 32.07 18.37 32.32
C GLY C 99 33.25 18.82 33.18
N PRO C 100 34.06 17.86 33.67
CA PRO C 100 35.23 18.15 34.50
C PRO C 100 36.46 18.50 33.63
N TYR C 101 36.31 19.59 32.88
CA TYR C 101 37.34 20.09 31.99
C TYR C 101 36.81 21.43 31.49
N VAL C 102 37.73 22.30 31.06
CA VAL C 102 37.32 23.59 30.52
C VAL C 102 37.13 23.37 29.02
N THR C 103 35.98 23.75 28.49
CA THR C 103 35.72 23.57 27.07
C THR C 103 35.92 24.89 26.33
N ILE C 104 36.63 24.82 25.21
CA ILE C 104 36.91 26.01 24.44
C ILE C 104 36.47 25.86 22.99
N SER C 105 35.78 26.87 22.49
CA SER C 105 35.35 26.91 21.12
C SER C 105 36.35 27.81 20.38
N HIS C 106 37.10 27.23 19.43
CA HIS C 106 38.05 28.03 18.65
C HIS C 106 37.36 28.28 17.31
N VAL C 107 36.80 29.48 17.18
CA VAL C 107 36.03 29.84 16.01
C VAL C 107 36.69 30.65 14.91
N ARG C 108 36.68 30.06 13.72
CA ARG C 108 37.20 30.67 12.50
C ARG C 108 36.07 30.49 11.49
N GLY C 109 35.78 31.51 10.72
CA GLY C 109 34.75 31.36 9.71
C GLY C 109 33.30 31.52 10.11
N LYS C 110 32.43 30.99 9.27
CA LYS C 110 30.99 31.07 9.45
C LYS C 110 30.42 30.18 10.53
N VAL C 111 29.52 30.78 11.31
CA VAL C 111 28.82 30.06 12.38
C VAL C 111 27.35 30.38 12.14
N ASN C 112 26.51 29.35 12.14
CA ASN C 112 25.10 29.57 11.86
C ASN C 112 24.19 28.62 12.63
N ALA C 113 23.03 29.15 13.02
CA ALA C 113 22.02 28.41 13.75
C ALA C 113 22.62 27.55 14.86
N GLY C 114 22.53 26.23 14.72
CA GLY C 114 23.05 25.32 15.71
C GLY C 114 24.52 25.44 16.06
N GLY C 115 25.33 25.97 15.16
CA GLY C 115 26.75 26.11 15.44
C GLY C 115 26.89 27.03 16.63
N LEU C 116 25.96 27.98 16.71
CA LEU C 116 25.96 28.94 17.81
C LEU C 116 25.79 28.21 19.14
N GLY C 117 25.19 27.02 19.09
CA GLY C 117 25.00 26.26 20.30
C GLY C 117 26.34 25.80 20.85
N PHE C 118 27.19 25.30 19.96
CA PHE C 118 28.51 24.83 20.35
C PHE C 118 29.31 26.01 20.89
N VAL C 119 29.27 27.13 20.19
CA VAL C 119 30.02 28.31 20.60
C VAL C 119 29.55 28.83 21.96
N SER C 120 28.24 28.95 22.13
CA SER C 120 27.64 29.46 23.37
C SER C 120 27.83 28.55 24.58
N ALA C 121 27.79 27.25 24.34
CA ALA C 121 27.89 26.24 25.39
C ALA C 121 29.27 26.04 25.96
N THR C 122 30.32 26.28 25.16
CA THR C 122 31.66 26.10 25.70
C THR C 122 31.92 27.12 26.79
N ASP C 123 32.75 26.74 27.76
CA ASP C 123 33.13 27.62 28.86
C ASP C 123 33.74 28.89 28.28
N ILE C 124 34.55 28.71 27.25
CA ILE C 124 35.23 29.84 26.61
C ILE C 124 35.16 29.76 25.08
N ALA C 125 34.97 30.91 24.47
CA ALA C 125 34.90 31.00 23.02
C ALA C 125 35.85 32.06 22.52
N ILE C 126 36.72 31.67 21.59
CA ILE C 126 37.67 32.61 21.00
C ILE C 126 37.54 32.53 19.47
N ALA C 127 37.76 33.66 18.79
CA ALA C 127 37.62 33.72 17.34
C ALA C 127 38.79 34.43 16.65
N ASP C 128 38.82 34.36 15.32
CA ASP C 128 39.91 34.96 14.55
C ASP C 128 39.56 36.09 13.58
N GLN C 129 38.66 37.00 13.94
CA GLN C 129 38.37 38.11 13.03
C GLN C 129 37.66 37.74 11.72
N THR C 130 37.74 36.48 11.34
CA THR C 130 37.10 36.03 10.12
C THR C 130 35.75 35.37 10.47
N ALA C 131 35.45 35.29 11.76
CA ALA C 131 34.20 34.67 12.23
C ALA C 131 32.98 35.56 12.06
N SER C 132 31.84 34.95 11.74
CA SER C 132 30.56 35.68 11.62
C SER C 132 29.50 34.74 12.21
N PHE C 133 28.47 35.32 12.81
CA PHE C 133 27.46 34.50 13.47
C PHE C 133 26.04 34.86 13.01
N SER C 134 25.21 33.85 12.79
CA SER C 134 23.84 34.13 12.36
C SER C 134 22.79 33.08 12.72
N LEU C 135 21.57 33.57 12.84
CA LEU C 135 20.39 32.76 13.13
C LEU C 135 19.39 33.16 12.06
N SER C 136 19.26 32.38 11.01
CA SER C 136 18.33 32.71 9.94
C SER C 136 17.04 31.88 9.91
N GLU C 137 17.01 30.81 10.70
CA GLU C 137 15.86 29.90 10.76
C GLU C 137 14.47 30.55 10.71
N LEU C 138 14.28 31.65 11.44
CA LEU C 138 12.99 32.31 11.50
C LEU C 138 12.39 32.60 10.12
N LEU C 139 13.22 32.63 9.08
CA LEU C 139 12.68 32.89 7.75
C LEU C 139 11.85 31.67 7.34
N PHE C 140 12.13 30.53 7.96
CA PHE C 140 11.41 29.31 7.68
C PHE C 140 10.37 29.01 8.75
N GLY C 141 10.09 29.99 9.60
CA GLY C 141 9.11 29.79 10.65
C GLY C 141 9.69 28.89 11.72
N LEU C 142 10.99 28.66 11.64
CA LEU C 142 11.68 27.85 12.62
C LEU C 142 12.45 28.83 13.50
N TYR C 143 12.91 28.37 14.66
CA TYR C 143 13.72 29.21 15.53
C TYR C 143 14.63 28.32 16.37
N PRO C 144 15.82 28.83 16.74
CA PRO C 144 16.79 28.07 17.53
C PRO C 144 16.43 27.78 19.00
N ALA C 145 15.41 26.95 19.20
CA ALA C 145 14.95 26.59 20.54
C ALA C 145 16.07 26.08 21.46
N CYS C 146 16.80 25.06 21.01
CA CYS C 146 17.88 24.44 21.79
C CYS C 146 19.11 25.33 22.01
N VAL C 147 19.36 26.22 21.06
CA VAL C 147 20.50 27.13 21.12
C VAL C 147 20.27 28.28 22.09
N LEU C 148 19.10 28.89 21.97
CA LEU C 148 18.72 30.05 22.77
C LEU C 148 19.07 30.04 24.25
N PRO C 149 18.75 28.98 24.98
CA PRO C 149 19.10 29.00 26.41
C PRO C 149 20.59 29.27 26.60
N PHE C 150 21.43 28.55 25.86
CA PHE C 150 22.88 28.74 25.95
C PHE C 150 23.30 30.13 25.47
N LEU C 151 22.68 30.60 24.39
CA LEU C 151 22.99 31.91 23.82
C LEU C 151 22.59 33.04 24.76
N ILE C 152 21.41 32.90 25.35
CA ILE C 152 20.85 33.88 26.27
C ILE C 152 21.75 34.09 27.48
N ARG C 153 22.26 32.99 28.03
CA ARG C 153 23.15 33.06 29.18
C ARG C 153 24.39 33.93 28.90
N ARG C 154 24.88 33.92 27.65
CA ARG C 154 26.05 34.72 27.30
C ARG C 154 25.75 36.16 26.90
N ILE C 155 24.75 36.37 26.05
CA ILE C 155 24.45 37.71 25.58
C ILE C 155 23.17 38.35 26.07
N GLY C 156 22.39 37.65 26.88
CA GLY C 156 21.14 38.23 27.37
C GLY C 156 19.98 38.03 26.41
N ARG C 157 18.76 38.20 26.91
CA ARG C 157 17.57 37.98 26.11
C ARG C 157 17.30 38.95 24.97
N GLN C 158 17.54 40.24 25.18
CA GLN C 158 17.28 41.19 24.10
C GLN C 158 18.18 40.96 22.88
N LYS C 159 19.48 40.87 23.12
CA LYS C 159 20.38 40.67 21.99
C LYS C 159 20.05 39.37 21.25
N ALA C 160 19.66 38.35 22.00
CA ALA C 160 19.33 37.08 21.39
C ALA C 160 18.04 37.22 20.58
N HIS C 161 17.14 38.06 21.12
CA HIS C 161 15.86 38.32 20.51
C HIS C 161 16.04 39.09 19.20
N TYR C 162 16.87 40.13 19.25
CA TYR C 162 17.17 40.94 18.08
C TYR C 162 17.81 40.12 16.98
N THR C 164 17.52 36.89 16.40
CA THR C 164 16.53 35.97 15.87
C THR C 164 15.50 36.63 14.95
N LEU C 165 15.07 37.82 15.32
CA LEU C 165 14.10 38.55 14.51
C LEU C 165 14.70 39.14 13.24
N THR C 167 17.60 38.03 11.56
CA THR C 167 18.19 37.05 10.66
C THR C 167 19.51 37.46 9.97
N LYS C 168 20.03 38.61 10.35
CA LYS C 168 21.27 39.08 9.74
C LYS C 168 22.49 38.57 10.52
N PRO C 169 23.56 38.18 9.81
CA PRO C 169 24.74 37.69 10.52
C PRO C 169 25.38 38.84 11.27
N ILE C 170 26.06 38.56 12.36
CA ILE C 170 26.74 39.62 13.09
C ILE C 170 28.25 39.42 12.94
N SER C 171 29.01 40.50 13.13
CA SER C 171 30.45 40.43 12.99
C SER C 171 31.09 39.92 14.30
N VAL C 172 32.33 39.50 14.21
CA VAL C 172 33.04 39.03 15.40
C VAL C 172 33.16 40.19 16.39
N GLN C 173 33.29 41.40 15.86
CA GLN C 173 33.40 42.60 16.70
C GLN C 173 32.18 42.71 17.61
N GLU C 174 31.01 42.53 17.01
CA GLU C 174 29.75 42.61 17.73
C GLU C 174 29.58 41.40 18.63
N ALA C 175 29.99 40.24 18.15
CA ALA C 175 29.91 39.02 18.93
C ALA C 175 30.68 39.29 20.22
N SER C 176 31.84 39.91 20.06
CA SER C 176 32.72 40.25 21.18
C SER C 176 32.09 41.28 22.11
N GLU C 177 31.45 42.30 21.55
CA GLU C 177 30.83 43.35 22.36
C GLU C 177 29.63 42.81 23.15
N TRP C 178 28.90 41.87 22.56
CA TRP C 178 27.73 41.29 23.20
C TRP C 178 28.05 40.20 24.20
N GLY C 179 29.25 39.62 24.12
CA GLY C 179 29.62 38.56 25.03
C GLY C 179 29.52 37.13 24.51
N LEU C 180 29.19 36.97 23.23
CA LEU C 180 29.08 35.64 22.62
C LEU C 180 30.49 35.06 22.51
N ILE C 181 31.44 35.94 22.23
CA ILE C 181 32.84 35.54 22.12
C ILE C 181 33.60 36.21 23.26
N ASP C 182 34.43 35.43 23.97
CA ASP C 182 35.23 35.97 25.08
C ASP C 182 36.46 36.78 24.62
N ALA C 183 37.12 36.30 23.57
CA ALA C 183 38.29 36.98 23.05
C ALA C 183 38.43 36.72 21.55
N PHE C 184 38.98 37.69 20.83
CA PHE C 184 39.17 37.53 19.41
C PHE C 184 40.38 38.31 18.95
N ASP C 185 40.99 37.84 17.87
CA ASP C 185 42.16 38.49 17.30
C ASP C 185 42.42 37.82 15.96
N ALA C 186 43.14 38.51 15.08
CA ALA C 186 43.49 37.96 13.77
C ALA C 186 44.39 36.75 13.99
N GLU C 187 45.29 36.86 14.97
CA GLU C 187 46.20 35.77 15.30
C GLU C 187 45.52 34.90 16.36
N SER C 188 44.46 34.20 15.99
CA SER C 188 43.78 33.39 16.99
C SER C 188 44.59 32.18 17.46
N ASP C 189 45.62 31.78 16.72
CA ASP C 189 46.44 30.67 17.18
C ASP C 189 47.15 31.04 18.48
N VAL C 190 47.75 32.23 18.52
CA VAL C 190 48.46 32.65 19.72
C VAL C 190 47.46 32.92 20.85
N LEU C 191 46.31 33.49 20.52
CA LEU C 191 45.28 33.80 21.51
C LEU C 191 44.88 32.50 22.21
N LEU C 192 44.70 31.44 21.43
CA LEU C 192 44.35 30.16 21.99
C LEU C 192 45.46 29.64 22.90
N ARG C 193 46.69 29.68 22.41
CA ARG C 193 47.84 29.19 23.18
C ARG C 193 48.03 29.97 24.48
N LYS C 194 47.67 31.26 24.46
CA LYS C 194 47.78 32.09 25.67
C LYS C 194 46.74 31.56 26.68
N HIS C 195 45.57 31.19 26.19
CA HIS C 195 44.52 30.66 27.05
C HIS C 195 44.94 29.32 27.64
N LEU C 196 45.52 28.48 26.80
CA LEU C 196 45.96 27.17 27.24
C LEU C 196 47.05 27.29 28.29
N LEU C 197 47.87 28.33 28.20
CA LEU C 197 48.94 28.53 29.17
C LEU C 197 48.38 28.84 30.56
N ARG C 198 47.35 29.66 30.63
CA ARG C 198 46.76 29.96 31.93
C ARG C 198 45.90 28.81 32.43
N LEU C 199 45.23 28.10 31.52
CA LEU C 199 44.35 26.99 31.92
C LEU C 199 45.15 25.77 32.37
N ARG C 200 46.38 25.69 31.90
CA ARG C 200 47.27 24.58 32.22
C ARG C 200 47.56 24.56 33.73
N ARG C 201 47.53 25.73 34.35
CA ARG C 201 47.81 25.89 35.77
C ARG C 201 46.70 25.32 36.66
N LEU C 202 45.58 24.94 36.07
CA LEU C 202 44.46 24.41 36.84
C LEU C 202 44.45 22.88 36.99
N ASN C 203 43.86 22.42 38.10
CA ASN C 203 43.76 21.00 38.41
C ASN C 203 42.33 20.52 38.12
N LYS C 204 42.20 19.30 37.61
CA LYS C 204 40.91 18.73 37.23
C LYS C 204 39.81 18.81 38.29
N LYS C 205 40.09 18.25 39.46
CA LYS C 205 39.11 18.26 40.52
C LYS C 205 38.72 19.69 40.91
N GLY C 206 39.67 20.60 40.75
CA GLY C 206 39.40 22.00 41.06
C GLY C 206 38.37 22.57 40.09
N ILE C 207 38.50 22.20 38.82
CA ILE C 207 37.58 22.66 37.77
C ILE C 207 36.22 22.01 37.94
N ALA C 208 36.23 20.70 38.17
CA ALA C 208 34.99 19.94 38.34
C ALA C 208 34.17 20.48 39.52
N HIS C 209 34.84 20.82 40.60
CA HIS C 209 34.14 21.34 41.77
C HIS C 209 33.63 22.75 41.50
N TYR C 210 34.39 23.53 40.75
CA TYR C 210 33.97 24.88 40.45
C TYR C 210 32.80 24.87 39.46
N LYS C 211 32.91 24.04 38.43
CA LYS C 211 31.84 23.96 37.43
C LYS C 211 30.58 23.35 38.02
N GLN C 212 30.71 22.48 39.00
CA GLN C 212 29.54 21.90 39.62
C GLN C 212 28.87 22.99 40.43
N PHE C 213 29.70 23.84 41.03
CA PHE C 213 29.19 24.94 41.83
C PHE C 213 28.41 25.91 40.95
N SER C 215 27.01 25.41 38.26
CA SER C 215 25.79 24.75 37.82
C SER C 215 24.74 24.83 38.92
N SER C 216 25.19 24.80 40.17
CA SER C 216 24.28 24.88 41.31
C SER C 216 23.67 26.25 41.47
N LEU C 217 24.40 27.28 41.03
CA LEU C 217 23.92 28.64 41.15
C LEU C 217 22.97 29.01 40.02
N ASP C 218 23.28 28.53 38.82
CA ASP C 218 22.51 28.86 37.64
C ASP C 218 21.89 27.65 36.93
N HIS C 219 20.55 27.61 36.96
CA HIS C 219 19.79 26.51 36.38
C HIS C 219 19.07 26.89 35.10
N GLN C 220 19.23 28.14 34.63
CA GLN C 220 18.52 28.56 33.44
C GLN C 220 18.60 27.61 32.25
N VAL C 221 19.79 27.08 31.96
CA VAL C 221 19.93 26.17 30.83
C VAL C 221 19.18 24.87 31.10
N SER C 222 19.42 24.30 32.28
CA SER C 222 18.77 23.05 32.68
C SER C 222 17.26 23.19 32.71
N ARG C 223 16.77 24.20 33.41
CA ARG C 223 15.34 24.43 33.51
C ARG C 223 14.67 24.59 32.15
N ALA C 224 15.36 25.18 31.18
CA ALA C 224 14.77 25.40 29.87
C ALA C 224 14.76 24.20 28.91
N LYS C 225 15.39 23.10 29.30
CA LYS C 225 15.47 21.94 28.42
C LYS C 225 14.14 21.37 27.93
N ALA C 226 13.24 21.03 28.84
CA ALA C 226 11.96 20.46 28.43
C ALA C 226 11.26 21.40 27.43
N THR C 227 11.16 22.67 27.77
CA THR C 227 10.52 23.65 26.92
C THR C 227 11.18 23.74 25.55
N ALA C 228 12.50 23.65 25.51
CA ALA C 228 13.23 23.73 24.24
C ALA C 228 12.98 22.52 23.32
N LEU C 229 13.09 21.32 23.86
CA LEU C 229 12.87 20.14 23.05
C LEU C 229 11.43 20.09 22.55
N THR C 230 10.51 20.62 23.35
CA THR C 230 9.11 20.63 22.97
C THR C 230 8.86 21.62 21.86
N ALA C 231 9.62 22.70 21.81
CA ALA C 231 9.44 23.66 20.73
C ALA C 231 10.07 23.14 19.45
N ASN C 232 11.28 22.59 19.58
CA ASN C 232 12.02 22.07 18.44
C ASN C 232 11.13 21.05 17.76
N GLN C 233 10.93 19.92 18.41
CA GLN C 233 10.01 18.91 17.90
C GLN C 233 8.76 19.74 18.07
N ASP C 234 8.06 20.07 16.99
CA ASP C 234 6.86 20.91 17.07
C ASP C 234 6.92 21.81 15.83
N PHE C 236 9.28 21.50 13.80
CA PHE C 236 9.78 20.60 12.75
C PHE C 236 8.79 19.53 12.34
N SER C 237 7.60 19.53 12.94
CA SER C 237 6.58 18.55 12.60
C SER C 237 5.42 19.28 11.92
N ASP C 238 5.42 20.60 12.07
CA ASP C 238 4.39 21.45 11.48
C ASP C 238 4.47 21.37 9.95
N PRO C 239 3.34 21.02 9.31
CA PRO C 239 3.21 20.88 7.85
C PRO C 239 3.67 22.05 6.99
N GLN C 240 3.26 23.27 7.34
CA GLN C 240 3.67 24.43 6.55
C GLN C 240 5.16 24.67 6.68
N ASN C 241 5.71 24.45 7.87
CA ASN C 241 7.13 24.67 8.05
C ASN C 241 7.88 23.67 7.18
N GLN C 242 7.39 22.43 7.15
CA GLN C 242 8.04 21.40 6.35
C GLN C 242 7.88 21.71 4.87
N GLY C 244 7.75 24.81 3.56
CA GLY C 244 8.68 25.87 3.23
C GLY C 244 10.10 25.36 3.05
N ILE C 245 10.45 24.33 3.80
CA ILE C 245 11.80 23.75 3.74
C ILE C 245 12.02 23.02 2.43
N ILE C 246 11.00 22.30 1.99
CA ILE C 246 11.06 21.55 0.75
C ILE C 246 11.09 22.51 -0.41
N ARG C 247 10.11 23.40 -0.47
CA ARG C 247 10.04 24.37 -1.55
C ARG C 247 11.37 25.11 -1.68
N TYR C 248 12.19 25.06 -0.65
CA TYR C 248 13.47 25.76 -0.68
C TYR C 248 14.65 24.88 -1.12
N VAL C 249 14.65 23.61 -0.73
CA VAL C 249 15.74 22.72 -1.11
C VAL C 249 15.65 22.40 -2.62
N GLU C 250 14.45 22.51 -3.16
CA GLU C 250 14.24 22.26 -4.58
C GLU C 250 14.21 23.60 -5.31
N THR C 251 14.28 24.69 -4.54
CA THR C 251 14.26 26.04 -5.10
C THR C 251 14.90 27.10 -4.20
N GLY C 252 14.17 28.19 -3.92
CA GLY C 252 14.70 29.24 -3.07
C GLY C 252 13.65 29.99 -2.24
N GLN C 253 14.07 30.38 -1.02
CA GLN C 253 13.31 31.13 0.02
C GLN C 253 11.85 31.57 -0.16
N PHE C 254 11.46 32.61 0.57
CA PHE C 254 10.09 33.13 0.50
C PHE C 254 9.75 34.27 1.45
N PRO C 255 10.60 35.31 1.58
CA PRO C 255 11.88 35.76 1.03
C PRO C 255 12.97 35.52 2.06
N THR D 5 -1.58 -22.37 2.23
CA THR D 5 -1.99 -22.74 3.61
C THR D 5 -1.15 -22.03 4.68
N TYR D 6 -1.59 -22.10 5.95
CA TYR D 6 -0.87 -21.44 7.04
C TYR D 6 -0.29 -22.41 8.05
N GLN D 7 -0.91 -22.55 9.22
CA GLN D 7 -0.45 -23.48 10.27
C GLN D 7 -0.42 -22.92 11.69
N THR D 8 -0.81 -21.65 11.86
CA THR D 8 -0.85 -21.03 13.17
C THR D 8 -2.09 -20.19 13.23
N ILE D 9 -2.64 -19.89 12.06
CA ILE D 9 -3.84 -19.08 11.95
C ILE D 9 -4.76 -19.64 10.88
N LYS D 10 -6.06 -19.41 11.03
CA LYS D 10 -7.05 -19.85 10.06
C LYS D 10 -7.67 -18.59 9.46
N VAL D 11 -7.37 -18.34 8.18
CA VAL D 11 -7.88 -17.17 7.50
C VAL D 11 -9.15 -17.45 6.70
N ARG D 12 -10.11 -16.53 6.79
CA ARG D 12 -11.38 -16.69 6.09
C ARG D 12 -12.01 -15.32 5.82
N PHE D 13 -12.16 -15.00 4.54
CA PHE D 13 -12.76 -13.74 4.14
C PHE D 13 -14.28 -13.90 4.05
N GLN D 14 -15.00 -12.82 4.34
CA GLN D 14 -16.46 -12.81 4.28
C GLN D 14 -16.87 -11.39 3.94
N ALA D 15 -17.09 -11.15 2.66
CA ALA D 15 -17.44 -9.83 2.18
C ALA D 15 -16.22 -8.95 2.42
N SER D 16 -16.43 -7.77 2.99
CA SER D 16 -15.33 -6.85 3.24
C SER D 16 -14.62 -7.15 4.56
N VAL D 17 -14.97 -8.28 5.19
CA VAL D 17 -14.34 -8.63 6.46
C VAL D 17 -13.38 -9.80 6.36
N CYS D 18 -12.23 -9.67 7.01
CA CYS D 18 -11.22 -10.72 7.00
C CYS D 18 -11.08 -11.25 8.43
N TYR D 19 -11.39 -12.53 8.62
CA TYR D 19 -11.29 -13.18 9.93
C TYR D 19 -10.00 -13.97 10.11
N ILE D 20 -9.14 -13.47 10.99
CA ILE D 20 -7.89 -14.15 11.29
C ILE D 20 -8.07 -14.86 12.63
N THR D 21 -7.85 -16.17 12.66
CA THR D 21 -8.02 -16.95 13.89
C THR D 21 -6.74 -17.57 14.40
N PHE D 22 -6.33 -17.18 15.60
CA PHE D 22 -5.13 -17.73 16.22
C PHE D 22 -5.42 -19.20 16.52
N HIS D 23 -4.67 -20.11 15.90
CA HIS D 23 -4.92 -21.54 16.11
C HIS D 23 -3.68 -22.29 16.56
N ARG D 24 -3.54 -22.45 17.86
CA ARG D 24 -2.41 -23.18 18.42
C ARG D 24 -2.93 -23.83 19.70
N PRO D 25 -3.94 -24.69 19.57
CA PRO D 25 -4.55 -25.41 20.71
C PRO D 25 -3.57 -26.14 21.62
N GLU D 26 -2.45 -26.60 21.05
CA GLU D 26 -1.46 -27.32 21.84
C GLU D 26 -0.48 -26.43 22.58
N ALA D 27 -0.42 -25.16 22.18
CA ALA D 27 0.49 -24.21 22.84
C ALA D 27 -0.33 -23.17 23.59
N ASN D 28 -1.64 -23.40 23.64
CA ASN D 28 -2.57 -22.49 24.30
C ASN D 28 -2.42 -21.07 23.73
N ASN D 29 -2.57 -20.96 22.41
CA ASN D 29 -2.49 -19.69 21.68
C ASN D 29 -1.41 -18.72 22.15
N THR D 30 -0.22 -19.24 22.41
CA THR D 30 0.91 -18.40 22.83
C THR D 30 1.50 -17.86 21.52
N ILE D 31 2.10 -16.67 21.54
CA ILE D 31 2.66 -16.11 20.32
C ILE D 31 3.92 -16.86 19.85
N ASN D 32 3.87 -17.35 18.61
CA ASN D 32 4.92 -18.13 17.97
C ASN D 32 6.06 -17.29 17.37
N ASP D 33 6.01 -17.08 16.06
CA ASP D 33 7.01 -16.27 15.33
C ASP D 33 6.62 -16.44 13.87
N THR D 34 6.15 -17.64 13.57
CA THR D 34 5.66 -18.02 12.26
C THR D 34 4.28 -17.38 12.28
N LEU D 35 3.69 -17.41 13.46
CA LEU D 35 2.36 -16.84 13.73
C LEU D 35 2.39 -15.38 13.35
N ILE D 36 3.47 -14.71 13.74
CA ILE D 36 3.64 -13.28 13.45
C ILE D 36 3.76 -13.07 11.95
N GLU D 37 4.61 -13.88 11.33
CA GLU D 37 4.82 -13.79 9.89
C GLU D 37 3.53 -14.03 9.12
N GLU D 38 2.77 -15.04 9.52
CA GLU D 38 1.54 -15.35 8.82
C GLU D 38 0.48 -14.26 8.98
N CYS D 39 0.53 -13.53 10.09
CA CYS D 39 -0.41 -12.44 10.33
C CYS D 39 -0.04 -11.24 9.47
N LEU D 40 1.25 -10.97 9.36
CA LEU D 40 1.69 -9.85 8.53
C LEU D 40 1.25 -10.05 7.08
N GLN D 41 1.47 -11.26 6.56
CA GLN D 41 1.08 -11.58 5.18
C GLN D 41 -0.41 -11.30 4.97
N VAL D 42 -1.24 -11.83 5.86
CA VAL D 42 -2.68 -11.63 5.77
C VAL D 42 -3.03 -10.14 5.78
N LEU D 43 -2.23 -9.35 6.48
CA LEU D 43 -2.47 -7.91 6.57
C LEU D 43 -2.11 -7.18 5.28
N ASN D 44 -1.06 -7.64 4.60
CA ASN D 44 -0.65 -7.02 3.34
C ASN D 44 -1.72 -7.30 2.27
N GLN D 45 -2.38 -8.43 2.38
CA GLN D 45 -3.43 -8.81 1.45
C GLN D 45 -4.57 -7.81 1.60
N CYS D 46 -4.89 -7.49 2.85
CA CYS D 46 -5.95 -6.54 3.17
C CYS D 46 -5.55 -5.10 2.87
N GLU D 47 -4.25 -4.85 2.80
CA GLU D 47 -3.71 -3.51 2.54
C GLU D 47 -4.35 -2.86 1.31
N THR D 48 -4.53 -3.65 0.26
CA THR D 48 -5.11 -3.14 -0.98
C THR D 48 -6.40 -3.83 -1.41
N SER D 49 -7.01 -4.62 -0.54
CA SER D 49 -8.25 -5.30 -0.88
C SER D 49 -9.47 -4.40 -0.74
N THR D 50 -10.63 -5.05 -0.67
CA THR D 50 -11.90 -4.38 -0.49
C THR D 50 -12.24 -4.65 0.97
N VAL D 51 -11.23 -5.09 1.71
CA VAL D 51 -11.36 -5.39 3.12
C VAL D 51 -11.49 -4.09 3.90
N THR D 52 -12.53 -4.02 4.72
CA THR D 52 -12.80 -2.83 5.50
C THR D 52 -12.49 -3.05 6.96
N VAL D 53 -12.60 -4.29 7.41
CA VAL D 53 -12.31 -4.60 8.78
C VAL D 53 -11.69 -5.99 8.89
N VAL D 54 -10.89 -6.18 9.92
CA VAL D 54 -10.23 -7.44 10.18
C VAL D 54 -10.60 -7.85 11.59
N VAL D 55 -11.03 -9.10 11.78
CA VAL D 55 -11.39 -9.58 13.11
C VAL D 55 -10.38 -10.59 13.61
N LEU D 56 -9.90 -10.39 14.84
CA LEU D 56 -8.94 -11.30 15.46
C LEU D 56 -9.67 -12.15 16.50
N GLU D 57 -9.55 -13.46 16.37
CA GLU D 57 -10.20 -14.39 17.29
C GLU D 57 -9.23 -15.48 17.72
N GLY D 58 -9.54 -16.11 18.85
CA GLY D 58 -8.70 -17.16 19.35
C GLY D 58 -9.58 -18.35 19.70
N LEU D 59 -9.11 -19.20 20.61
CA LEU D 59 -9.87 -20.36 21.04
C LEU D 59 -10.97 -19.95 22.01
N PRO D 60 -11.96 -20.83 22.22
CA PRO D 60 -13.09 -20.56 23.13
C PRO D 60 -12.64 -20.26 24.57
N GLU D 61 -11.51 -20.86 24.96
CA GLU D 61 -10.99 -20.68 26.31
C GLU D 61 -9.73 -19.81 26.41
N VAL D 62 -9.15 -19.43 25.29
CA VAL D 62 -7.94 -18.61 25.29
C VAL D 62 -7.72 -17.84 23.97
N PHE D 63 -7.68 -16.51 24.08
CA PHE D 63 -7.48 -15.66 22.92
C PHE D 63 -6.01 -15.72 22.48
N CYS D 64 -5.13 -15.41 23.41
CA CYS D 64 -3.69 -15.40 23.19
C CYS D 64 -3.00 -15.28 24.55
N PHE D 65 -2.00 -16.13 24.80
CA PHE D 65 -1.34 -16.08 26.08
C PHE D 65 -0.01 -15.36 26.13
N GLY D 66 0.53 -15.01 24.95
CA GLY D 66 1.79 -14.30 24.91
C GLY D 66 3.03 -15.14 24.63
N ALA D 67 4.18 -14.63 25.07
CA ALA D 67 5.46 -15.30 24.88
C ALA D 67 5.37 -16.79 25.15
N ASP D 68 5.89 -17.59 24.22
CA ASP D 68 5.89 -19.04 24.35
C ASP D 68 7.11 -19.46 25.17
N PHE D 69 6.95 -19.55 26.49
CA PHE D 69 8.03 -19.95 27.38
C PHE D 69 8.59 -21.31 26.98
N GLN D 70 7.68 -22.22 26.67
CA GLN D 70 8.03 -23.57 26.25
C GLN D 70 9.04 -23.47 25.11
N GLU D 71 8.69 -22.67 24.10
CA GLU D 71 9.53 -22.46 22.93
C GLU D 71 10.86 -21.79 23.24
N ILE D 72 10.86 -20.87 24.20
CA ILE D 72 12.08 -20.16 24.58
C ILE D 72 13.05 -21.12 25.28
N TYR D 73 12.48 -21.99 26.11
CA TYR D 73 13.27 -22.98 26.84
C TYR D 73 14.08 -23.78 25.82
N GLN D 74 13.37 -24.36 24.86
CA GLN D 74 14.01 -25.14 23.80
C GLN D 74 15.06 -24.30 23.10
N GLU D 75 14.72 -23.05 22.76
CA GLU D 75 15.66 -22.16 22.09
C GLU D 75 16.95 -22.03 22.89
N LYS D 77 18.09 -24.11 25.23
CA LYS D 77 18.72 -25.42 25.21
C LYS D 77 19.18 -25.76 23.81
N ARG D 78 20.04 -24.91 23.28
CA ARG D 78 20.63 -25.01 21.95
C ARG D 78 21.62 -23.85 21.92
N GLY D 79 22.09 -23.46 20.74
CA GLY D 79 23.00 -22.34 20.70
C GLY D 79 22.24 -21.13 21.23
N ARG D 80 21.33 -20.64 20.39
CA ARG D 80 20.46 -19.49 20.65
C ARG D 80 20.76 -18.73 21.93
N LYS D 81 21.66 -17.75 21.81
CA LYS D 81 22.05 -16.91 22.93
C LYS D 81 21.12 -15.72 22.88
N GLN D 82 21.66 -14.63 22.37
CA GLN D 82 20.96 -13.37 22.18
C GLN D 82 19.50 -13.65 21.80
N ALA D 83 18.56 -13.01 22.49
CA ALA D 83 17.13 -13.20 22.19
C ALA D 83 16.78 -12.43 20.92
N SER D 84 15.84 -12.96 20.14
CA SER D 84 15.42 -12.32 18.89
C SER D 84 14.88 -10.90 19.11
N SER D 85 14.84 -10.11 18.03
CA SER D 85 14.32 -8.76 18.13
C SER D 85 12.85 -8.85 17.75
N GLN D 86 11.98 -8.48 18.69
CA GLN D 86 10.54 -8.54 18.46
C GLN D 86 10.08 -7.45 17.50
N GLU D 87 11.01 -6.87 16.75
CA GLU D 87 10.69 -5.84 15.78
C GLU D 87 9.43 -6.22 15.00
N PRO D 88 9.39 -7.46 14.47
CA PRO D 88 8.23 -7.93 13.70
C PRO D 88 6.90 -7.87 14.47
N LEU D 89 6.93 -8.29 15.73
CA LEU D 89 5.74 -8.28 16.57
C LEU D 89 5.30 -6.84 16.85
N TYR D 90 6.27 -5.95 17.07
CA TYR D 90 5.92 -4.56 17.34
C TYR D 90 5.25 -3.93 16.14
N ASP D 91 5.83 -4.17 14.96
CA ASP D 91 5.29 -3.62 13.72
C ASP D 91 3.93 -4.21 13.43
N LEU D 92 3.77 -5.48 13.75
CA LEU D 92 2.50 -6.15 13.54
C LEU D 92 1.40 -5.42 14.33
N TRP D 93 1.68 -5.11 15.61
CA TRP D 93 0.68 -4.42 16.43
C TRP D 93 0.48 -2.98 15.94
N LYS D 95 0.75 -2.05 12.96
CA LYS D 95 0.02 -2.26 11.72
C LYS D 95 -1.47 -2.37 12.04
N LEU D 96 -1.80 -3.04 13.14
CA LEU D 96 -3.19 -3.17 13.54
C LEU D 96 -3.77 -1.78 13.85
N GLN D 97 -2.92 -0.88 14.33
CA GLN D 97 -3.35 0.49 14.66
C GLN D 97 -3.33 1.50 13.52
N THR D 98 -2.46 1.29 12.54
CA THR D 98 -2.35 2.23 11.43
C THR D 98 -2.90 1.74 10.08
N GLY D 99 -3.08 0.43 9.95
CA GLY D 99 -3.58 -0.11 8.70
C GLY D 99 -4.86 0.52 8.19
N PRO D 100 -5.13 0.42 6.88
CA PRO D 100 -6.34 0.98 6.25
C PRO D 100 -7.53 0.05 6.40
N TYR D 101 -7.91 -0.22 7.64
CA TYR D 101 -9.03 -1.09 7.97
C TYR D 101 -9.25 -1.03 9.47
N VAL D 102 -10.47 -1.33 9.92
CA VAL D 102 -10.79 -1.31 11.31
C VAL D 102 -10.48 -2.69 11.90
N THR D 103 -9.52 -2.74 12.82
CA THR D 103 -9.14 -4.01 13.43
C THR D 103 -9.95 -4.26 14.70
N ILE D 104 -10.37 -5.50 14.86
CA ILE D 104 -11.19 -5.88 16.00
C ILE D 104 -10.73 -7.15 16.67
N SER D 105 -10.63 -7.09 17.99
CA SER D 105 -10.28 -8.26 18.78
C SER D 105 -11.60 -8.77 19.35
N HIS D 106 -11.90 -10.03 19.07
CA HIS D 106 -13.11 -10.66 19.58
C HIS D 106 -12.56 -11.60 20.64
N VAL D 107 -12.46 -11.08 21.86
CA VAL D 107 -11.89 -11.80 22.98
C VAL D 107 -12.81 -12.70 23.80
N ARG D 108 -12.41 -13.97 23.90
CA ARG D 108 -13.15 -14.95 24.70
C ARG D 108 -12.08 -15.71 25.46
N GLY D 109 -12.35 -15.99 26.72
CA GLY D 109 -11.40 -16.73 27.51
C GLY D 109 -10.22 -15.91 28.03
N LYS D 110 -9.20 -16.63 28.47
CA LYS D 110 -7.99 -16.06 29.04
C LYS D 110 -7.15 -15.30 28.02
N VAL D 111 -6.46 -14.28 28.51
CA VAL D 111 -5.56 -13.43 27.72
C VAL D 111 -4.43 -13.11 28.69
N ASN D 112 -3.21 -13.56 28.40
CA ASN D 112 -2.09 -13.30 29.28
C ASN D 112 -1.05 -12.37 28.63
N ALA D 113 -0.41 -11.56 29.47
CA ALA D 113 0.59 -10.59 29.08
C ALA D 113 1.32 -11.05 27.83
N GLY D 114 0.88 -10.52 26.70
CA GLY D 114 1.44 -10.88 25.43
C GLY D 114 0.29 -10.80 24.46
N GLY D 115 -0.74 -11.61 24.72
CA GLY D 115 -1.91 -11.56 23.85
C GLY D 115 -2.55 -10.20 24.05
N LEU D 116 -2.15 -9.53 25.12
CA LEU D 116 -2.69 -8.21 25.44
C LEU D 116 -2.23 -7.17 24.45
N GLY D 117 -1.12 -7.45 23.76
CA GLY D 117 -0.62 -6.52 22.77
C GLY D 117 -1.64 -6.48 21.65
N PHE D 118 -2.18 -7.66 21.33
CA PHE D 118 -3.19 -7.77 20.29
C PHE D 118 -4.49 -7.06 20.67
N VAL D 119 -5.00 -7.37 21.85
CA VAL D 119 -6.23 -6.76 22.32
C VAL D 119 -6.12 -5.24 22.31
N SER D 120 -5.04 -4.71 22.87
CA SER D 120 -4.90 -3.26 22.93
C SER D 120 -4.46 -2.59 21.65
N ALA D 121 -3.80 -3.33 20.76
CA ALA D 121 -3.35 -2.73 19.49
C ALA D 121 -4.48 -2.60 18.49
N THR D 122 -5.51 -3.43 18.60
CA THR D 122 -6.63 -3.36 17.67
C THR D 122 -7.44 -2.11 17.93
N ASP D 123 -8.03 -1.56 16.88
CA ASP D 123 -8.82 -0.35 17.00
C ASP D 123 -9.97 -0.54 17.97
N ILE D 124 -10.60 -1.71 17.90
CA ILE D 124 -11.73 -2.05 18.76
C ILE D 124 -11.51 -3.40 19.43
N ALA D 125 -11.96 -3.52 20.67
CA ALA D 125 -11.81 -4.76 21.41
C ALA D 125 -13.12 -5.13 22.09
N ILE D 126 -13.64 -6.31 21.78
CA ILE D 126 -14.89 -6.75 22.36
C ILE D 126 -14.72 -8.12 22.98
N ALA D 127 -15.54 -8.39 23.99
CA ALA D 127 -15.45 -9.66 24.68
C ALA D 127 -16.81 -10.19 25.09
N ASP D 128 -16.77 -11.32 25.78
CA ASP D 128 -17.96 -11.96 26.29
C ASP D 128 -17.56 -12.15 27.73
N GLN D 129 -18.34 -12.91 28.50
CA GLN D 129 -17.97 -13.18 29.88
C GLN D 129 -16.80 -14.16 29.70
N THR D 130 -16.32 -14.77 30.77
CA THR D 130 -15.20 -15.72 30.67
C THR D 130 -13.87 -15.03 30.37
N ALA D 131 -13.94 -13.88 29.72
CA ALA D 131 -12.73 -13.13 29.37
C ALA D 131 -12.03 -12.60 30.63
N SER D 132 -10.72 -12.85 30.74
CA SER D 132 -9.92 -12.37 31.86
C SER D 132 -8.62 -11.89 31.25
N PHE D 133 -7.88 -11.04 31.98
CA PHE D 133 -6.62 -10.50 31.46
C PHE D 133 -5.57 -10.39 32.55
N SER D 134 -4.32 -10.74 32.23
CA SER D 134 -3.26 -10.67 33.23
C SER D 134 -1.83 -10.53 32.69
N LEU D 135 -1.00 -9.85 33.47
CA LEU D 135 0.41 -9.62 33.16
C LEU D 135 1.21 -10.22 34.31
N SER D 136 1.60 -11.48 34.15
CA SER D 136 2.35 -12.21 35.17
C SER D 136 3.86 -12.21 34.97
N GLU D 137 4.31 -11.58 33.90
CA GLU D 137 5.73 -11.53 33.56
C GLU D 137 6.66 -11.13 34.71
N LEU D 138 6.27 -10.12 35.49
CA LEU D 138 7.12 -9.62 36.55
C LEU D 138 7.53 -10.68 37.58
N LEU D 139 6.83 -11.81 37.60
CA LEU D 139 7.20 -12.87 38.53
C LEU D 139 8.59 -13.44 38.21
N PHE D 140 8.96 -13.41 36.94
CA PHE D 140 10.25 -13.94 36.50
C PHE D 140 11.29 -12.85 36.26
N GLY D 141 10.94 -11.62 36.61
CA GLY D 141 11.86 -10.52 36.41
C GLY D 141 11.69 -9.90 35.04
N LEU D 142 10.66 -10.36 34.33
CA LEU D 142 10.37 -9.84 33.01
C LEU D 142 9.20 -8.90 33.10
N TYR D 143 9.04 -8.08 32.06
CA TYR D 143 7.93 -7.14 31.96
C TYR D 143 7.64 -6.96 30.48
N PRO D 144 6.36 -7.07 30.10
CA PRO D 144 5.91 -6.94 28.71
C PRO D 144 6.25 -5.60 28.05
N ALA D 145 7.54 -5.34 27.86
CA ALA D 145 7.98 -4.09 27.25
C ALA D 145 7.23 -3.75 25.96
N CYS D 146 7.04 -4.74 25.10
CA CYS D 146 6.34 -4.56 23.81
C CYS D 146 4.85 -4.25 23.93
N VAL D 147 4.20 -4.84 24.92
CA VAL D 147 2.78 -4.63 25.13
C VAL D 147 2.49 -3.29 25.79
N LEU D 148 3.34 -2.88 26.72
CA LEU D 148 3.13 -1.64 27.46
C LEU D 148 2.70 -0.43 26.65
N PRO D 149 3.45 -0.08 25.59
CA PRO D 149 3.05 1.09 24.81
C PRO D 149 1.60 1.04 24.30
N PHE D 150 1.16 -0.13 23.88
CA PHE D 150 -0.20 -0.28 23.37
C PHE D 150 -1.25 -0.34 24.48
N LEU D 151 -0.95 -1.02 25.58
CA LEU D 151 -1.90 -1.13 26.68
C LEU D 151 -2.12 0.23 27.35
N ILE D 152 -1.01 0.93 27.58
CA ILE D 152 -1.03 2.24 28.21
C ILE D 152 -1.92 3.23 27.48
N ARG D 153 -1.89 3.19 26.16
CA ARG D 153 -2.70 4.10 25.35
C ARG D 153 -4.17 3.83 25.65
N ARG D 154 -4.51 2.57 25.91
CA ARG D 154 -5.90 2.24 26.19
C ARG D 154 -6.34 2.50 27.64
N ILE D 155 -5.51 2.12 28.60
CA ILE D 155 -5.91 2.23 30.00
C ILE D 155 -5.15 3.21 30.88
N GLY D 156 -4.12 3.83 30.32
CA GLY D 156 -3.33 4.79 31.09
C GLY D 156 -2.13 4.17 31.76
N ARG D 157 -1.18 5.00 32.18
CA ARG D 157 0.04 4.53 32.83
C ARG D 157 -0.15 3.84 34.18
N GLN D 158 -1.03 4.35 35.02
CA GLN D 158 -1.22 3.79 36.35
C GLN D 158 -1.83 2.39 36.35
N LYS D 159 -2.97 2.22 35.69
CA LYS D 159 -3.62 0.93 35.65
C LYS D 159 -2.70 -0.14 35.08
N ALA D 160 -1.92 0.23 34.07
CA ALA D 160 -0.98 -0.70 33.45
C ALA D 160 0.14 -1.01 34.45
N HIS D 161 0.53 0.01 35.20
CA HIS D 161 1.58 -0.12 36.20
C HIS D 161 1.13 -1.09 37.30
N TYR D 162 -0.05 -0.82 37.87
CA TYR D 162 -0.63 -1.64 38.93
C TYR D 162 -0.84 -3.08 38.46
N THR D 164 0.74 -4.70 36.10
CA THR D 164 2.05 -5.30 35.95
C THR D 164 2.69 -5.68 37.28
N LEU D 165 2.53 -4.81 38.27
CA LEU D 165 3.08 -4.99 39.60
C LEU D 165 2.38 -6.08 40.43
N THR D 167 0.44 -8.49 39.08
CA THR D 167 0.42 -9.71 38.27
C THR D 167 -0.87 -10.53 38.34
N LYS D 168 -1.90 -9.98 38.97
CA LYS D 168 -3.16 -10.70 39.09
C LYS D 168 -4.11 -10.38 37.95
N PRO D 169 -4.84 -11.39 37.46
CA PRO D 169 -5.80 -11.25 36.36
C PRO D 169 -6.97 -10.36 36.72
N ILE D 170 -7.53 -9.69 35.71
CA ILE D 170 -8.68 -8.82 35.92
C ILE D 170 -9.83 -9.34 35.05
N SER D 171 -11.06 -9.04 35.47
CA SER D 171 -12.25 -9.49 34.75
C SER D 171 -12.65 -8.53 33.65
N VAL D 172 -13.62 -8.96 32.83
CA VAL D 172 -14.13 -8.13 31.75
C VAL D 172 -14.75 -6.88 32.32
N GLN D 173 -15.35 -7.00 33.51
CA GLN D 173 -15.98 -5.86 34.17
C GLN D 173 -14.93 -4.79 34.42
N GLU D 174 -13.78 -5.19 34.97
CA GLU D 174 -12.70 -4.25 35.25
C GLU D 174 -12.10 -3.82 33.92
N ALA D 175 -11.83 -4.81 33.08
CA ALA D 175 -11.27 -4.56 31.76
C ALA D 175 -12.09 -3.47 31.08
N SER D 176 -13.41 -3.59 31.17
CA SER D 176 -14.32 -2.64 30.56
C SER D 176 -14.27 -1.26 31.22
N GLU D 177 -14.27 -1.24 32.55
CA GLU D 177 -14.21 0.03 33.26
C GLU D 177 -12.91 0.75 32.96
N TRP D 178 -11.82 -0.02 32.87
CA TRP D 178 -10.51 0.55 32.62
C TRP D 178 -10.31 1.01 31.18
N GLY D 179 -11.18 0.52 30.29
CA GLY D 179 -11.08 0.88 28.89
C GLY D 179 -10.19 -0.02 28.07
N LEU D 180 -9.91 -1.22 28.57
CA LEU D 180 -9.07 -2.18 27.85
C LEU D 180 -9.96 -2.87 26.83
N ILE D 181 -11.24 -2.92 27.15
CA ILE D 181 -12.23 -3.56 26.27
C ILE D 181 -13.33 -2.53 26.01
N ASP D 182 -13.69 -2.35 24.74
CA ASP D 182 -14.72 -1.38 24.35
C ASP D 182 -16.15 -1.79 24.63
N ALA D 183 -16.43 -3.10 24.61
CA ALA D 183 -17.78 -3.60 24.87
C ALA D 183 -17.79 -5.10 25.07
N PHE D 184 -18.60 -5.58 26.00
CA PHE D 184 -18.70 -7.01 26.23
C PHE D 184 -20.16 -7.40 26.47
N ASP D 185 -20.42 -8.70 26.43
CA ASP D 185 -21.77 -9.22 26.62
C ASP D 185 -21.67 -10.74 26.61
N ALA D 186 -22.62 -11.41 27.25
CA ALA D 186 -22.62 -12.87 27.28
C ALA D 186 -22.54 -13.44 25.85
N GLU D 187 -23.31 -12.86 24.94
CA GLU D 187 -23.33 -13.30 23.55
C GLU D 187 -22.41 -12.43 22.70
N SER D 188 -21.11 -12.67 22.77
CA SER D 188 -20.16 -11.87 22.01
C SER D 188 -20.33 -11.97 20.49
N ASP D 189 -20.96 -13.05 20.03
CA ASP D 189 -21.20 -13.25 18.60
C ASP D 189 -22.17 -12.23 18.07
N VAL D 190 -23.23 -11.98 18.83
CA VAL D 190 -24.25 -11.01 18.45
C VAL D 190 -23.63 -9.61 18.57
N LEU D 191 -22.80 -9.44 19.60
CA LEU D 191 -22.14 -8.17 19.83
C LEU D 191 -21.23 -7.88 18.64
N LEU D 192 -20.45 -8.88 18.22
CA LEU D 192 -19.56 -8.69 17.08
C LEU D 192 -20.34 -8.39 15.80
N ARG D 193 -21.46 -9.09 15.60
CA ARG D 193 -22.27 -8.86 14.42
C ARG D 193 -22.88 -7.46 14.43
N LYS D 194 -23.16 -6.94 15.62
CA LYS D 194 -23.70 -5.59 15.73
C LYS D 194 -22.66 -4.56 15.27
N HIS D 195 -21.40 -4.77 15.66
CA HIS D 195 -20.33 -3.85 15.29
C HIS D 195 -19.99 -3.92 13.81
N LEU D 196 -19.95 -5.12 13.25
CA LEU D 196 -19.64 -5.27 11.84
C LEU D 196 -20.73 -4.61 10.99
N LEU D 197 -21.95 -4.62 11.49
CA LEU D 197 -23.07 -4.02 10.79
C LEU D 197 -22.81 -2.52 10.59
N ARG D 198 -22.67 -1.79 11.69
CA ARG D 198 -22.40 -0.36 11.60
C ARG D 198 -21.15 -0.06 10.81
N LEU D 199 -20.09 -0.84 11.03
CA LEU D 199 -18.82 -0.64 10.34
C LEU D 199 -18.95 -0.77 8.83
N ARG D 200 -19.94 -1.54 8.40
CA ARG D 200 -20.20 -1.77 6.99
C ARG D 200 -20.59 -0.46 6.30
N ARG D 201 -21.06 0.50 7.07
CA ARG D 201 -21.48 1.80 6.53
C ARG D 201 -20.28 2.63 6.05
N LEU D 202 -19.07 2.25 6.44
CA LEU D 202 -17.86 3.00 6.10
C LEU D 202 -17.13 2.49 4.85
N ASN D 203 -16.33 3.38 4.25
CA ASN D 203 -15.54 3.03 3.06
C ASN D 203 -14.06 2.95 3.44
N LYS D 204 -13.28 2.23 2.64
CA LYS D 204 -11.86 2.06 2.93
C LYS D 204 -11.04 3.35 2.97
N LYS D 205 -11.33 4.28 2.07
CA LYS D 205 -10.59 5.54 2.02
C LYS D 205 -10.85 6.42 3.24
N GLY D 206 -12.12 6.47 3.67
CA GLY D 206 -12.45 7.28 4.84
C GLY D 206 -11.75 6.72 6.07
N ILE D 207 -11.73 5.40 6.18
CA ILE D 207 -11.07 4.72 7.28
C ILE D 207 -9.58 4.98 7.25
N ALA D 208 -8.99 4.86 6.06
CA ALA D 208 -7.56 5.07 5.91
C ALA D 208 -7.15 6.49 6.28
N HIS D 209 -7.82 7.48 5.69
CA HIS D 209 -7.51 8.89 5.95
C HIS D 209 -7.69 9.23 7.43
N TYR D 210 -8.77 8.75 8.03
CA TYR D 210 -9.00 9.02 9.45
C TYR D 210 -7.89 8.41 10.31
N LYS D 211 -7.62 7.13 10.11
CA LYS D 211 -6.58 6.46 10.88
C LYS D 211 -5.21 7.09 10.68
N GLN D 212 -4.95 7.64 9.49
CA GLN D 212 -3.66 8.28 9.25
C GLN D 212 -3.59 9.57 10.05
N PHE D 213 -4.75 10.22 10.22
CA PHE D 213 -4.87 11.46 10.99
C PHE D 213 -4.67 11.19 12.49
N SER D 215 -3.19 8.73 13.75
CA SER D 215 -1.80 8.30 13.91
C SER D 215 -0.83 9.47 13.92
N SER D 216 -1.14 10.52 13.16
CA SER D 216 -0.26 11.67 13.12
C SER D 216 -0.37 12.53 14.38
N LEU D 217 -1.47 12.39 15.12
CA LEU D 217 -1.66 13.15 16.36
C LEU D 217 -0.94 12.51 17.53
N ASP D 218 -0.84 11.18 17.49
CA ASP D 218 -0.18 10.46 18.56
C ASP D 218 1.00 9.61 18.06
N HIS D 219 2.13 9.76 18.72
CA HIS D 219 3.34 9.02 18.35
C HIS D 219 3.94 8.31 19.54
N GLN D 220 3.16 8.19 20.61
CA GLN D 220 3.65 7.52 21.81
C GLN D 220 4.11 6.10 21.46
N VAL D 221 3.29 5.38 20.70
CA VAL D 221 3.62 4.02 20.32
C VAL D 221 4.93 3.96 19.54
N SER D 222 5.04 4.82 18.52
CA SER D 222 6.23 4.87 17.67
C SER D 222 7.51 5.30 18.38
N ARG D 223 7.38 6.20 19.36
CA ARG D 223 8.55 6.66 20.12
C ARG D 223 9.04 5.59 21.11
N ALA D 224 8.13 4.74 21.56
CA ALA D 224 8.47 3.68 22.51
C ALA D 224 9.19 2.47 21.90
N LYS D 225 8.86 2.17 20.65
CA LYS D 225 9.44 1.03 19.94
C LYS D 225 10.88 0.70 20.28
N ALA D 226 11.80 1.63 20.02
CA ALA D 226 13.21 1.40 20.30
C ALA D 226 13.46 1.07 21.77
N THR D 227 12.92 1.88 22.68
CA THR D 227 13.11 1.63 24.11
C THR D 227 12.61 0.23 24.45
N ALA D 228 11.41 -0.08 23.97
CA ALA D 228 10.79 -1.38 24.20
C ALA D 228 11.65 -2.53 23.70
N LEU D 229 12.03 -2.50 22.43
CA LEU D 229 12.84 -3.57 21.83
C LEU D 229 14.13 -3.82 22.60
N THR D 230 14.82 -2.73 22.95
CA THR D 230 16.05 -2.83 23.71
C THR D 230 15.77 -3.60 25.00
N ALA D 231 14.76 -3.16 25.73
CA ALA D 231 14.39 -3.79 26.98
C ALA D 231 14.05 -5.26 26.79
N ASN D 232 13.22 -5.55 25.79
CA ASN D 232 12.83 -6.94 25.54
C ASN D 232 14.09 -7.79 25.47
N GLN D 233 15.15 -7.19 24.94
CA GLN D 233 16.44 -7.85 24.85
C GLN D 233 16.93 -8.15 26.26
N ASP D 234 17.60 -7.16 26.84
CA ASP D 234 18.15 -7.21 28.19
C ASP D 234 17.50 -8.22 29.14
N PHE D 236 15.37 -10.83 28.35
CA PHE D 236 15.40 -12.20 27.80
C PHE D 236 16.84 -12.64 27.53
N SER D 237 17.78 -11.89 28.07
CA SER D 237 19.20 -12.17 27.92
C SER D 237 19.84 -11.71 29.22
N ASP D 238 19.53 -12.43 30.29
CA ASP D 238 20.04 -12.12 31.62
C ASP D 238 20.13 -13.42 32.40
N PRO D 239 21.33 -13.73 32.93
CA PRO D 239 21.53 -14.96 33.70
C PRO D 239 20.41 -15.27 34.70
N GLN D 240 20.10 -14.32 35.58
CA GLN D 240 19.05 -14.53 36.57
C GLN D 240 17.70 -14.84 35.92
N ASN D 241 17.21 -13.94 35.08
CA ASN D 241 15.94 -14.16 34.42
C ASN D 241 16.02 -15.45 33.62
N GLN D 242 17.21 -15.70 33.05
CA GLN D 242 17.47 -16.90 32.26
C GLN D 242 17.07 -18.08 33.14
N GLY D 244 15.38 -19.47 36.73
CA GLY D 244 14.04 -19.14 37.17
C GLY D 244 13.04 -19.64 36.15
N ILE D 245 13.18 -19.21 34.90
CA ILE D 245 12.28 -19.67 33.85
C ILE D 245 12.58 -21.14 33.60
N ILE D 246 13.87 -21.45 33.44
CA ILE D 246 14.29 -22.84 33.21
C ILE D 246 13.87 -23.70 34.39
N ARG D 247 14.03 -23.16 35.60
CA ARG D 247 13.67 -23.89 36.81
C ARG D 247 12.14 -23.98 36.89
N TYR D 248 11.46 -23.07 36.21
CA TYR D 248 10.00 -23.07 36.21
C TYR D 248 9.53 -24.09 35.19
N VAL D 249 10.16 -24.07 34.01
CA VAL D 249 9.81 -25.01 32.95
C VAL D 249 10.52 -26.33 33.24
N GLU D 250 10.15 -26.94 34.37
CA GLU D 250 10.70 -28.21 34.85
C GLU D 250 9.93 -28.55 36.12
N THR D 251 9.54 -27.51 36.84
CA THR D 251 8.78 -27.62 38.08
C THR D 251 7.83 -26.42 38.21
N GLY D 252 8.01 -25.64 39.27
CA GLY D 252 7.16 -24.48 39.49
C GLY D 252 7.96 -23.26 39.93
N GLN D 253 7.45 -22.09 39.59
CA GLN D 253 8.11 -20.82 39.93
C GLN D 253 8.25 -20.58 41.43
N PHE D 254 9.41 -20.07 41.82
CA PHE D 254 9.76 -19.70 43.19
C PHE D 254 8.56 -19.13 44.01
N PRO D 255 8.54 -17.82 44.36
CA PRO D 255 7.34 -17.42 45.11
C PRO D 255 6.24 -16.91 44.18
N THR E 5 23.36 4.53 5.67
CA THR E 5 22.47 3.57 6.38
C THR E 5 22.02 2.44 5.47
N TYR E 6 22.61 2.33 4.29
CA TYR E 6 22.23 1.26 3.37
C TYR E 6 23.24 0.16 3.14
N GLN E 7 24.37 0.47 2.52
CA GLN E 7 25.43 -0.51 2.25
C GLN E 7 25.48 -1.01 0.81
N THR E 8 24.34 -1.41 0.24
CA THR E 8 24.33 -1.91 -1.14
C THR E 8 23.79 -0.90 -2.15
N ILE E 9 23.13 0.15 -1.68
CA ILE E 9 22.57 1.17 -2.56
C ILE E 9 22.59 2.57 -1.97
N LYS E 10 22.61 3.57 -2.84
CA LYS E 10 22.60 4.96 -2.42
C LYS E 10 21.25 5.52 -2.87
N VAL E 11 20.58 6.26 -1.98
CA VAL E 11 19.27 6.79 -2.29
C VAL E 11 19.11 8.29 -2.05
N ARG E 12 18.50 8.98 -3.01
CA ARG E 12 18.26 10.39 -2.88
C ARG E 12 16.90 10.75 -3.48
N PHE E 13 16.29 11.81 -2.96
CA PHE E 13 15.00 12.26 -3.46
C PHE E 13 15.09 13.69 -3.97
N GLN E 14 14.43 13.93 -5.10
CA GLN E 14 14.41 15.26 -5.70
C GLN E 14 12.98 15.41 -6.21
N ALA E 15 12.21 16.26 -5.54
CA ALA E 15 10.82 16.50 -5.88
C ALA E 15 9.99 15.22 -5.78
N SER E 16 9.38 14.82 -6.89
CA SER E 16 8.55 13.62 -6.92
C SER E 16 9.30 12.38 -7.42
N VAL E 17 10.62 12.49 -7.51
CA VAL E 17 11.46 11.40 -7.99
C VAL E 17 12.24 10.72 -6.88
N CYS E 18 12.54 9.44 -7.05
CA CYS E 18 13.31 8.69 -6.08
C CYS E 18 14.44 7.90 -6.76
N TYR E 19 15.67 8.38 -6.63
CA TYR E 19 16.82 7.73 -7.25
C TYR E 19 17.47 6.66 -6.38
N ILE E 20 17.52 5.43 -6.89
CA ILE E 20 18.16 4.32 -6.19
C ILE E 20 19.42 3.99 -6.99
N THR E 21 20.55 3.90 -6.31
CA THR E 21 21.81 3.61 -7.00
C THR E 21 22.52 2.36 -6.54
N PHE E 22 22.55 1.35 -7.39
CA PHE E 22 23.23 0.11 -7.05
C PHE E 22 24.68 0.47 -6.81
N HIS E 23 25.08 0.43 -5.55
CA HIS E 23 26.46 0.77 -5.22
C HIS E 23 27.22 -0.37 -4.57
N ARG E 24 27.91 -1.14 -5.39
CA ARG E 24 28.71 -2.25 -4.91
C ARG E 24 29.86 -2.41 -5.89
N PRO E 25 30.73 -1.38 -5.98
CA PRO E 25 31.89 -1.36 -6.87
C PRO E 25 32.89 -2.49 -6.60
N GLU E 26 32.87 -3.00 -5.38
CA GLU E 26 33.77 -4.08 -5.00
C GLU E 26 33.15 -5.44 -5.32
N ALA E 27 32.09 -5.42 -6.14
CA ALA E 27 31.40 -6.64 -6.52
C ALA E 27 30.88 -6.55 -7.95
N ASN E 28 31.29 -5.51 -8.66
CA ASN E 28 30.87 -5.30 -10.04
C ASN E 28 29.34 -5.31 -10.10
N ASN E 29 28.72 -4.54 -9.21
CA ASN E 29 27.27 -4.43 -9.10
C ASN E 29 26.53 -5.73 -9.34
N THR E 30 27.06 -6.82 -8.78
CA THR E 30 26.40 -8.11 -8.89
C THR E 30 25.33 -8.03 -7.82
N ILE E 31 24.39 -8.97 -7.81
CA ILE E 31 23.32 -8.92 -6.84
C ILE E 31 23.33 -10.03 -5.78
N ASN E 32 23.01 -9.64 -4.56
CA ASN E 32 22.93 -10.56 -3.42
C ASN E 32 21.65 -10.26 -2.65
N ASP E 33 21.30 -11.10 -1.69
CA ASP E 33 20.07 -10.90 -0.93
C ASP E 33 19.92 -9.53 -0.30
N THR E 34 20.99 -9.02 0.30
CA THR E 34 20.95 -7.71 0.93
C THR E 34 20.42 -6.68 -0.05
N LEU E 35 20.97 -6.67 -1.26
CA LEU E 35 20.58 -5.73 -2.30
C LEU E 35 19.07 -5.74 -2.57
N ILE E 36 18.51 -6.95 -2.67
CA ILE E 36 17.09 -7.10 -2.94
C ILE E 36 16.25 -6.54 -1.80
N GLU E 37 16.60 -6.89 -0.57
CA GLU E 37 15.86 -6.41 0.60
C GLU E 37 15.93 -4.89 0.74
N GLU E 38 17.08 -4.30 0.44
CA GLU E 38 17.21 -2.86 0.56
C GLU E 38 16.39 -2.12 -0.50
N CYS E 39 16.26 -2.74 -1.67
CA CYS E 39 15.48 -2.13 -2.74
C CYS E 39 14.00 -2.28 -2.42
N LEU E 40 13.63 -3.41 -1.84
CA LEU E 40 12.24 -3.62 -1.48
C LEU E 40 11.85 -2.54 -0.47
N GLN E 41 12.66 -2.38 0.57
CA GLN E 41 12.40 -1.38 1.59
C GLN E 41 12.10 -0.03 0.93
N VAL E 42 13.07 0.49 0.20
CA VAL E 42 12.90 1.78 -0.45
C VAL E 42 11.67 1.88 -1.36
N LEU E 43 11.25 0.79 -1.99
CA LEU E 43 10.08 0.85 -2.86
C LEU E 43 8.78 1.00 -2.09
N ASN E 44 8.71 0.39 -0.91
CA ASN E 44 7.52 0.51 -0.07
C ASN E 44 7.54 1.90 0.55
N GLN E 45 8.76 2.43 0.65
CA GLN E 45 9.01 3.75 1.17
C GLN E 45 8.35 4.68 0.14
N CYS E 46 8.20 4.19 -1.08
CA CYS E 46 7.59 4.93 -2.18
C CYS E 46 6.14 4.49 -2.44
N GLU E 47 5.75 3.42 -1.78
CA GLU E 47 4.42 2.85 -1.92
C GLU E 47 3.27 3.84 -1.69
N THR E 48 3.42 4.75 -0.74
CA THR E 48 2.35 5.72 -0.46
C THR E 48 2.77 7.18 -0.49
N SER E 49 4.05 7.43 -0.72
CA SER E 49 4.57 8.79 -0.75
C SER E 49 3.95 9.58 -1.90
N THR E 50 4.55 10.73 -2.21
CA THR E 50 4.07 11.55 -3.31
C THR E 50 4.91 11.16 -4.52
N VAL E 51 5.96 10.38 -4.27
CA VAL E 51 6.86 9.94 -5.32
C VAL E 51 6.09 9.42 -6.52
N THR E 52 6.39 9.96 -7.69
CA THR E 52 5.73 9.59 -8.93
C THR E 52 6.58 8.64 -9.77
N VAL E 53 7.90 8.87 -9.75
CA VAL E 53 8.80 8.02 -10.51
C VAL E 53 9.96 7.52 -9.67
N VAL E 54 10.40 6.30 -9.98
CA VAL E 54 11.53 5.67 -9.31
C VAL E 54 12.56 5.39 -10.39
N VAL E 55 13.77 5.92 -10.21
CA VAL E 55 14.85 5.73 -11.17
C VAL E 55 15.89 4.75 -10.64
N LEU E 56 16.39 3.88 -11.52
CA LEU E 56 17.40 2.90 -11.17
C LEU E 56 18.69 3.23 -11.90
N GLU E 57 19.74 3.50 -11.14
CA GLU E 57 21.05 3.82 -11.71
C GLU E 57 22.11 2.91 -11.15
N GLY E 58 23.25 2.86 -11.82
CA GLY E 58 24.34 2.01 -11.37
C GLY E 58 25.67 2.74 -11.52
N LEU E 59 26.75 1.98 -11.66
CA LEU E 59 28.06 2.57 -11.83
C LEU E 59 28.26 2.98 -13.28
N PRO E 60 29.16 3.94 -13.53
CA PRO E 60 29.47 4.45 -14.88
C PRO E 60 29.92 3.37 -15.86
N GLU E 61 30.57 2.32 -15.34
CA GLU E 61 31.09 1.25 -16.17
C GLU E 61 30.19 0.01 -16.14
N VAL E 62 29.44 -0.15 -15.06
CA VAL E 62 28.56 -1.29 -14.92
C VAL E 62 27.28 -0.94 -14.18
N PHE E 63 26.15 -1.27 -14.80
CA PHE E 63 24.82 -1.00 -14.24
C PHE E 63 24.47 -2.12 -13.24
N CYS E 64 24.67 -3.36 -13.68
CA CYS E 64 24.41 -4.56 -12.89
C CYS E 64 24.86 -5.77 -13.71
N PHE E 65 25.64 -6.66 -13.10
CA PHE E 65 26.13 -7.83 -13.81
C PHE E 65 25.43 -9.16 -13.48
N GLY E 66 24.31 -9.07 -12.75
CA GLY E 66 23.58 -10.27 -12.41
C GLY E 66 24.05 -10.97 -11.16
N ALA E 67 23.67 -12.24 -11.01
CA ALA E 67 24.02 -13.08 -9.86
C ALA E 67 25.49 -13.01 -9.43
N ASP E 68 25.70 -13.14 -8.13
CA ASP E 68 27.03 -13.08 -7.52
C ASP E 68 27.67 -14.46 -7.45
N PHE E 69 28.51 -14.78 -8.43
CA PHE E 69 29.19 -16.09 -8.49
C PHE E 69 30.14 -16.32 -7.32
N GLN E 70 30.78 -15.25 -6.85
CA GLN E 70 31.71 -15.34 -5.74
C GLN E 70 30.94 -15.80 -4.50
N GLU E 71 29.87 -15.06 -4.21
CA GLU E 71 29.00 -15.33 -3.08
C GLU E 71 28.38 -16.71 -3.21
N ILE E 72 28.15 -17.14 -4.45
CA ILE E 72 27.57 -18.46 -4.71
C ILE E 72 28.61 -19.52 -4.37
N TYR E 73 29.87 -19.20 -4.66
CA TYR E 73 30.98 -20.09 -4.38
C TYR E 73 31.07 -20.31 -2.88
N GLN E 74 31.11 -19.20 -2.13
CA GLN E 74 31.19 -19.24 -0.68
C GLN E 74 30.09 -20.12 -0.07
N GLU E 75 28.84 -19.80 -0.36
CA GLU E 75 27.72 -20.56 0.17
C GLU E 75 27.87 -22.05 -0.13
N LYS E 77 30.74 -23.61 -0.50
CA LYS E 77 31.87 -24.08 0.28
C LYS E 77 31.53 -24.28 1.76
N ARG E 78 30.71 -23.39 2.31
CA ARG E 78 30.31 -23.49 3.71
C ARG E 78 29.58 -24.81 3.89
N GLY E 79 29.25 -25.44 2.76
CA GLY E 79 28.54 -26.71 2.76
C GLY E 79 27.23 -26.44 2.06
N ARG E 80 26.42 -25.59 2.69
CA ARG E 80 25.13 -25.16 2.19
C ARG E 80 24.69 -25.78 0.86
N LYS E 81 23.77 -26.74 0.94
CA LYS E 81 23.21 -27.39 -0.25
C LYS E 81 21.97 -26.54 -0.53
N GLN E 82 21.00 -27.09 -1.28
CA GLN E 82 19.77 -26.35 -1.58
C GLN E 82 20.00 -24.90 -2.00
N ALA E 83 19.50 -24.52 -3.18
CA ALA E 83 19.66 -23.15 -3.67
C ALA E 83 18.71 -22.19 -2.96
N SER E 84 19.15 -20.95 -2.77
CA SER E 84 18.32 -19.93 -2.12
C SER E 84 17.11 -19.59 -2.97
N SER E 85 16.06 -19.08 -2.33
CA SER E 85 14.87 -18.71 -3.05
C SER E 85 15.12 -17.41 -3.79
N GLN E 86 14.46 -17.25 -4.93
CA GLN E 86 14.63 -16.06 -5.73
C GLN E 86 13.32 -15.29 -5.79
N GLU E 87 12.39 -15.61 -4.91
CA GLU E 87 11.10 -14.92 -4.90
C GLU E 87 11.29 -13.45 -4.58
N PRO E 88 12.11 -13.13 -3.58
CA PRO E 88 12.31 -11.72 -3.24
C PRO E 88 12.71 -10.94 -4.48
N LEU E 89 13.63 -11.51 -5.26
CA LEU E 89 14.11 -10.89 -6.48
C LEU E 89 13.03 -10.81 -7.55
N TYR E 90 12.33 -11.92 -7.76
CA TYR E 90 11.25 -11.97 -8.75
C TYR E 90 10.18 -10.93 -8.40
N ASP E 91 9.72 -10.95 -7.16
CA ASP E 91 8.69 -10.02 -6.71
C ASP E 91 9.15 -8.57 -6.75
N LEU E 92 10.44 -8.34 -6.54
CA LEU E 92 10.96 -6.99 -6.61
C LEU E 92 10.79 -6.50 -8.06
N TRP E 93 11.10 -7.37 -9.02
CA TRP E 93 10.95 -7.00 -10.43
C TRP E 93 9.47 -6.80 -10.76
N LYS E 95 7.26 -5.83 -8.68
CA LYS E 95 6.89 -4.59 -7.99
C LYS E 95 7.25 -3.40 -8.88
N LEU E 96 8.36 -3.51 -9.60
CA LEU E 96 8.80 -2.43 -10.48
C LEU E 96 7.84 -2.25 -11.67
N GLN E 97 7.09 -3.30 -12.01
CA GLN E 97 6.15 -3.25 -13.11
C GLN E 97 4.77 -2.79 -12.70
N THR E 98 4.38 -3.15 -11.48
CA THR E 98 3.04 -2.85 -10.97
C THR E 98 2.93 -1.79 -9.88
N GLY E 99 4.05 -1.42 -9.26
CA GLY E 99 3.99 -0.41 -8.22
C GLY E 99 3.30 0.85 -8.72
N PRO E 100 2.74 1.66 -7.82
CA PRO E 100 2.05 2.90 -8.17
C PRO E 100 3.02 4.04 -8.46
N TYR E 101 3.81 3.85 -9.51
CA TYR E 101 4.80 4.84 -9.92
C TYR E 101 5.54 4.38 -11.16
N VAL E 102 5.96 5.33 -11.97
CA VAL E 102 6.70 5.02 -13.18
C VAL E 102 8.17 4.72 -12.84
N THR E 103 8.61 3.51 -13.13
CA THR E 103 10.00 3.14 -12.87
C THR E 103 10.82 3.28 -14.16
N ILE E 104 12.00 3.87 -14.02
CA ILE E 104 12.88 4.09 -15.16
C ILE E 104 14.23 3.48 -14.86
N SER E 105 14.84 2.89 -15.89
CA SER E 105 16.15 2.28 -15.76
C SER E 105 17.16 3.12 -16.52
N HIS E 106 18.08 3.73 -15.79
CA HIS E 106 19.11 4.58 -16.38
C HIS E 106 20.38 3.75 -16.55
N VAL E 107 20.54 3.14 -17.73
CA VAL E 107 21.67 2.27 -18.01
C VAL E 107 22.88 2.98 -18.65
N ARG E 108 24.06 2.76 -18.09
CA ARG E 108 25.25 3.39 -18.64
C ARG E 108 26.40 2.47 -19.07
N GLY E 109 26.62 1.37 -18.36
CA GLY E 109 27.72 0.50 -18.77
C GLY E 109 27.33 -0.89 -19.21
N LYS E 110 27.96 -1.89 -18.60
CA LYS E 110 27.69 -3.28 -18.90
C LYS E 110 26.49 -3.77 -18.10
N VAL E 111 25.73 -4.67 -18.69
CA VAL E 111 24.60 -5.27 -18.02
C VAL E 111 24.70 -6.74 -18.40
N ASN E 112 24.68 -7.62 -17.40
CA ASN E 112 24.79 -9.04 -17.69
C ASN E 112 23.63 -9.82 -17.06
N ALA E 113 23.19 -10.85 -17.79
CA ALA E 113 22.09 -11.74 -17.39
C ALA E 113 21.83 -11.68 -15.91
N GLY E 114 20.77 -10.98 -15.52
CA GLY E 114 20.44 -10.82 -14.12
C GLY E 114 20.09 -9.37 -13.95
N GLY E 115 21.03 -8.51 -14.37
CA GLY E 115 20.81 -7.08 -14.30
C GLY E 115 19.82 -6.71 -15.42
N LEU E 116 19.62 -7.65 -16.34
CA LEU E 116 18.67 -7.43 -17.44
C LEU E 116 17.26 -7.53 -16.88
N GLY E 117 17.13 -8.17 -15.73
CA GLY E 117 15.84 -8.28 -15.09
C GLY E 117 15.40 -6.89 -14.68
N PHE E 118 16.34 -6.14 -14.09
CA PHE E 118 16.06 -4.77 -13.67
C PHE E 118 15.75 -3.90 -14.88
N VAL E 119 16.53 -4.04 -15.96
CA VAL E 119 16.30 -3.23 -17.16
C VAL E 119 14.95 -3.57 -17.82
N SER E 120 14.62 -4.86 -17.85
CA SER E 120 13.38 -5.32 -18.46
C SER E 120 12.14 -5.06 -17.63
N ALA E 121 12.26 -5.18 -16.32
CA ALA E 121 11.13 -4.98 -15.41
C ALA E 121 10.70 -3.54 -15.14
N THR E 122 11.58 -2.57 -15.38
CA THR E 122 11.19 -1.18 -15.14
C THR E 122 10.22 -0.76 -16.23
N ASP E 123 9.42 0.28 -15.97
CA ASP E 123 8.45 0.77 -16.97
C ASP E 123 9.16 1.32 -18.18
N ILE E 124 10.30 1.99 -17.95
CA ILE E 124 11.07 2.62 -19.02
C ILE E 124 12.56 2.33 -18.84
N ALA E 125 13.27 2.21 -19.97
CA ALA E 125 14.70 1.94 -19.94
C ALA E 125 15.38 2.89 -20.92
N ILE E 126 16.33 3.67 -20.43
CA ILE E 126 17.09 4.60 -21.26
C ILE E 126 18.58 4.37 -20.99
N ALA E 127 19.41 4.67 -21.97
CA ALA E 127 20.84 4.43 -21.80
C ALA E 127 21.68 5.37 -22.63
N ASP E 128 22.99 5.26 -22.48
CA ASP E 128 23.92 6.09 -23.26
C ASP E 128 24.47 5.22 -24.38
N GLN E 129 25.59 5.64 -24.98
CA GLN E 129 26.22 4.88 -26.06
C GLN E 129 27.14 3.82 -25.50
N THR E 130 27.29 3.82 -24.17
CA THR E 130 28.15 2.88 -23.47
C THR E 130 27.47 1.56 -23.14
N ALA E 131 26.15 1.58 -23.04
CA ALA E 131 25.33 0.42 -22.69
C ALA E 131 25.59 -0.86 -23.49
N SER E 132 25.74 -1.97 -22.76
CA SER E 132 26.01 -3.28 -23.31
C SER E 132 25.17 -4.28 -22.50
N PHE E 133 24.60 -5.29 -23.16
CA PHE E 133 23.74 -6.25 -22.48
C PHE E 133 24.06 -7.68 -22.90
N SER E 134 24.20 -8.58 -21.93
CA SER E 134 24.52 -9.97 -22.25
C SER E 134 23.89 -10.98 -21.30
N LEU E 135 23.85 -12.23 -21.76
CA LEU E 135 23.30 -13.37 -21.03
C LEU E 135 24.31 -14.49 -21.12
N SER E 136 25.33 -14.44 -20.27
CA SER E 136 26.39 -15.44 -20.29
C SER E 136 26.13 -16.75 -19.57
N GLU E 137 25.08 -16.78 -18.75
CA GLU E 137 24.75 -17.95 -17.95
C GLU E 137 24.79 -19.33 -18.58
N LEU E 138 24.30 -19.49 -19.80
CA LEU E 138 24.27 -20.83 -20.41
C LEU E 138 25.67 -21.42 -20.62
N LEU E 139 26.70 -20.59 -20.56
CA LEU E 139 28.06 -21.09 -20.71
C LEU E 139 28.34 -22.03 -19.55
N PHE E 140 27.62 -21.80 -18.45
CA PHE E 140 27.77 -22.59 -17.24
C PHE E 140 26.63 -23.58 -17.06
N GLY E 141 25.79 -23.71 -18.08
CA GLY E 141 24.67 -24.63 -18.01
C GLY E 141 23.49 -24.06 -17.25
N LEU E 142 23.54 -22.77 -16.96
CA LEU E 142 22.45 -22.10 -16.24
C LEU E 142 21.70 -21.27 -17.27
N TYR E 143 20.51 -20.82 -16.90
CA TYR E 143 19.74 -19.97 -17.78
C TYR E 143 18.96 -18.97 -16.92
N PRO E 144 18.85 -17.72 -17.41
CA PRO E 144 18.15 -16.62 -16.73
C PRO E 144 16.64 -16.87 -16.55
N ALA E 145 16.29 -17.84 -15.70
CA ALA E 145 14.89 -18.20 -15.47
C ALA E 145 14.00 -17.06 -15.00
N CYS E 146 14.48 -16.28 -14.02
CA CYS E 146 13.73 -15.16 -13.47
C CYS E 146 13.68 -13.94 -14.39
N VAL E 147 14.74 -13.76 -15.18
CA VAL E 147 14.84 -12.66 -16.10
C VAL E 147 13.90 -12.83 -17.30
N LEU E 148 14.02 -13.98 -17.96
CA LEU E 148 13.24 -14.28 -19.16
C LEU E 148 11.81 -13.78 -19.27
N PRO E 149 10.96 -14.05 -18.27
CA PRO E 149 9.58 -13.57 -18.39
C PRO E 149 9.53 -12.05 -18.60
N PHE E 150 10.41 -11.34 -17.90
CA PHE E 150 10.47 -9.89 -17.98
C PHE E 150 11.08 -9.42 -19.32
N LEU E 151 12.16 -10.08 -19.74
CA LEU E 151 12.84 -9.74 -21.00
C LEU E 151 11.96 -10.05 -22.22
N ILE E 152 11.33 -11.22 -22.20
CA ILE E 152 10.45 -11.66 -23.28
C ILE E 152 9.32 -10.66 -23.51
N ARG E 153 8.69 -10.22 -22.43
CA ARG E 153 7.61 -9.24 -22.55
C ARG E 153 8.14 -8.03 -23.32
N ARG E 154 9.41 -7.71 -23.11
CA ARG E 154 9.99 -6.55 -23.77
C ARG E 154 10.46 -6.77 -25.21
N ILE E 155 11.32 -7.76 -25.42
CA ILE E 155 11.87 -8.00 -26.75
C ILE E 155 11.28 -9.18 -27.52
N GLY E 156 10.39 -9.94 -26.89
CA GLY E 156 9.81 -11.09 -27.55
C GLY E 156 10.58 -12.36 -27.26
N ARG E 157 9.99 -13.50 -27.61
CA ARG E 157 10.62 -14.79 -27.36
C ARG E 157 11.87 -15.11 -28.19
N GLN E 158 11.80 -14.89 -29.50
CA GLN E 158 12.94 -15.21 -30.34
C GLN E 158 14.22 -14.48 -29.91
N LYS E 159 14.19 -13.16 -29.84
CA LYS E 159 15.38 -12.42 -29.44
C LYS E 159 15.91 -12.90 -28.08
N ALA E 160 15.02 -13.13 -27.12
CA ALA E 160 15.46 -13.58 -25.81
C ALA E 160 16.16 -14.92 -25.90
N HIS E 161 15.62 -15.78 -26.76
CA HIS E 161 16.14 -17.12 -27.01
C HIS E 161 17.53 -16.98 -27.67
N TYR E 162 17.61 -16.16 -28.70
CA TYR E 162 18.87 -15.92 -29.42
C TYR E 162 19.94 -15.36 -28.47
N THR E 164 20.11 -15.66 -25.39
CA THR E 164 20.48 -16.69 -24.43
C THR E 164 21.39 -17.77 -25.01
N LEU E 165 21.10 -18.22 -26.23
CA LEU E 165 21.90 -19.25 -26.89
C LEU E 165 23.25 -18.68 -27.29
N THR E 167 26.15 -15.98 -26.60
CA THR E 167 26.42 -15.41 -25.29
C THR E 167 26.92 -13.99 -25.36
N LYS E 168 27.09 -13.48 -26.58
CA LYS E 168 27.61 -12.15 -26.80
C LYS E 168 26.77 -10.97 -26.34
N PRO E 169 27.44 -9.93 -25.86
CA PRO E 169 26.72 -8.74 -25.41
C PRO E 169 26.22 -8.06 -26.71
N ILE E 170 25.11 -7.34 -26.66
CA ILE E 170 24.64 -6.64 -27.84
C ILE E 170 24.78 -5.14 -27.57
N SER E 171 24.98 -4.35 -28.62
CA SER E 171 25.13 -2.91 -28.46
C SER E 171 23.82 -2.23 -28.07
N VAL E 172 23.92 -0.97 -27.64
CA VAL E 172 22.75 -0.20 -27.25
C VAL E 172 21.82 0.03 -28.44
N GLN E 173 22.36 -0.01 -29.66
CA GLN E 173 21.51 0.19 -30.82
C GLN E 173 20.73 -1.08 -31.12
N GLU E 174 21.34 -2.25 -30.90
CA GLU E 174 20.64 -3.52 -31.10
C GLU E 174 19.54 -3.56 -30.06
N ALA E 175 19.89 -3.17 -28.84
CA ALA E 175 18.95 -3.14 -27.72
C ALA E 175 17.78 -2.24 -28.08
N SER E 176 18.10 -1.12 -28.71
CA SER E 176 17.09 -0.15 -29.12
C SER E 176 16.16 -0.70 -30.21
N GLU E 177 16.74 -1.33 -31.22
CA GLU E 177 15.96 -1.90 -32.31
C GLU E 177 15.09 -3.04 -31.81
N TRP E 178 15.65 -3.83 -30.90
CA TRP E 178 14.91 -4.97 -30.36
C TRP E 178 13.82 -4.57 -29.37
N GLY E 179 13.86 -3.34 -28.88
CA GLY E 179 12.85 -2.90 -27.94
C GLY E 179 13.21 -3.15 -26.48
N LEU E 180 14.47 -3.42 -26.19
CA LEU E 180 14.92 -3.64 -24.83
C LEU E 180 15.12 -2.29 -24.15
N ILE E 181 15.42 -1.29 -24.98
CA ILE E 181 15.65 0.07 -24.53
C ILE E 181 14.68 0.98 -25.27
N ASP E 182 13.98 1.83 -24.54
CA ASP E 182 13.02 2.74 -25.16
C ASP E 182 13.71 3.94 -25.80
N ALA E 183 14.88 4.31 -25.28
CA ALA E 183 15.59 5.47 -25.82
C ALA E 183 17.04 5.54 -25.38
N PHE E 184 17.90 6.05 -26.25
CA PHE E 184 19.31 6.17 -25.93
C PHE E 184 19.95 7.36 -26.65
N ASP E 185 21.10 7.80 -26.14
CA ASP E 185 21.84 8.93 -26.68
C ASP E 185 23.15 9.06 -25.90
N ALA E 186 24.15 9.69 -26.50
CA ALA E 186 25.42 9.88 -25.82
C ALA E 186 25.17 10.48 -24.43
N GLU E 187 24.44 11.60 -24.39
CA GLU E 187 24.13 12.28 -23.13
C GLU E 187 22.87 11.75 -22.47
N SER E 188 22.98 10.64 -21.75
CA SER E 188 21.80 10.06 -21.10
C SER E 188 21.19 10.93 -20.01
N ASP E 189 22.00 11.79 -19.38
CA ASP E 189 21.52 12.66 -18.31
C ASP E 189 20.46 13.61 -18.84
N VAL E 190 20.72 14.16 -20.01
CA VAL E 190 19.80 15.10 -20.65
C VAL E 190 18.51 14.37 -21.01
N LEU E 191 18.66 13.22 -21.65
CA LEU E 191 17.53 12.39 -22.07
C LEU E 191 16.65 12.05 -20.87
N LEU E 192 17.26 11.62 -19.78
CA LEU E 192 16.52 11.27 -18.58
C LEU E 192 15.70 12.44 -18.08
N ARG E 193 16.28 13.64 -18.16
CA ARG E 193 15.61 14.84 -17.71
C ARG E 193 14.44 15.20 -18.60
N LYS E 194 14.58 14.96 -19.89
CA LYS E 194 13.51 15.24 -20.83
C LYS E 194 12.32 14.33 -20.51
N HIS E 195 12.62 13.11 -20.05
CA HIS E 195 11.58 12.15 -19.69
C HIS E 195 10.95 12.55 -18.36
N LEU E 196 11.78 12.84 -17.37
CA LEU E 196 11.28 13.23 -16.07
C LEU E 196 10.34 14.43 -16.20
N LEU E 197 10.70 15.35 -17.09
CA LEU E 197 9.89 16.55 -17.34
C LEU E 197 8.47 16.21 -17.83
N ARG E 198 8.35 15.16 -18.64
CA ARG E 198 7.04 14.76 -19.15
C ARG E 198 6.28 13.94 -18.12
N LEU E 199 7.01 13.14 -17.35
CA LEU E 199 6.38 12.32 -16.33
C LEU E 199 5.84 13.15 -15.16
N ARG E 200 6.41 14.34 -14.96
CA ARG E 200 5.98 15.24 -13.88
C ARG E 200 4.51 15.62 -14.04
N ARG E 201 4.03 15.63 -15.28
CA ARG E 201 2.65 15.98 -15.55
C ARG E 201 1.64 14.91 -15.09
N LEU E 202 2.13 13.73 -14.71
CA LEU E 202 1.24 12.66 -14.29
C LEU E 202 1.08 12.63 -12.77
N ASN E 203 -0.08 12.17 -12.30
CA ASN E 203 -0.31 12.07 -10.87
C ASN E 203 -0.27 10.59 -10.45
N LYS E 204 0.06 10.33 -9.19
CA LYS E 204 0.17 8.97 -8.67
C LYS E 204 -1.09 8.11 -8.86
N LYS E 205 -2.26 8.72 -8.84
CA LYS E 205 -3.50 7.96 -9.01
C LYS E 205 -3.62 7.39 -10.43
N GLY E 206 -3.42 8.23 -11.43
CA GLY E 206 -3.50 7.78 -12.81
C GLY E 206 -2.52 6.66 -13.12
N ILE E 207 -1.25 6.87 -12.77
CA ILE E 207 -0.25 5.85 -13.02
C ILE E 207 -0.62 4.56 -12.33
N ALA E 208 -1.11 4.68 -11.09
CA ALA E 208 -1.48 3.49 -10.35
C ALA E 208 -2.56 2.71 -11.08
N HIS E 209 -3.69 3.36 -11.32
CA HIS E 209 -4.80 2.71 -12.02
C HIS E 209 -4.38 2.18 -13.38
N TYR E 210 -3.74 3.03 -14.18
CA TYR E 210 -3.29 2.64 -15.51
C TYR E 210 -2.41 1.41 -15.42
N LYS E 211 -1.47 1.41 -14.49
CA LYS E 211 -0.56 0.28 -14.35
C LYS E 211 -1.28 -0.96 -13.87
N GLN E 212 -2.34 -0.79 -13.09
CA GLN E 212 -3.10 -1.94 -12.62
C GLN E 212 -3.85 -2.54 -13.80
N PHE E 213 -4.38 -1.66 -14.65
CA PHE E 213 -5.11 -2.10 -15.84
C PHE E 213 -4.16 -2.89 -16.74
N SER E 215 -1.44 -4.36 -16.10
CA SER E 215 -1.03 -5.60 -15.44
C SER E 215 -2.19 -6.60 -15.49
N SER E 216 -3.40 -6.05 -15.48
CA SER E 216 -4.63 -6.82 -15.51
C SER E 216 -4.82 -7.60 -16.82
N LEU E 217 -4.32 -7.06 -17.93
CA LEU E 217 -4.45 -7.69 -19.24
C LEU E 217 -3.37 -8.72 -19.52
N ASP E 218 -2.16 -8.43 -19.05
CA ASP E 218 -1.03 -9.32 -19.27
C ASP E 218 -0.63 -10.05 -17.99
N HIS E 219 -0.80 -11.36 -17.98
CA HIS E 219 -0.45 -12.12 -16.79
C HIS E 219 0.73 -13.09 -16.98
N GLN E 220 1.39 -13.01 -18.12
CA GLN E 220 2.53 -13.88 -18.42
C GLN E 220 3.60 -13.86 -17.31
N VAL E 221 3.90 -12.69 -16.76
CA VAL E 221 4.90 -12.58 -15.72
C VAL E 221 4.46 -13.31 -14.46
N SER E 222 3.18 -13.23 -14.17
CA SER E 222 2.60 -13.87 -12.99
C SER E 222 2.55 -15.40 -13.10
N ARG E 223 2.14 -15.91 -14.25
CA ARG E 223 2.04 -17.35 -14.44
C ARG E 223 3.42 -17.99 -14.58
N ALA E 224 4.37 -17.25 -15.14
CA ALA E 224 5.71 -17.76 -15.31
C ALA E 224 6.40 -18.02 -13.97
N LYS E 225 6.13 -17.17 -12.99
CA LYS E 225 6.70 -17.32 -11.66
C LYS E 225 6.25 -18.65 -11.09
N ALA E 226 7.23 -19.47 -10.68
CA ALA E 226 7.01 -20.81 -10.12
C ALA E 226 7.79 -21.76 -11.00
N THR E 227 7.46 -21.75 -12.29
CA THR E 227 8.19 -22.58 -13.22
C THR E 227 9.63 -22.05 -13.20
N ALA E 228 9.72 -20.72 -13.10
CA ALA E 228 11.01 -20.05 -13.06
C ALA E 228 11.72 -20.31 -11.74
N LEU E 229 10.99 -20.14 -10.63
CA LEU E 229 11.56 -20.36 -9.30
C LEU E 229 12.00 -21.80 -9.12
N THR E 230 11.22 -22.71 -9.69
CA THR E 230 11.54 -24.13 -9.65
C THR E 230 12.82 -24.37 -10.45
N ALA E 231 12.89 -23.76 -11.63
CA ALA E 231 14.06 -23.91 -12.51
C ALA E 231 15.28 -23.27 -11.87
N ASN E 232 15.08 -22.12 -11.23
CA ASN E 232 16.18 -21.42 -10.60
C ASN E 232 16.81 -22.31 -9.55
N GLN E 233 15.98 -23.11 -8.87
CA GLN E 233 16.51 -24.07 -7.91
C GLN E 233 17.11 -25.00 -8.94
N ASP E 234 16.69 -26.26 -8.99
CA ASP E 234 17.21 -27.17 -10.01
C ASP E 234 18.59 -26.88 -10.58
N PHE E 236 20.80 -24.51 -10.14
CA PHE E 236 21.83 -24.18 -9.16
C PHE E 236 21.96 -25.27 -8.11
N SER E 237 21.36 -26.41 -8.40
CA SER E 237 21.37 -27.55 -7.52
C SER E 237 21.91 -28.75 -8.28
N ASP E 238 22.16 -28.54 -9.56
CA ASP E 238 22.67 -29.58 -10.43
C ASP E 238 24.16 -29.81 -10.21
N PRO E 239 24.55 -31.04 -9.84
CA PRO E 239 25.95 -31.38 -9.62
C PRO E 239 26.91 -30.92 -10.72
N GLN E 240 26.57 -31.21 -11.97
CA GLN E 240 27.41 -30.78 -13.08
C GLN E 240 27.59 -29.26 -13.07
N ASN E 241 26.48 -28.54 -12.94
CA ASN E 241 26.52 -27.08 -12.91
C ASN E 241 27.31 -26.58 -11.71
N GLN E 242 27.14 -27.23 -10.56
CA GLN E 242 27.86 -26.82 -9.36
C GLN E 242 29.33 -26.73 -9.76
N GLY E 244 32.32 -26.38 -12.46
CA GLY E 244 32.24 -25.42 -13.55
C GLY E 244 32.13 -24.05 -12.90
N ILE E 245 31.15 -23.88 -12.02
CA ILE E 245 31.03 -22.62 -11.32
C ILE E 245 32.19 -22.67 -10.33
N ILE E 246 32.28 -23.80 -9.62
CA ILE E 246 33.37 -24.00 -8.66
C ILE E 246 34.69 -23.83 -9.39
N ARG E 247 34.88 -24.63 -10.44
CA ARG E 247 36.09 -24.60 -11.24
C ARG E 247 36.38 -23.24 -11.86
N TYR E 248 35.32 -22.50 -12.19
CA TYR E 248 35.49 -21.18 -12.80
C TYR E 248 36.02 -20.16 -11.80
N VAL E 249 35.53 -20.23 -10.57
CA VAL E 249 35.99 -19.30 -9.55
C VAL E 249 37.46 -19.55 -9.27
N GLU E 250 37.83 -20.82 -9.24
CA GLU E 250 39.22 -21.19 -8.97
C GLU E 250 40.10 -20.93 -10.20
N THR E 251 39.50 -20.90 -11.39
CA THR E 251 40.24 -20.65 -12.63
C THR E 251 39.44 -19.88 -13.69
N GLY E 252 39.13 -20.55 -14.81
CA GLY E 252 38.36 -19.93 -15.88
C GLY E 252 37.33 -20.92 -16.44
N GLN E 253 36.36 -20.44 -17.22
CA GLN E 253 35.31 -21.33 -17.76
C GLN E 253 35.73 -22.64 -18.41
N PHE E 254 34.74 -23.35 -18.94
CA PHE E 254 34.98 -24.67 -19.50
C PHE E 254 34.59 -25.03 -20.93
N PRO E 255 34.26 -24.05 -21.79
CA PRO E 255 33.91 -24.57 -23.12
C PRO E 255 35.13 -25.29 -23.72
N THR F 5 -27.85 43.51 19.03
CA THR F 5 -26.42 43.95 19.03
C THR F 5 -25.56 42.85 18.44
N TYR F 6 -26.19 41.71 18.19
CA TYR F 6 -25.50 40.56 17.61
C TYR F 6 -26.32 39.99 16.46
N GLN F 7 -26.52 38.68 16.44
CA GLN F 7 -27.28 38.06 15.37
C GLN F 7 -27.28 36.56 15.53
N THR F 8 -26.25 36.04 16.19
CA THR F 8 -26.14 34.62 16.39
C THR F 8 -26.21 34.24 17.85
N ILE F 9 -25.93 35.19 18.74
CA ILE F 9 -25.94 34.94 20.17
C ILE F 9 -26.59 36.01 21.05
N LYS F 10 -27.02 35.58 22.23
CA LYS F 10 -27.63 36.47 23.21
C LYS F 10 -26.62 36.56 24.36
N VAL F 11 -26.26 37.78 24.72
CA VAL F 11 -25.28 37.99 25.77
C VAL F 11 -25.82 38.75 26.96
N ARG F 12 -25.61 38.20 28.15
CA ARG F 12 -26.07 38.84 29.38
C ARG F 12 -25.05 38.60 30.49
N PHE F 13 -24.73 39.63 31.26
CA PHE F 13 -23.79 39.51 32.38
C PHE F 13 -24.57 39.62 33.68
N GLN F 14 -24.17 38.83 34.67
CA GLN F 14 -24.80 38.86 35.97
C GLN F 14 -23.65 38.79 36.97
N ALA F 15 -23.45 39.87 37.70
CA ALA F 15 -22.37 39.92 38.67
C ALA F 15 -21.02 39.66 37.98
N SER F 16 -20.45 38.49 38.22
CA SER F 16 -19.14 38.15 37.64
C SER F 16 -19.20 37.14 36.50
N VAL F 17 -20.41 36.75 36.11
CA VAL F 17 -20.63 35.76 35.07
C VAL F 17 -21.14 36.34 33.74
N CYS F 18 -20.77 35.71 32.64
CA CYS F 18 -21.21 36.16 31.32
C CYS F 18 -21.88 35.01 30.59
N TYR F 19 -23.18 35.14 30.36
CA TYR F 19 -23.91 34.08 29.67
C TYR F 19 -23.99 34.35 28.17
N ILE F 20 -23.57 33.38 27.38
CA ILE F 20 -23.63 33.48 25.93
C ILE F 20 -24.64 32.43 25.51
N THR F 21 -25.65 32.86 24.77
CA THR F 21 -26.68 31.94 24.30
C THR F 21 -26.77 31.92 22.79
N PHE F 22 -26.68 30.73 22.22
CA PHE F 22 -26.75 30.56 20.77
C PHE F 22 -28.23 30.54 20.36
N HIS F 23 -28.52 31.02 19.14
CA HIS F 23 -29.90 31.04 18.67
C HIS F 23 -30.02 30.96 17.16
N ARG F 24 -30.04 29.73 16.65
CA ARG F 24 -30.18 29.45 15.22
C ARG F 24 -31.13 28.26 15.12
N PRO F 25 -32.31 28.38 15.73
CA PRO F 25 -33.31 27.31 15.74
C PRO F 25 -33.72 26.80 14.37
N GLU F 26 -33.54 27.62 13.33
CA GLU F 26 -33.90 27.22 11.97
C GLU F 26 -32.75 26.49 11.27
N ALA F 27 -31.52 26.89 11.59
CA ALA F 27 -30.32 26.28 11.01
C ALA F 27 -29.76 25.24 11.97
N ASN F 28 -30.59 24.87 12.96
CA ASN F 28 -30.24 23.88 13.98
C ASN F 28 -28.88 24.14 14.64
N ASN F 29 -28.77 25.27 15.34
CA ASN F 29 -27.56 25.70 16.05
C ASN F 29 -26.28 25.25 15.34
N THR F 30 -26.14 25.70 14.09
CA THR F 30 -25.00 25.36 13.25
C THR F 30 -23.91 26.42 13.23
N ILE F 31 -22.72 26.07 13.74
CA ILE F 31 -21.58 27.00 13.77
C ILE F 31 -21.37 27.55 12.36
N ASN F 32 -21.44 28.87 12.23
CA ASN F 32 -21.28 29.49 10.91
C ASN F 32 -20.71 30.92 10.89
N ASP F 33 -19.44 31.03 10.48
CA ASP F 33 -18.72 32.30 10.35
C ASP F 33 -19.07 33.41 11.34
N THR F 34 -20.19 34.07 11.10
CA THR F 34 -20.64 35.16 11.96
C THR F 34 -20.67 34.77 13.44
N LEU F 35 -21.18 33.58 13.73
CA LEU F 35 -21.28 33.08 15.09
C LEU F 35 -19.93 33.16 15.80
N ILE F 36 -18.89 32.65 15.14
CA ILE F 36 -17.54 32.65 15.69
C ILE F 36 -17.04 34.05 16.03
N GLU F 37 -17.17 34.95 15.06
CA GLU F 37 -16.72 36.34 15.19
C GLU F 37 -17.33 37.06 16.41
N GLU F 38 -18.62 36.86 16.62
CA GLU F 38 -19.30 37.49 17.75
C GLU F 38 -18.86 36.91 19.09
N CYS F 39 -18.64 35.59 19.13
CA CYS F 39 -18.21 34.94 20.36
C CYS F 39 -16.86 35.47 20.82
N LEU F 40 -15.92 35.60 19.89
CA LEU F 40 -14.59 36.10 20.23
C LEU F 40 -14.69 37.50 20.79
N GLN F 41 -15.62 38.28 20.25
CA GLN F 41 -15.82 39.67 20.66
C GLN F 41 -16.18 39.79 22.12
N VAL F 42 -17.15 38.99 22.58
CA VAL F 42 -17.54 39.05 23.98
C VAL F 42 -16.40 38.49 24.83
N LEU F 43 -15.75 37.43 24.37
CA LEU F 43 -14.63 36.87 25.14
C LEU F 43 -13.52 37.88 25.27
N ASN F 44 -13.26 38.60 24.18
CA ASN F 44 -12.22 39.62 24.18
C ASN F 44 -12.54 40.65 25.24
N GLN F 45 -13.84 40.83 25.45
CA GLN F 45 -14.34 41.77 26.42
C GLN F 45 -14.23 41.19 27.84
N CYS F 46 -14.53 39.90 28.00
CA CYS F 46 -14.44 39.25 29.30
C CYS F 46 -12.97 39.14 29.69
N GLU F 47 -12.10 39.39 28.72
CA GLU F 47 -10.65 39.28 28.92
C GLU F 47 -10.10 40.29 29.93
N THR F 48 -10.62 41.51 29.89
CA THR F 48 -10.17 42.57 30.78
C THR F 48 -11.23 42.88 31.84
N SER F 49 -12.47 42.49 31.57
CA SER F 49 -13.56 42.74 32.49
C SER F 49 -13.31 42.17 33.88
N THR F 50 -14.35 42.23 34.70
CA THR F 50 -14.34 41.72 36.05
C THR F 50 -14.92 40.30 36.04
N VAL F 51 -15.28 39.84 34.85
CA VAL F 51 -15.84 38.51 34.67
C VAL F 51 -14.85 37.40 35.02
N THR F 52 -15.33 36.33 35.64
CA THR F 52 -14.48 35.19 35.96
C THR F 52 -15.11 33.88 35.50
N VAL F 53 -16.30 33.96 34.92
CA VAL F 53 -16.99 32.77 34.43
C VAL F 53 -17.86 33.06 33.22
N VAL F 54 -17.62 32.33 32.15
CA VAL F 54 -18.41 32.48 30.93
C VAL F 54 -19.18 31.17 30.77
N VAL F 55 -20.51 31.28 30.73
CA VAL F 55 -21.37 30.12 30.55
C VAL F 55 -21.88 30.10 29.10
N LEU F 56 -21.89 28.93 28.50
CA LEU F 56 -22.34 28.76 27.14
C LEU F 56 -23.65 27.98 27.16
N GLU F 57 -24.70 28.55 26.59
CA GLU F 57 -26.01 27.90 26.55
C GLU F 57 -26.66 27.96 25.17
N GLY F 58 -27.92 27.54 25.12
CA GLY F 58 -28.69 27.53 23.88
C GLY F 58 -29.59 26.32 24.00
N LEU F 59 -28.99 25.25 24.52
CA LEU F 59 -29.63 23.98 24.79
C LEU F 59 -30.99 23.73 24.11
N PRO F 60 -32.06 23.86 24.89
CA PRO F 60 -33.39 23.63 24.37
C PRO F 60 -33.46 22.20 23.84
N GLU F 61 -33.53 22.05 22.52
CA GLU F 61 -33.58 20.71 21.92
C GLU F 61 -32.24 20.30 21.29
N VAL F 62 -31.30 21.24 21.23
CA VAL F 62 -29.98 20.97 20.64
C VAL F 62 -28.98 22.09 20.93
N PHE F 63 -28.00 21.82 21.79
CA PHE F 63 -26.99 22.81 22.12
C PHE F 63 -26.35 23.31 20.83
N CYS F 64 -25.92 22.37 19.99
CA CYS F 64 -25.31 22.69 18.71
C CYS F 64 -25.02 21.44 17.92
N PHE F 65 -25.67 21.32 16.76
CA PHE F 65 -25.47 20.18 15.90
C PHE F 65 -24.02 20.22 15.46
N GLY F 66 -23.65 21.29 14.76
CA GLY F 66 -22.28 21.44 14.30
C GLY F 66 -22.10 22.46 13.18
N ALA F 67 -21.27 22.12 12.20
CA ALA F 67 -21.03 23.00 11.05
C ALA F 67 -22.35 23.11 10.30
N ASP F 68 -22.31 23.60 9.06
CA ASP F 68 -23.55 23.73 8.30
C ASP F 68 -23.48 23.17 6.89
N PHE F 69 -24.23 22.09 6.66
CA PHE F 69 -24.32 21.45 5.35
C PHE F 69 -25.26 22.34 4.55
N GLN F 70 -26.15 22.99 5.30
CA GLN F 70 -27.16 23.90 4.77
C GLN F 70 -26.48 25.13 4.18
N GLU F 71 -25.32 25.47 4.75
CA GLU F 71 -24.55 26.62 4.31
C GLU F 71 -23.40 26.20 3.39
N ILE F 72 -23.11 24.91 3.34
CA ILE F 72 -22.03 24.40 2.50
C ILE F 72 -22.54 24.14 1.08
N TYR F 73 -23.85 23.91 0.95
CA TYR F 73 -24.43 23.67 -0.37
C TYR F 73 -24.62 25.00 -1.09
N GLN F 74 -24.98 26.03 -0.34
CA GLN F 74 -25.21 27.36 -0.88
C GLN F 74 -23.92 28.17 -1.12
N GLU F 75 -22.91 27.91 -0.29
CA GLU F 75 -21.62 28.60 -0.41
C GLU F 75 -20.74 27.89 -1.45
N LYS F 77 -22.23 26.40 -3.68
CA LYS F 77 -23.18 26.54 -4.79
C LYS F 77 -22.66 27.72 -5.60
N ARG F 78 -21.73 28.45 -4.99
CA ARG F 78 -21.07 29.58 -5.63
C ARG F 78 -19.77 28.96 -6.09
N GLY F 79 -18.85 29.77 -6.60
CA GLY F 79 -17.59 29.21 -7.04
C GLY F 79 -16.94 28.58 -5.83
N ARG F 80 -16.64 29.41 -4.84
CA ARG F 80 -16.02 28.99 -3.59
C ARG F 80 -15.31 27.64 -3.64
N LYS F 81 -14.59 27.39 -4.74
CA LYS F 81 -13.83 26.15 -4.87
C LYS F 81 -12.76 26.30 -3.79
N GLN F 82 -12.07 25.21 -3.43
CA GLN F 82 -11.05 25.29 -2.39
C GLN F 82 -11.79 25.50 -1.05
N ALA F 83 -11.44 24.71 -0.05
CA ALA F 83 -12.10 24.80 1.25
C ALA F 83 -11.82 26.08 2.06
N SER F 84 -12.73 26.38 2.98
CA SER F 84 -12.64 27.56 3.83
C SER F 84 -11.81 27.30 5.08
N SER F 85 -11.20 28.37 5.62
CA SER F 85 -10.36 28.26 6.81
C SER F 85 -11.18 28.14 8.10
N GLN F 86 -10.91 27.10 8.86
CA GLN F 86 -11.60 26.86 10.13
C GLN F 86 -10.71 27.26 11.30
N GLU F 87 -9.69 28.05 11.02
CA GLU F 87 -8.77 28.49 12.06
C GLU F 87 -9.45 29.35 13.13
N PRO F 88 -10.33 30.27 12.72
CA PRO F 88 -11.01 31.10 13.72
C PRO F 88 -11.78 30.26 14.75
N LEU F 89 -12.40 29.18 14.30
CA LEU F 89 -13.14 28.29 15.18
C LEU F 89 -12.20 27.57 16.12
N TYR F 90 -11.07 27.12 15.59
CA TYR F 90 -10.09 26.41 16.39
C TYR F 90 -9.52 27.34 17.45
N ASP F 91 -9.33 28.61 17.08
CA ASP F 91 -8.79 29.60 18.02
C ASP F 91 -9.82 29.90 19.09
N LEU F 92 -11.08 29.99 18.68
CA LEU F 92 -12.17 30.27 19.59
C LEU F 92 -12.19 29.18 20.67
N TRP F 93 -12.20 27.93 20.23
CA TRP F 93 -12.22 26.82 21.16
C TRP F 93 -11.00 26.82 22.08
N LYS F 95 -9.37 29.44 23.03
CA LYS F 95 -9.51 30.56 23.95
C LYS F 95 -10.39 30.18 25.15
N LEU F 96 -11.36 29.29 24.95
CA LEU F 96 -12.22 28.84 26.04
C LEU F 96 -11.39 28.04 27.04
N GLN F 97 -10.33 27.40 26.56
CA GLN F 97 -9.46 26.60 27.42
C GLN F 97 -8.32 27.43 28.00
N THR F 98 -8.07 28.61 27.45
CA THR F 98 -6.96 29.43 27.92
C THR F 98 -7.37 30.77 28.49
N GLY F 99 -8.60 31.18 28.25
CA GLY F 99 -9.06 32.47 28.72
C GLY F 99 -8.90 32.72 30.20
N PRO F 100 -8.73 33.99 30.61
CA PRO F 100 -8.56 34.34 32.02
C PRO F 100 -9.93 34.32 32.72
N TYR F 101 -10.58 33.18 32.63
CA TYR F 101 -11.90 32.95 33.22
C TYR F 101 -12.23 31.48 33.06
N VAL F 102 -13.20 31.00 33.85
CA VAL F 102 -13.64 29.61 33.78
C VAL F 102 -14.79 29.51 32.80
N THR F 103 -14.66 28.62 31.83
CA THR F 103 -15.69 28.44 30.84
C THR F 103 -16.53 27.23 31.19
N ILE F 104 -17.82 27.34 30.94
CA ILE F 104 -18.75 26.27 31.25
C ILE F 104 -19.75 26.05 30.14
N SER F 105 -19.90 24.79 29.74
CA SER F 105 -20.87 24.39 28.74
C SER F 105 -22.07 23.85 29.52
N HIS F 106 -23.24 24.40 29.24
CA HIS F 106 -24.48 23.96 29.87
C HIS F 106 -25.22 23.25 28.74
N VAL F 107 -25.28 21.93 28.79
CA VAL F 107 -25.88 21.15 27.70
C VAL F 107 -27.17 20.37 27.96
N ARG F 108 -28.09 20.51 27.01
CA ARG F 108 -29.39 19.83 27.02
C ARG F 108 -29.64 19.39 25.57
N GLY F 109 -30.19 18.20 25.37
CA GLY F 109 -30.49 17.76 24.01
C GLY F 109 -29.40 17.10 23.18
N LYS F 110 -29.60 17.08 21.87
CA LYS F 110 -28.65 16.46 20.94
C LYS F 110 -27.45 17.33 20.62
N VAL F 111 -26.28 16.72 20.61
CA VAL F 111 -25.05 17.41 20.28
C VAL F 111 -24.25 16.58 19.27
N ASN F 112 -23.95 17.18 18.12
CA ASN F 112 -23.16 16.49 17.10
C ASN F 112 -21.86 17.28 16.96
N ALA F 113 -20.95 16.81 16.12
CA ALA F 113 -19.66 17.48 15.91
C ALA F 113 -19.90 18.98 15.88
N GLY F 114 -18.97 19.75 16.43
CA GLY F 114 -19.18 21.19 16.43
C GLY F 114 -19.66 21.60 17.80
N GLY F 115 -20.86 21.15 18.17
CA GLY F 115 -21.34 21.45 19.50
C GLY F 115 -20.37 20.76 20.43
N LEU F 116 -19.89 19.59 19.98
CA LEU F 116 -18.94 18.77 20.72
C LEU F 116 -17.63 19.51 20.94
N GLY F 117 -17.26 20.35 19.98
CA GLY F 117 -16.05 21.13 20.08
C GLY F 117 -16.19 22.15 21.19
N PHE F 118 -17.36 22.77 21.26
CA PHE F 118 -17.65 23.75 22.31
C PHE F 118 -17.63 23.08 23.68
N VAL F 119 -18.39 22.00 23.82
CA VAL F 119 -18.49 21.28 25.07
C VAL F 119 -17.13 20.80 25.56
N SER F 120 -16.40 20.11 24.68
CA SER F 120 -15.07 19.60 25.02
C SER F 120 -14.08 20.68 25.44
N ALA F 121 -14.09 21.80 24.71
CA ALA F 121 -13.18 22.90 24.97
C ALA F 121 -13.39 23.66 26.29
N THR F 122 -14.64 23.75 26.75
CA THR F 122 -14.91 24.45 28.01
C THR F 122 -14.23 23.77 29.20
N ASP F 123 -13.90 24.53 30.22
CA ASP F 123 -13.25 23.99 31.41
C ASP F 123 -14.16 22.98 32.10
N ILE F 124 -15.46 23.25 32.07
CA ILE F 124 -16.43 22.40 32.74
C ILE F 124 -17.64 22.20 31.87
N ALA F 125 -18.15 20.98 31.89
CA ALA F 125 -19.32 20.67 31.09
C ALA F 125 -20.41 20.01 31.93
N ILE F 126 -21.57 20.63 31.97
CA ILE F 126 -22.67 20.06 32.71
C ILE F 126 -23.86 19.85 31.78
N ALA F 127 -24.67 18.84 32.08
CA ALA F 127 -25.84 18.57 31.25
C ALA F 127 -27.02 18.06 32.06
N ASP F 128 -28.18 18.01 31.41
CA ASP F 128 -29.38 17.47 32.04
C ASP F 128 -29.44 16.05 31.48
N GLN F 129 -30.50 15.30 31.77
CA GLN F 129 -30.56 13.93 31.26
C GLN F 129 -31.01 13.75 29.82
N THR F 130 -31.32 14.85 29.14
CA THR F 130 -31.74 14.75 27.74
C THR F 130 -30.55 14.73 26.80
N ALA F 131 -29.43 15.30 27.25
CA ALA F 131 -28.21 15.39 26.45
C ALA F 131 -27.76 14.08 25.81
N SER F 132 -27.28 14.19 24.58
CA SER F 132 -26.80 13.06 23.82
C SER F 132 -25.66 13.56 22.93
N PHE F 133 -24.63 12.73 22.73
CA PHE F 133 -23.49 13.15 21.92
C PHE F 133 -23.11 12.14 20.83
N SER F 134 -22.83 12.64 19.63
CA SER F 134 -22.46 11.77 18.52
C SER F 134 -21.53 12.43 17.50
N LEU F 135 -20.82 11.58 16.77
CA LEU F 135 -19.87 11.99 15.74
C LEU F 135 -20.17 11.04 14.56
N SER F 136 -20.88 11.53 13.56
CA SER F 136 -21.25 10.68 12.43
C SER F 136 -20.61 10.97 11.07
N GLU F 137 -19.84 12.05 10.99
CA GLU F 137 -19.21 12.44 9.73
C GLU F 137 -18.56 11.28 8.99
N LEU F 138 -17.95 10.36 9.71
CA LEU F 138 -17.28 9.23 9.09
C LEU F 138 -18.17 8.45 8.10
N LEU F 139 -19.49 8.55 8.25
CA LEU F 139 -20.38 7.86 7.33
C LEU F 139 -20.24 8.51 5.94
N PHE F 140 -19.77 9.75 5.92
CA PHE F 140 -19.57 10.49 4.68
C PHE F 140 -18.09 10.56 4.31
N GLY F 141 -17.28 9.76 5.01
CA GLY F 141 -15.86 9.74 4.75
C GLY F 141 -15.13 10.92 5.35
N LEU F 142 -15.81 11.64 6.25
CA LEU F 142 -15.23 12.80 6.92
C LEU F 142 -14.97 12.48 8.39
N TYR F 143 -14.16 13.30 9.05
CA TYR F 143 -13.88 13.14 10.48
C TYR F 143 -13.70 14.55 11.08
N PRO F 144 -14.25 14.79 12.28
CA PRO F 144 -14.14 16.10 12.94
C PRO F 144 -12.74 16.45 13.46
N ALA F 145 -11.83 16.67 12.51
CA ALA F 145 -10.44 16.99 12.82
C ALA F 145 -10.28 18.13 13.84
N CYS F 146 -10.97 19.24 13.59
CA CYS F 146 -10.90 20.39 14.50
C CYS F 146 -11.43 20.04 15.89
N VAL F 147 -12.48 19.23 15.94
CA VAL F 147 -13.09 18.82 17.19
C VAL F 147 -12.24 17.80 17.96
N LEU F 148 -11.73 16.81 17.25
CA LEU F 148 -10.96 15.73 17.85
C LEU F 148 -9.88 16.01 18.90
N PRO F 149 -9.02 17.02 18.67
CA PRO F 149 -7.99 17.26 19.70
C PRO F 149 -8.59 17.63 21.05
N PHE F 150 -9.62 18.45 21.04
CA PHE F 150 -10.30 18.87 22.25
C PHE F 150 -10.98 17.67 22.91
N LEU F 151 -11.75 16.90 22.14
CA LEU F 151 -12.42 15.73 22.70
C LEU F 151 -11.41 14.73 23.30
N ILE F 152 -10.33 14.49 22.57
CA ILE F 152 -9.31 13.55 23.03
C ILE F 152 -8.78 13.96 24.41
N ARG F 153 -8.58 15.25 24.60
CA ARG F 153 -8.08 15.74 25.88
C ARG F 153 -8.99 15.37 27.05
N ARG F 154 -10.29 15.38 26.83
CA ARG F 154 -11.22 15.04 27.91
C ARG F 154 -11.38 13.54 28.11
N ILE F 155 -11.57 12.82 27.02
CA ILE F 155 -11.83 11.38 27.12
C ILE F 155 -10.77 10.40 26.65
N GLY F 156 -9.62 10.90 26.21
CA GLY F 156 -8.58 10.00 25.72
C GLY F 156 -8.82 9.60 24.27
N ARG F 157 -7.76 9.13 23.62
CA ARG F 157 -7.81 8.74 22.22
C ARG F 157 -8.72 7.55 21.91
N GLN F 158 -8.63 6.50 22.72
CA GLN F 158 -9.45 5.32 22.49
C GLN F 158 -10.93 5.60 22.47
N LYS F 159 -11.46 6.15 23.55
CA LYS F 159 -12.88 6.45 23.61
C LYS F 159 -13.27 7.36 22.43
N ALA F 160 -12.38 8.29 22.09
CA ALA F 160 -12.65 9.20 20.98
C ALA F 160 -12.65 8.39 19.67
N HIS F 161 -11.73 7.45 19.59
CA HIS F 161 -11.58 6.59 18.43
C HIS F 161 -12.85 5.74 18.20
N TYR F 162 -13.27 5.03 19.25
CA TYR F 162 -14.47 4.18 19.21
C TYR F 162 -15.70 5.00 18.78
N THR F 164 -15.92 7.84 17.14
CA THR F 164 -15.87 8.25 15.75
C THR F 164 -16.14 7.12 14.77
N LEU F 165 -15.58 5.94 15.05
CA LEU F 165 -15.74 4.77 14.18
C LEU F 165 -17.15 4.20 14.17
N THR F 167 -20.05 5.75 15.19
CA THR F 167 -21.06 6.76 14.86
C THR F 167 -22.34 6.76 15.69
N LYS F 168 -22.47 5.85 16.66
CA LYS F 168 -23.70 5.84 17.46
C LYS F 168 -23.66 6.87 18.59
N PRO F 169 -24.80 7.53 18.85
CA PRO F 169 -24.87 8.54 19.91
C PRO F 169 -24.52 7.97 21.27
N ILE F 170 -23.95 8.83 22.10
CA ILE F 170 -23.54 8.48 23.46
C ILE F 170 -24.53 9.15 24.40
N SER F 171 -24.89 8.48 25.50
CA SER F 171 -25.82 9.06 26.46
C SER F 171 -25.05 9.86 27.51
N VAL F 172 -25.75 10.74 28.22
CA VAL F 172 -25.13 11.55 29.26
C VAL F 172 -24.41 10.65 30.27
N GLN F 173 -24.95 9.45 30.45
CA GLN F 173 -24.35 8.48 31.38
C GLN F 173 -22.93 8.12 30.96
N GLU F 174 -22.78 7.64 29.73
CA GLU F 174 -21.46 7.27 29.22
C GLU F 174 -20.56 8.50 29.16
N ALA F 175 -21.13 9.62 28.70
CA ALA F 175 -20.41 10.87 28.60
C ALA F 175 -19.85 11.19 29.98
N SER F 176 -20.68 10.98 30.99
CA SER F 176 -20.32 11.22 32.37
C SER F 176 -19.13 10.35 32.77
N GLU F 177 -19.24 9.06 32.48
CA GLU F 177 -18.18 8.11 32.81
C GLU F 177 -16.86 8.36 32.06
N TRP F 178 -16.93 8.59 30.75
CA TRP F 178 -15.73 8.82 29.96
C TRP F 178 -15.02 10.13 30.28
N GLY F 179 -15.71 11.05 30.94
CA GLY F 179 -15.10 12.32 31.27
C GLY F 179 -15.47 13.43 30.31
N LEU F 180 -16.43 13.17 29.40
CA LEU F 180 -16.87 14.20 28.46
C LEU F 180 -17.70 15.25 29.19
N ILE F 181 -18.40 14.84 30.23
CA ILE F 181 -19.17 15.81 31.00
C ILE F 181 -18.75 15.64 32.44
N ASP F 182 -18.58 16.76 33.13
CA ASP F 182 -18.15 16.72 34.52
C ASP F 182 -19.24 16.42 35.53
N ALA F 183 -20.47 16.79 35.19
CA ALA F 183 -21.62 16.55 36.04
C ALA F 183 -22.93 16.75 35.28
N PHE F 184 -23.97 16.01 35.67
CA PHE F 184 -25.27 16.11 35.00
C PHE F 184 -26.43 15.81 35.96
N ASP F 185 -27.60 16.33 35.64
CA ASP F 185 -28.80 16.12 36.45
C ASP F 185 -30.05 16.58 35.73
N ALA F 186 -31.19 16.04 36.15
CA ALA F 186 -32.48 16.41 35.56
C ALA F 186 -32.61 17.92 35.52
N GLU F 187 -32.15 18.60 36.56
CA GLU F 187 -32.22 20.05 36.59
C GLU F 187 -30.84 20.67 36.55
N SER F 188 -30.27 20.61 35.36
CA SER F 188 -28.95 21.14 35.08
C SER F 188 -28.86 22.60 35.52
N ASP F 189 -29.98 23.30 35.42
CA ASP F 189 -30.06 24.70 35.80
C ASP F 189 -29.59 24.93 37.22
N VAL F 190 -30.06 24.06 38.11
CA VAL F 190 -29.69 24.13 39.51
C VAL F 190 -28.26 23.65 39.66
N LEU F 191 -27.89 22.65 38.87
CA LEU F 191 -26.54 22.13 38.92
C LEU F 191 -25.58 23.25 38.50
N LEU F 192 -25.97 24.03 37.49
CA LEU F 192 -25.14 25.13 37.03
C LEU F 192 -24.97 26.12 38.16
N ARG F 193 -26.10 26.59 38.71
CA ARG F 193 -26.11 27.55 39.80
C ARG F 193 -25.23 27.06 40.93
N LYS F 194 -25.22 25.75 41.13
CA LYS F 194 -24.40 25.19 42.19
C LYS F 194 -22.90 25.30 41.86
N HIS F 195 -22.55 25.16 40.58
CA HIS F 195 -21.15 25.28 40.18
C HIS F 195 -20.75 26.74 40.30
N LEU F 196 -21.61 27.65 39.81
CA LEU F 196 -21.34 29.07 39.98
C LEU F 196 -21.47 29.07 41.49
N LEU F 197 -20.93 30.06 42.20
CA LEU F 197 -21.07 30.05 43.67
C LEU F 197 -19.84 29.38 44.28
N ARG F 198 -19.48 28.20 43.79
CA ARG F 198 -18.25 27.59 44.30
C ARG F 198 -17.16 28.30 43.49
N LEU F 199 -17.50 28.63 42.25
CA LEU F 199 -16.56 29.32 41.37
C LEU F 199 -16.45 30.78 41.79
N ARG F 200 -17.54 31.31 42.34
CA ARG F 200 -17.56 32.70 42.79
C ARG F 200 -16.54 32.88 43.92
N ARG F 201 -16.04 31.79 44.47
CA ARG F 201 -15.06 31.86 45.55
C ARG F 201 -13.63 32.03 45.05
N LEU F 202 -13.44 32.04 43.74
CA LEU F 202 -12.10 32.19 43.18
C LEU F 202 -11.95 33.59 42.60
N ASN F 203 -10.71 34.06 42.48
CA ASN F 203 -10.45 35.38 41.91
C ASN F 203 -9.89 35.24 40.48
N LYS F 204 -10.12 36.25 39.66
CA LYS F 204 -9.67 36.23 38.27
C LYS F 204 -8.16 35.99 38.08
N LYS F 205 -7.36 36.56 38.98
CA LYS F 205 -5.91 36.42 38.89
C LYS F 205 -5.49 34.96 39.07
N GLY F 206 -6.06 34.29 40.07
CA GLY F 206 -5.75 32.90 40.33
C GLY F 206 -6.22 32.01 39.17
N ILE F 207 -7.43 32.25 38.70
CA ILE F 207 -7.95 31.46 37.58
C ILE F 207 -7.04 31.64 36.37
N ALA F 208 -6.67 32.89 36.09
CA ALA F 208 -5.83 33.23 34.95
C ALA F 208 -4.47 32.52 34.97
N HIS F 209 -3.76 32.61 36.09
CA HIS F 209 -2.44 31.99 36.17
C HIS F 209 -2.50 30.46 36.16
N TYR F 210 -3.49 29.89 36.84
CA TYR F 210 -3.64 28.45 36.87
C TYR F 210 -3.91 27.95 35.45
N LYS F 211 -4.83 28.60 34.74
CA LYS F 211 -5.10 28.20 33.37
C LYS F 211 -3.87 28.40 32.51
N GLN F 212 -3.09 29.45 32.74
CA GLN F 212 -1.89 29.62 31.94
C GLN F 212 -0.94 28.47 32.24
N PHE F 213 -0.83 28.09 33.51
CA PHE F 213 0.04 26.99 33.89
C PHE F 213 -0.38 25.66 33.25
N SER F 215 -2.16 25.07 30.41
CA SER F 215 -1.92 25.01 28.98
C SER F 215 -0.44 24.98 28.64
N SER F 216 0.41 25.31 29.60
CA SER F 216 1.85 25.28 29.34
C SER F 216 2.37 23.88 29.64
N LEU F 217 1.59 23.12 30.40
CA LEU F 217 1.97 21.77 30.77
C LEU F 217 1.57 20.84 29.64
N ASP F 218 0.54 21.24 28.91
CA ASP F 218 0.03 20.43 27.81
C ASP F 218 -0.22 21.23 26.54
N HIS F 219 0.55 20.93 25.49
CA HIS F 219 0.40 21.64 24.22
C HIS F 219 -0.24 20.80 23.12
N GLN F 220 -0.80 19.64 23.50
CA GLN F 220 -1.42 18.73 22.54
C GLN F 220 -2.45 19.40 21.63
N VAL F 221 -3.27 20.29 22.18
CA VAL F 221 -4.28 20.98 21.37
C VAL F 221 -3.62 21.99 20.45
N SER F 222 -2.68 22.75 20.99
CA SER F 222 -1.96 23.75 20.21
C SER F 222 -1.14 23.08 19.11
N ARG F 223 -0.44 22.02 19.50
CA ARG F 223 0.42 21.25 18.60
C ARG F 223 -0.32 20.52 17.49
N ALA F 224 -1.59 20.21 17.73
CA ALA F 224 -2.41 19.48 16.76
C ALA F 224 -3.12 20.37 15.77
N LYS F 225 -3.17 21.67 16.06
CA LYS F 225 -3.88 22.64 15.24
C LYS F 225 -3.59 22.57 13.74
N ALA F 226 -2.33 22.70 13.36
CA ALA F 226 -1.96 22.66 11.95
C ALA F 226 -2.40 21.38 11.27
N THR F 227 -2.09 20.24 11.87
CA THR F 227 -2.45 18.95 11.29
C THR F 227 -3.96 18.87 11.15
N ALA F 228 -4.67 19.33 12.18
CA ALA F 228 -6.12 19.31 12.16
C ALA F 228 -6.64 20.22 11.05
N LEU F 229 -6.11 21.44 10.99
CA LEU F 229 -6.54 22.41 9.97
C LEU F 229 -6.18 21.96 8.56
N THR F 230 -5.06 21.25 8.44
CA THR F 230 -4.61 20.74 7.15
C THR F 230 -5.54 19.62 6.72
N ALA F 231 -5.96 18.81 7.69
CA ALA F 231 -6.87 17.70 7.44
C ALA F 231 -8.25 18.21 7.07
N ASN F 232 -8.67 19.33 7.64
CA ASN F 232 -9.97 19.89 7.34
C ASN F 232 -10.00 20.21 5.84
N GLN F 233 -9.05 21.00 5.37
CA GLN F 233 -8.95 21.24 3.93
C GLN F 233 -8.54 19.82 3.57
N ASP F 234 -8.24 19.49 2.32
CA ASP F 234 -7.86 18.11 2.02
C ASP F 234 -9.13 17.27 2.06
N PHE F 236 -12.18 18.35 2.63
CA PHE F 236 -13.26 18.96 1.87
C PHE F 236 -12.83 19.22 0.44
N SER F 237 -11.53 19.13 0.19
CA SER F 237 -11.02 19.33 -1.15
C SER F 237 -10.80 17.95 -1.76
N ASP F 238 -11.57 16.97 -1.29
CA ASP F 238 -11.49 15.60 -1.78
C ASP F 238 -12.74 15.27 -2.61
N PRO F 239 -12.55 14.95 -3.89
CA PRO F 239 -13.62 14.61 -4.83
C PRO F 239 -14.65 13.60 -4.33
N GLN F 240 -14.18 12.42 -3.91
CA GLN F 240 -15.09 11.41 -3.40
C GLN F 240 -15.98 11.99 -2.31
N ASN F 241 -15.35 12.49 -1.25
CA ASN F 241 -16.10 13.08 -0.13
C ASN F 241 -17.13 14.08 -0.64
N GLN F 242 -16.68 15.01 -1.49
CA GLN F 242 -17.59 16.01 -2.05
C GLN F 242 -18.77 15.36 -2.77
N GLY F 244 -20.10 12.90 -2.14
CA GLY F 244 -20.95 12.28 -1.16
C GLY F 244 -21.82 13.25 -0.38
N ILE F 245 -21.32 14.47 -0.19
CA ILE F 245 -22.09 15.49 0.54
C ILE F 245 -23.14 16.03 -0.43
N ILE F 246 -22.73 16.21 -1.68
CA ILE F 246 -23.63 16.72 -2.70
C ILE F 246 -24.75 15.71 -2.98
N ARG F 247 -24.37 14.48 -3.34
CA ARG F 247 -25.33 13.42 -3.62
C ARG F 247 -26.34 13.23 -2.49
N TYR F 248 -25.89 13.39 -1.25
CA TYR F 248 -26.76 13.24 -0.09
C TYR F 248 -27.71 14.42 0.02
N VAL F 249 -27.15 15.62 0.01
CA VAL F 249 -27.97 16.82 0.14
C VAL F 249 -28.96 16.94 -1.02
N GLU F 250 -28.79 16.12 -2.04
CA GLU F 250 -29.71 16.13 -3.18
C GLU F 250 -30.44 14.79 -3.32
N THR F 251 -30.21 13.88 -2.37
CA THR F 251 -30.85 12.57 -2.39
C THR F 251 -30.83 11.85 -1.04
N GLY F 252 -30.36 10.60 -1.02
CA GLY F 252 -30.29 9.81 0.21
C GLY F 252 -28.91 9.76 0.85
N GLN F 253 -28.83 9.22 2.08
CA GLN F 253 -27.55 9.13 2.80
C GLN F 253 -26.49 8.31 2.05
N PHE F 254 -25.22 8.70 2.23
CA PHE F 254 -24.11 7.97 1.58
C PHE F 254 -24.20 6.58 2.17
N PRO F 255 -24.01 5.56 1.33
CA PRO F 255 -24.06 4.18 1.79
C PRO F 255 -23.68 4.14 3.27
#